data_9NOG
# 
_entry.id   9NOG 
# 
_audit_conform.dict_name       mmcif_pdbx.dic 
_audit_conform.dict_version    5.404 
_audit_conform.dict_location   http://mmcif.pdb.org/dictionaries/ascii/mmcif_pdbx.dic 
# 
loop_
_database_2.database_id 
_database_2.database_code 
_database_2.pdbx_database_accession 
_database_2.pdbx_DOI 
PDB   9NOG         pdb_00009nog 10.2210/pdb9nog/pdb 
WWPDB D_1000293887 ?            ?                   
# 
_pdbx_audit_revision_history.ordinal             1 
_pdbx_audit_revision_history.data_content_type   'Structure model' 
_pdbx_audit_revision_history.major_revision      1 
_pdbx_audit_revision_history.minor_revision      0 
_pdbx_audit_revision_history.revision_date       2025-07-02 
_pdbx_audit_revision_history.part_number         ? 
# 
_pdbx_audit_revision_details.ordinal             1 
_pdbx_audit_revision_details.revision_ordinal    1 
_pdbx_audit_revision_details.data_content_type   'Structure model' 
_pdbx_audit_revision_details.provider            repository 
_pdbx_audit_revision_details.type                'Initial release' 
_pdbx_audit_revision_details.description         ? 
_pdbx_audit_revision_details.details             ? 
# 
_pdbx_database_status.status_code                     REL 
_pdbx_database_status.status_code_sf                  REL 
_pdbx_database_status.status_code_mr                  ? 
_pdbx_database_status.entry_id                        9NOG 
_pdbx_database_status.recvd_initial_deposition_date   2025-03-10 
_pdbx_database_status.SG_entry                        N 
_pdbx_database_status.deposit_site                    RCSB 
_pdbx_database_status.process_site                    RCSB 
_pdbx_database_status.status_code_cs                  ? 
_pdbx_database_status.status_code_nmr_data            ? 
_pdbx_database_status.methods_development_category    ? 
_pdbx_database_status.pdb_format_compatible           Y 
# 
_pdbx_contact_author.id                 2 
_pdbx_contact_author.email              rs17@nyu.edu 
_pdbx_contact_author.name_first         Ruojie 
_pdbx_contact_author.name_last          Sha 
_pdbx_contact_author.name_mi            ? 
_pdbx_contact_author.role               'principal investigator/group leader' 
_pdbx_contact_author.identifier_ORCID   0000-0002-0807-734X 
# 
loop_
_audit_author.name 
_audit_author.pdbx_ordinal 
_audit_author.identifier_ORCID 
'Horvath, A.'   1 0009-0008-5770-8014 
'Woloszyn, K.'  2 0000-0003-1200-583X 
'Vecchioni, S.' 3 0000-0001-8243-650X 
'Ohayon, Y.P.'  4 0000-0001-7500-4282 
'Sha, R.'       5 0000-0002-0807-734X 
# 
_citation.abstract                  ? 
_citation.abstract_id_CAS           ? 
_citation.book_id_ISBN              ? 
_citation.book_publisher            ? 
_citation.book_publisher_city       ? 
_citation.book_title                ? 
_citation.coordinate_linkage        ? 
_citation.country                   ? 
_citation.database_id_Medline       ? 
_citation.details                   ? 
_citation.id                        primary 
_citation.journal_abbrev            'To Be Published' 
_citation.journal_id_ASTM           ? 
_citation.journal_id_CSD            0353 
_citation.journal_id_ISSN           ? 
_citation.journal_full              ? 
_citation.journal_issue             ? 
_citation.journal_volume            ? 
_citation.language                  ? 
_citation.page_first                ? 
_citation.page_last                 ? 
_citation.title                     'shifted tensegrity triangles' 
_citation.year                      ? 
_citation.database_id_CSD           ? 
_citation.pdbx_database_id_DOI      ? 
_citation.pdbx_database_id_PubMed   ? 
_citation.pdbx_database_id_patent   ? 
_citation.unpublished_flag          ? 
# 
loop_
_citation_author.citation_id 
_citation_author.name 
_citation_author.ordinal 
_citation_author.identifier_ORCID 
primary 'Horvath, A.'   1 0009-0008-5770-8014 
primary 'Woloszyn, K.'  2 0000-0003-1200-583X 
primary 'Vecchioni, S.' 3 0000-0001-8243-650X 
primary 'Ohayon, Y.P.'  4 0000-0001-7500-4282 
primary 'Sha, R.'       5 0000-0002-0807-734X 
# 
loop_
_entity.id 
_entity.type 
_entity.src_method 
_entity.pdbx_description 
_entity.formula_weight 
_entity.pdbx_number_of_molecules 
_entity.pdbx_ec 
_entity.pdbx_mutation 
_entity.pdbx_fragment 
_entity.details 
1 polymer syn 
;DNA (5'-D(P*CP*CP*G)-3')
;
1778.208 1 ? ? ? ? 
2 polymer syn 
;DNA (5'-D(*TP*CP*TP*GP*TP*CP*GP*GP*AP*CP*AP*GP*CP*AP*CP*CP*TP*CP*GP*CP*A)-3')
;
6384.124 1 ? ? ? ? 
3 polymer syn 
;DNA (5'-D(*GP*AP*TP*GP*CP*GP*AP*GP*GP*TP*GP*CP*TP*GP*T)-3')
;
4681.031 1 ? ? ? ? 
# 
loop_
_entity_poly.entity_id 
_entity_poly.type 
_entity_poly.nstd_linkage 
_entity_poly.nstd_monomer 
_entity_poly.pdbx_seq_one_letter_code 
_entity_poly.pdbx_seq_one_letter_code_can 
_entity_poly.pdbx_strand_id 
_entity_poly.pdbx_target_identifier 
1 polydeoxyribonucleotide no no '(DC)(DC)(DG)(DA)(DC)(DA)'                                                              CCGACA D ? 
2 polydeoxyribonucleotide no no 
;(DT)(DC)(DT)(DG)(DT)(DC)(DG)(DG)(DA)(DC)(DA)(DG)(DC)(DA)(DC)(DC)(DT)(DC)(DG)(DC)
(DA)
;
TCTGTCGGACAGCACCTCGCA C ? 
3 polydeoxyribonucleotide no no '(DG)(DA)(DT)(DG)(DC)(DG)(DA)(DG)(DG)(DT)(DG)(DC)(DT)(DG)(DT)'                          
GATGCGAGGTGCTGT       G ? 
# 
loop_
_entity_poly_seq.entity_id 
_entity_poly_seq.num 
_entity_poly_seq.mon_id 
_entity_poly_seq.hetero 
1 1  DC n 
1 2  DC n 
1 3  DG n 
1 4  DA n 
1 5  DC n 
1 6  DA n 
2 1  DT n 
2 2  DC n 
2 3  DT n 
2 4  DG n 
2 5  DT n 
2 6  DC n 
2 7  DG n 
2 8  DG n 
2 9  DA n 
2 10 DC n 
2 11 DA n 
2 12 DG n 
2 13 DC n 
2 14 DA n 
2 15 DC n 
2 16 DC n 
2 17 DT n 
2 18 DC n 
2 19 DG n 
2 20 DC n 
2 21 DA n 
3 1  DG n 
3 2  DA n 
3 3  DT n 
3 4  DG n 
3 5  DC n 
3 6  DG n 
3 7  DA n 
3 8  DG n 
3 9  DG n 
3 10 DT n 
3 11 DG n 
3 12 DC n 
3 13 DT n 
3 14 DG n 
3 15 DT n 
# 
loop_
_pdbx_entity_src_syn.entity_id 
_pdbx_entity_src_syn.pdbx_src_id 
_pdbx_entity_src_syn.pdbx_alt_source_flag 
_pdbx_entity_src_syn.pdbx_beg_seq_num 
_pdbx_entity_src_syn.pdbx_end_seq_num 
_pdbx_entity_src_syn.organism_scientific 
_pdbx_entity_src_syn.organism_common_name 
_pdbx_entity_src_syn.ncbi_taxonomy_id 
_pdbx_entity_src_syn.details 
1 1 sample 1 6  'synthetic construct' ? 32630 ? 
2 1 sample 1 21 'synthetic construct' ? 32630 ? 
3 1 sample 1 15 'synthetic construct' ? 32630 ? 
# 
loop_
_chem_comp.id 
_chem_comp.type 
_chem_comp.mon_nstd_flag 
_chem_comp.name 
_chem_comp.pdbx_synonyms 
_chem_comp.formula 
_chem_comp.formula_weight 
DA 'DNA linking' y "2'-DEOXYADENOSINE-5'-MONOPHOSPHATE" ? 'C10 H14 N5 O6 P' 331.222 
DC 'DNA linking' y "2'-DEOXYCYTIDINE-5'-MONOPHOSPHATE"  ? 'C9 H14 N3 O7 P'  307.197 
DG 'DNA linking' y "2'-DEOXYGUANOSINE-5'-MONOPHOSPHATE" ? 'C10 H14 N5 O7 P' 347.221 
DT 'DNA linking' y "THYMIDINE-5'-MONOPHOSPHATE"         ? 'C10 H15 N2 O8 P' 322.208 
# 
loop_
_pdbx_poly_seq_scheme.asym_id 
_pdbx_poly_seq_scheme.entity_id 
_pdbx_poly_seq_scheme.seq_id 
_pdbx_poly_seq_scheme.mon_id 
_pdbx_poly_seq_scheme.ndb_seq_num 
_pdbx_poly_seq_scheme.pdb_seq_num 
_pdbx_poly_seq_scheme.auth_seq_num 
_pdbx_poly_seq_scheme.pdb_mon_id 
_pdbx_poly_seq_scheme.auth_mon_id 
_pdbx_poly_seq_scheme.pdb_strand_id 
_pdbx_poly_seq_scheme.pdb_ins_code 
_pdbx_poly_seq_scheme.hetero 
A 1 1  DC 1  16 16 DC DC D . n 
A 1 2  DC 2  17 17 DC DC D . n 
A 1 3  DG 3  18 18 DG DG D . n 
A 1 4  DA 4  19 19 DA DA D . n 
A 1 5  DC 5  20 20 DC DC D . n 
A 1 6  DA 6  21 21 DA DA D . n 
B 2 1  DT 1  1  1  DT DT C . n 
B 2 2  DC 2  2  2  DC DC C . n 
B 2 3  DT 3  3  3  DT DT C . n 
B 2 4  DG 4  4  4  DG DG C . n 
B 2 5  DT 5  5  5  DT DT C . n 
B 2 6  DC 6  6  6  DC DC C . n 
B 2 7  DG 7  7  7  DG DG C . n 
B 2 8  DG 8  8  8  DG DG C . n 
B 2 9  DA 9  9  9  DA DA C . n 
B 2 10 DC 10 10 10 DC DC C . n 
B 2 11 DA 11 11 11 DA DA C . n 
B 2 12 DG 12 12 12 DG DG C . n 
B 2 13 DC 13 13 13 DC DC C . n 
B 2 14 DA 14 14 14 DA DA C . n 
B 2 15 DC 15 15 15 DC DC C . n 
B 2 16 DC 16 16 16 DC DC C . n 
B 2 17 DT 17 17 17 DT DT C . n 
B 2 18 DC 18 18 18 DC DC C . n 
B 2 19 DG 19 19 19 DG DG C . n 
B 2 20 DC 20 20 20 DC DC C . n 
B 2 21 DA 21 21 21 DA DA C . n 
C 3 1  DG 1  1  1  DG DG G . n 
C 3 2  DA 2  2  2  DA DA G . n 
C 3 3  DT 3  3  3  DT DT G . n 
C 3 4  DG 4  4  4  DG DG G . n 
C 3 5  DC 5  5  5  DC DC G . n 
C 3 6  DG 6  6  6  DG DG G . n 
C 3 7  DA 7  7  7  DA DA G . n 
C 3 8  DG 8  8  8  DG DG G . n 
C 3 9  DG 9  9  9  DG DG G . n 
C 3 10 DT 10 10 10 DT DT G . n 
C 3 11 DG 11 11 11 DG DG G . n 
C 3 12 DC 12 12 12 DC DC G . n 
C 3 13 DT 13 13 13 DT DT G . n 
C 3 14 DG 14 14 14 DG DG G . n 
C 3 15 DT 15 15 15 DT DT G . n 
# 
loop_
_software.citation_id 
_software.classification 
_software.compiler_name 
_software.compiler_version 
_software.contact_author 
_software.contact_author_email 
_software.date 
_software.description 
_software.dependencies 
_software.hardware 
_software.language 
_software.location 
_software.mods 
_software.name 
_software.os 
_software.os_version 
_software.type 
_software.version 
_software.pdbx_ordinal 
? refinement       ? ? ? ? ? ? ? ? ? ? ? PHENIX    ? ? ? 1.20.1_4487 1 
? 'data reduction' ? ? ? ? ? ? ? ? ? ? ? autoPROC  ? ? ? .           2 
? 'data scaling'   ? ? ? ? ? ? ? ? ? ? ? STARANISO ? ? ? .           3 
? phasing          ? ? ? ? ? ? ? ? ? ? ? PHASER    ? ? ? .           4 
# 
_cell.angle_alpha                  90.000 
_cell.angle_alpha_esd              ? 
_cell.angle_beta                   90.000 
_cell.angle_beta_esd               ? 
_cell.angle_gamma                  90.000 
_cell.angle_gamma_esd              ? 
_cell.entry_id                     9NOG 
_cell.details                      ? 
_cell.formula_units_Z              ? 
_cell.length_a                     69.630 
_cell.length_a_esd                 ? 
_cell.length_b                     69.630 
_cell.length_b_esd                 ? 
_cell.length_c                     82.325 
_cell.length_c_esd                 ? 
_cell.volume                       399139.335 
_cell.volume_esd                   ? 
_cell.Z_PDB                        4 
_cell.reciprocal_angle_alpha       ? 
_cell.reciprocal_angle_beta        ? 
_cell.reciprocal_angle_gamma       ? 
_cell.reciprocal_angle_alpha_esd   ? 
_cell.reciprocal_angle_beta_esd    ? 
_cell.reciprocal_angle_gamma_esd   ? 
_cell.reciprocal_length_a          ? 
_cell.reciprocal_length_b          ? 
_cell.reciprocal_length_c          ? 
_cell.reciprocal_length_a_esd      ? 
_cell.reciprocal_length_b_esd      ? 
_cell.reciprocal_length_c_esd      ? 
_cell.pdbx_unique_axis             ? 
_cell.pdbx_esd_method              ? 
# 
_symmetry.entry_id                         9NOG 
_symmetry.cell_setting                     ? 
_symmetry.Int_Tables_number                76 
_symmetry.space_group_name_Hall            'P 4w' 
_symmetry.space_group_name_H-M             'P 41' 
_symmetry.pdbx_full_space_group_name_H-M   ? 
# 
_exptl.absorpt_coefficient_mu     ? 
_exptl.absorpt_correction_T_max   ? 
_exptl.absorpt_correction_T_min   ? 
_exptl.absorpt_correction_type    ? 
_exptl.absorpt_process_details    ? 
_exptl.entry_id                   9NOG 
_exptl.crystals_number            1 
_exptl.details                    ? 
_exptl.method                     'X-RAY DIFFRACTION' 
_exptl.method_details             ? 
# 
_exptl_crystal.colour                       ? 
_exptl_crystal.density_diffrn               ? 
_exptl_crystal.density_Matthews             ? 
_exptl_crystal.density_method               ? 
_exptl_crystal.density_percent_sol          ? 
_exptl_crystal.description                  ? 
_exptl_crystal.F_000                        ? 
_exptl_crystal.id                           1 
_exptl_crystal.preparation                  ? 
_exptl_crystal.size_max                     ? 
_exptl_crystal.size_mid                     ? 
_exptl_crystal.size_min                     ? 
_exptl_crystal.size_rad                     ? 
_exptl_crystal.colour_lustre                ? 
_exptl_crystal.colour_modifier              ? 
_exptl_crystal.colour_primary               ? 
_exptl_crystal.density_meas                 ? 
_exptl_crystal.density_meas_esd             ? 
_exptl_crystal.density_meas_gt              ? 
_exptl_crystal.density_meas_lt              ? 
_exptl_crystal.density_meas_temp            ? 
_exptl_crystal.density_meas_temp_esd        ? 
_exptl_crystal.density_meas_temp_gt         ? 
_exptl_crystal.density_meas_temp_lt         ? 
_exptl_crystal.pdbx_crystal_image_url       ? 
_exptl_crystal.pdbx_crystal_image_format    ? 
_exptl_crystal.pdbx_mosaicity               ? 
_exptl_crystal.pdbx_mosaicity_esd           ? 
_exptl_crystal.pdbx_mosaic_method           ? 
_exptl_crystal.pdbx_mosaic_block_size       ? 
_exptl_crystal.pdbx_mosaic_block_size_esd   ? 
# 
_exptl_crystal_grow.apparatus       ? 
_exptl_crystal_grow.atmosphere      ? 
_exptl_crystal_grow.crystal_id      1 
_exptl_crystal_grow.details         ? 
_exptl_crystal_grow.method          'VAPOR DIFFUSION, HANGING DROP' 
_exptl_crystal_grow.method_ref      ? 
_exptl_crystal_grow.pH              ? 
_exptl_crystal_grow.pressure        ? 
_exptl_crystal_grow.pressure_esd    ? 
_exptl_crystal_grow.seeding         ? 
_exptl_crystal_grow.seeding_ref     ? 
_exptl_crystal_grow.temp_details    '338-293 at 0.4/hr' 
_exptl_crystal_grow.temp_esd        ? 
_exptl_crystal_grow.time            ? 
_exptl_crystal_grow.pdbx_details    '100 mM MOPS, 1.25 M magnesium sulfate' 
_exptl_crystal_grow.pdbx_pH_range   ? 
_exptl_crystal_grow.temp            293 
# 
_diffrn.ambient_environment              ? 
_diffrn.ambient_temp                     100 
_diffrn.ambient_temp_details             ? 
_diffrn.ambient_temp_esd                 ? 
_diffrn.crystal_id                       1 
_diffrn.crystal_support                  ? 
_diffrn.crystal_treatment                ? 
_diffrn.details                          ? 
_diffrn.id                               1 
_diffrn.ambient_pressure                 ? 
_diffrn.ambient_pressure_esd             ? 
_diffrn.ambient_pressure_gt              ? 
_diffrn.ambient_pressure_lt              ? 
_diffrn.ambient_temp_gt                  ? 
_diffrn.ambient_temp_lt                  ? 
_diffrn.pdbx_serial_crystal_experiment   N 
# 
_diffrn_detector.details                      ? 
_diffrn_detector.detector                     PIXEL 
_diffrn_detector.diffrn_id                    1 
_diffrn_detector.type                         'DECTRIS EIGER X 9M' 
_diffrn_detector.area_resol_mean              ? 
_diffrn_detector.dtime                        ? 
_diffrn_detector.pdbx_frames_total            ? 
_diffrn_detector.pdbx_collection_time_total   ? 
_diffrn_detector.pdbx_collection_date         2023-05-13 
_diffrn_detector.pdbx_frequency               ? 
_diffrn_detector.id                           ? 
_diffrn_detector.number_of_axes               ? 
# 
_diffrn_radiation.collimation                      ? 
_diffrn_radiation.diffrn_id                        1 
_diffrn_radiation.filter_edge                      ? 
_diffrn_radiation.inhomogeneity                    ? 
_diffrn_radiation.monochromator                    ? 
_diffrn_radiation.polarisn_norm                    ? 
_diffrn_radiation.polarisn_ratio                   ? 
_diffrn_radiation.probe                            ? 
_diffrn_radiation.type                             ? 
_diffrn_radiation.xray_symbol                      ? 
_diffrn_radiation.wavelength_id                    1 
_diffrn_radiation.pdbx_monochromatic_or_laue_m_l   M 
_diffrn_radiation.pdbx_wavelength_list             ? 
_diffrn_radiation.pdbx_wavelength                  ? 
_diffrn_radiation.pdbx_diffrn_protocol             'SINGLE WAVELENGTH' 
_diffrn_radiation.pdbx_analyzer                    ? 
_diffrn_radiation.pdbx_scattering_type             x-ray 
# 
_diffrn_radiation_wavelength.id           1 
_diffrn_radiation_wavelength.wavelength   0.920105 
_diffrn_radiation_wavelength.wt           1.0 
# 
_diffrn_source.current                     ? 
_diffrn_source.details                     ? 
_diffrn_source.diffrn_id                   1 
_diffrn_source.power                       ? 
_diffrn_source.size                        ? 
_diffrn_source.source                      SYNCHROTRON 
_diffrn_source.target                      ? 
_diffrn_source.type                        'APS BEAMLINE 17-ID' 
_diffrn_source.voltage                     ? 
_diffrn_source.take-off_angle              ? 
_diffrn_source.pdbx_wavelength_list        0.920105 
_diffrn_source.pdbx_wavelength             ? 
_diffrn_source.pdbx_synchrotron_beamline   17-ID 
_diffrn_source.pdbx_synchrotron_site       APS 
# 
_reflns.B_iso_Wilson_estimate                          217.53 
_reflns.entry_id                                       9NOG 
_reflns.data_reduction_details                         ? 
_reflns.data_reduction_method                          ? 
_reflns.d_resolution_high                              4.890 
_reflns.d_resolution_low                               69.630 
_reflns.details                                        ? 
_reflns.limit_h_max                                    ? 
_reflns.limit_h_min                                    ? 
_reflns.limit_k_max                                    ? 
_reflns.limit_k_min                                    ? 
_reflns.limit_l_max                                    ? 
_reflns.limit_l_min                                    ? 
_reflns.number_all                                     ? 
_reflns.number_obs                                     1255 
_reflns.observed_criterion                             ? 
_reflns.observed_criterion_F_max                       ? 
_reflns.observed_criterion_F_min                       ? 
_reflns.observed_criterion_I_max                       ? 
_reflns.observed_criterion_I_min                       ? 
_reflns.observed_criterion_sigma_F                     ? 
_reflns.observed_criterion_sigma_I                     ? 
_reflns.percent_possible_obs                           86.1 
_reflns.R_free_details                                 ? 
_reflns.Rmerge_F_all                                   ? 
_reflns.Rmerge_F_obs                                   ? 
_reflns.Friedel_coverage                               ? 
_reflns.number_gt                                      ? 
_reflns.threshold_expression                           ? 
_reflns.pdbx_redundancy                                6.4 
_reflns.pdbx_netI_over_av_sigmaI                       ? 
_reflns.pdbx_netI_over_sigmaI                          5.3 
_reflns.pdbx_res_netI_over_av_sigmaI_2                 ? 
_reflns.pdbx_res_netI_over_sigmaI_2                    ? 
_reflns.pdbx_chi_squared                               ? 
_reflns.pdbx_scaling_rejects                           ? 
_reflns.pdbx_d_res_high_opt                            ? 
_reflns.pdbx_d_res_low_opt                             ? 
_reflns.pdbx_d_res_opt_method                          ? 
_reflns.phase_calculation_details                      ? 
_reflns.pdbx_Rrim_I_all                                ? 
_reflns.pdbx_Rpim_I_all                                ? 
_reflns.pdbx_d_opt                                     ? 
_reflns.pdbx_number_measured_all                       ? 
_reflns.pdbx_diffrn_id                                 1 
_reflns.pdbx_ordinal                                   1 
_reflns.pdbx_CC_half                                   0.999 
_reflns.pdbx_CC_star                                   ? 
_reflns.pdbx_R_split                                   ? 
_reflns.pdbx_Rmerge_I_obs                              ? 
_reflns.pdbx_Rmerge_I_all                              ? 
_reflns.pdbx_Rsym_value                                ? 
_reflns.pdbx_CC_split_method                           ? 
_reflns.pdbx_aniso_diffraction_limit_axis_1_ortho[1]   ? 
_reflns.pdbx_aniso_diffraction_limit_axis_1_ortho[2]   ? 
_reflns.pdbx_aniso_diffraction_limit_axis_1_ortho[3]   ? 
_reflns.pdbx_aniso_diffraction_limit_axis_2_ortho[1]   ? 
_reflns.pdbx_aniso_diffraction_limit_axis_2_ortho[2]   ? 
_reflns.pdbx_aniso_diffraction_limit_axis_2_ortho[3]   ? 
_reflns.pdbx_aniso_diffraction_limit_axis_3_ortho[1]   ? 
_reflns.pdbx_aniso_diffraction_limit_axis_3_ortho[2]   ? 
_reflns.pdbx_aniso_diffraction_limit_axis_3_ortho[3]   ? 
_reflns.pdbx_aniso_diffraction_limit_1                 ? 
_reflns.pdbx_aniso_diffraction_limit_2                 ? 
_reflns.pdbx_aniso_diffraction_limit_3                 ? 
_reflns.pdbx_aniso_B_tensor_eigenvector_1_ortho[1]     ? 
_reflns.pdbx_aniso_B_tensor_eigenvector_1_ortho[2]     ? 
_reflns.pdbx_aniso_B_tensor_eigenvector_1_ortho[3]     ? 
_reflns.pdbx_aniso_B_tensor_eigenvector_2_ortho[1]     ? 
_reflns.pdbx_aniso_B_tensor_eigenvector_2_ortho[2]     ? 
_reflns.pdbx_aniso_B_tensor_eigenvector_2_ortho[3]     ? 
_reflns.pdbx_aniso_B_tensor_eigenvector_3_ortho[1]     ? 
_reflns.pdbx_aniso_B_tensor_eigenvector_3_ortho[2]     ? 
_reflns.pdbx_aniso_B_tensor_eigenvector_3_ortho[3]     ? 
_reflns.pdbx_aniso_B_tensor_eigenvalue_1               ? 
_reflns.pdbx_aniso_B_tensor_eigenvalue_2               ? 
_reflns.pdbx_aniso_B_tensor_eigenvalue_3               ? 
_reflns.pdbx_orthogonalization_convention              ? 
_reflns.pdbx_percent_possible_ellipsoidal              ? 
_reflns.pdbx_percent_possible_spherical                ? 
_reflns.pdbx_percent_possible_ellipsoidal_anomalous    ? 
_reflns.pdbx_percent_possible_spherical_anomalous      ? 
_reflns.pdbx_redundancy_anomalous                      ? 
_reflns.pdbx_CC_half_anomalous                         ? 
_reflns.pdbx_absDiff_over_sigma_anomalous              ? 
_reflns.pdbx_percent_possible_anomalous                ? 
_reflns.pdbx_observed_signal_threshold                 ? 
_reflns.pdbx_signal_type                               ? 
_reflns.pdbx_signal_details                            ? 
_reflns.pdbx_signal_software_id                        ? 
# 
loop_
_reflns_shell.d_res_high 
_reflns_shell.d_res_low 
_reflns_shell.meanI_over_sigI_all 
_reflns_shell.meanI_over_sigI_obs 
_reflns_shell.number_measured_all 
_reflns_shell.number_measured_obs 
_reflns_shell.number_possible 
_reflns_shell.number_unique_all 
_reflns_shell.number_unique_obs 
_reflns_shell.percent_possible_obs 
_reflns_shell.Rmerge_F_all 
_reflns_shell.Rmerge_F_obs 
_reflns_shell.meanI_over_sigI_gt 
_reflns_shell.meanI_over_uI_all 
_reflns_shell.meanI_over_uI_gt 
_reflns_shell.number_measured_gt 
_reflns_shell.number_unique_gt 
_reflns_shell.percent_possible_gt 
_reflns_shell.Rmerge_F_gt 
_reflns_shell.Rmerge_I_gt 
_reflns_shell.pdbx_redundancy 
_reflns_shell.pdbx_chi_squared 
_reflns_shell.pdbx_netI_over_sigmaI_all 
_reflns_shell.pdbx_netI_over_sigmaI_obs 
_reflns_shell.pdbx_Rrim_I_all 
_reflns_shell.pdbx_Rpim_I_all 
_reflns_shell.pdbx_rejects 
_reflns_shell.pdbx_ordinal 
_reflns_shell.pdbx_diffrn_id 
_reflns_shell.pdbx_CC_half 
_reflns_shell.pdbx_CC_star 
_reflns_shell.pdbx_R_split 
_reflns_shell.percent_possible_all 
_reflns_shell.Rmerge_I_all 
_reflns_shell.Rmerge_I_obs 
_reflns_shell.pdbx_Rsym_value 
_reflns_shell.pdbx_percent_possible_ellipsoidal 
_reflns_shell.pdbx_percent_possible_spherical 
_reflns_shell.pdbx_percent_possible_ellipsoidal_anomalous 
_reflns_shell.pdbx_percent_possible_spherical_anomalous 
_reflns_shell.pdbx_redundancy_anomalous 
_reflns_shell.pdbx_CC_half_anomalous 
_reflns_shell.pdbx_absDiff_over_sigma_anomalous 
_reflns_shell.pdbx_percent_possible_anomalous 
4.890  5.747  ? ? ? ? ? ? 210 ? ? ? ? ? ? ? ? ? ? ? ? ? ? ? ? ? ? 1 1 0.818 ? ? ? ? ? ? ? ? ? ? ? ? ? ? 
10.298 69.630 ? ? ? ? ? ? 209 ? ? ? ? ? ? ? ? ? ? ? ? ? ? ? ? ? ? 2 1 0.999 ? ? ? ? ? ? ? ? ? ? ? ? ? ? 
# 
_refine.aniso_B[1][1]                            ? 
_refine.aniso_B[1][2]                            ? 
_refine.aniso_B[1][3]                            ? 
_refine.aniso_B[2][2]                            ? 
_refine.aniso_B[2][3]                            ? 
_refine.aniso_B[3][3]                            ? 
_refine.B_iso_max                                ? 
_refine.B_iso_mean                               284.82 
_refine.B_iso_min                                ? 
_refine.correlation_coeff_Fo_to_Fc               ? 
_refine.correlation_coeff_Fo_to_Fc_free          ? 
_refine.details                                  ? 
_refine.diff_density_max                         ? 
_refine.diff_density_max_esd                     ? 
_refine.diff_density_min                         ? 
_refine.diff_density_min_esd                     ? 
_refine.diff_density_rms                         ? 
_refine.diff_density_rms_esd                     ? 
_refine.entry_id                                 9NOG 
_refine.pdbx_refine_id                           'X-RAY DIFFRACTION' 
_refine.ls_abs_structure_details                 ? 
_refine.ls_abs_structure_Flack                   ? 
_refine.ls_abs_structure_Flack_esd               ? 
_refine.ls_abs_structure_Rogers                  ? 
_refine.ls_abs_structure_Rogers_esd              ? 
_refine.ls_d_res_high                            4.89 
_refine.ls_d_res_low                             31.58 
_refine.ls_extinction_coef                       ? 
_refine.ls_extinction_coef_esd                   ? 
_refine.ls_extinction_expression                 ? 
_refine.ls_extinction_method                     ? 
_refine.ls_goodness_of_fit_all                   ? 
_refine.ls_goodness_of_fit_all_esd               ? 
_refine.ls_goodness_of_fit_obs                   ? 
_refine.ls_goodness_of_fit_obs_esd               ? 
_refine.ls_hydrogen_treatment                    ? 
_refine.ls_matrix_type                           ? 
_refine.ls_number_constraints                    ? 
_refine.ls_number_parameters                     ? 
_refine.ls_number_reflns_all                     ? 
_refine.ls_number_reflns_obs                     1237 
_refine.ls_number_reflns_R_free                  63 
_refine.ls_number_reflns_R_work                  1174 
_refine.ls_number_restraints                     ? 
_refine.ls_percent_reflns_obs                    66.94 
_refine.ls_percent_reflns_R_free                 5.09 
_refine.ls_R_factor_all                          ? 
_refine.ls_R_factor_obs                          0.1587 
_refine.ls_R_factor_R_free                       0.2409 
_refine.ls_R_factor_R_free_error                 ? 
_refine.ls_R_factor_R_free_error_details         ? 
_refine.ls_R_factor_R_work                       0.1548 
_refine.ls_R_Fsqd_factor_obs                     ? 
_refine.ls_R_I_factor_obs                        ? 
_refine.ls_redundancy_reflns_all                 ? 
_refine.ls_redundancy_reflns_obs                 ? 
_refine.ls_restrained_S_all                      ? 
_refine.ls_restrained_S_obs                      ? 
_refine.ls_shift_over_esd_max                    ? 
_refine.ls_shift_over_esd_mean                   ? 
_refine.ls_structure_factor_coef                 ? 
_refine.ls_weighting_details                     ? 
_refine.ls_weighting_scheme                      ? 
_refine.ls_wR_factor_all                         ? 
_refine.ls_wR_factor_obs                         ? 
_refine.ls_wR_factor_R_free                      ? 
_refine.ls_wR_factor_R_work                      ? 
_refine.occupancy_max                            ? 
_refine.occupancy_min                            ? 
_refine.solvent_model_details                    'FLAT BULK SOLVENT MODEL' 
_refine.solvent_model_param_bsol                 ? 
_refine.solvent_model_param_ksol                 ? 
_refine.correlation_coeff_I_to_Fcsqd_work        ? 
_refine.correlation_coeff_I_to_Fcsqd_free        ? 
_refine.pdbx_R_complete                          ? 
_refine.ls_R_factor_gt                           ? 
_refine.ls_goodness_of_fit_gt                    ? 
_refine.ls_goodness_of_fit_ref                   ? 
_refine.ls_shift_over_su_max                     ? 
_refine.ls_shift_over_su_max_lt                  ? 
_refine.ls_shift_over_su_mean                    ? 
_refine.ls_shift_over_su_mean_lt                 ? 
_refine.pdbx_ls_sigma_I                          ? 
_refine.pdbx_ls_sigma_F                          1.35 
_refine.pdbx_ls_sigma_Fsqd                       ? 
_refine.pdbx_data_cutoff_high_absF               ? 
_refine.pdbx_data_cutoff_high_rms_absF           ? 
_refine.pdbx_data_cutoff_low_absF                ? 
_refine.pdbx_isotropic_thermal_model             ? 
_refine.pdbx_ls_cross_valid_method               'FREE R-VALUE' 
_refine.pdbx_method_to_determine_struct          'MOLECULAR REPLACEMENT' 
_refine.pdbx_starting_model                      ? 
_refine.pdbx_stereochemistry_target_values       'GeoStd + Monomer Library + CDL v1.2' 
_refine.pdbx_R_Free_selection_details            ? 
_refine.pdbx_stereochem_target_val_spec_case     ? 
_refine.pdbx_overall_ESU_R                       ? 
_refine.pdbx_overall_ESU_R_Free                  ? 
_refine.pdbx_solvent_vdw_probe_radii             1.1000 
_refine.pdbx_solvent_ion_probe_radii             ? 
_refine.pdbx_solvent_shrinkage_radii             0.9000 
_refine.pdbx_real_space_R                        ? 
_refine.pdbx_density_correlation                 ? 
_refine.pdbx_pd_number_of_powder_patterns        ? 
_refine.pdbx_pd_number_of_points                 ? 
_refine.pdbx_pd_meas_number_of_points            ? 
_refine.pdbx_pd_proc_ls_prof_R_factor            ? 
_refine.pdbx_pd_proc_ls_prof_wR_factor           ? 
_refine.pdbx_pd_Marquardt_correlation_coeff      ? 
_refine.pdbx_pd_Fsqrd_R_factor                   ? 
_refine.pdbx_pd_ls_matrix_band_width             ? 
_refine.pdbx_overall_phase_error                 28.0832 
_refine.pdbx_overall_SU_R_free_Cruickshank_DPI   ? 
_refine.pdbx_overall_SU_R_free_Blow_DPI          ? 
_refine.pdbx_overall_SU_R_Blow_DPI               ? 
_refine.pdbx_TLS_residual_ADP_flag               ? 
_refine.pdbx_diffrn_id                           1 
_refine.overall_SU_B                             ? 
_refine.overall_SU_ML                            0.1557 
_refine.overall_SU_R_Cruickshank_DPI             ? 
_refine.overall_SU_R_free                        ? 
_refine.overall_FOM_free_R_set                   ? 
_refine.overall_FOM_work_R_set                   ? 
_refine.pdbx_average_fsc_overall                 ? 
_refine.pdbx_average_fsc_work                    ? 
_refine.pdbx_average_fsc_free                    ? 
# 
_refine_hist.pdbx_refine_id                   'X-RAY DIFFRACTION' 
_refine_hist.cycle_id                         LAST 
_refine_hist.details                          ? 
_refine_hist.d_res_high                       4.89 
_refine_hist.d_res_low                        31.58 
_refine_hist.number_atoms_solvent             0 
_refine_hist.number_atoms_total               855 
_refine_hist.number_reflns_all                ? 
_refine_hist.number_reflns_obs                ? 
_refine_hist.number_reflns_R_free             ? 
_refine_hist.number_reflns_R_work             ? 
_refine_hist.R_factor_all                     ? 
_refine_hist.R_factor_obs                     ? 
_refine_hist.R_factor_R_free                  ? 
_refine_hist.R_factor_R_work                  ? 
_refine_hist.pdbx_number_residues_total       ? 
_refine_hist.pdbx_B_iso_mean_ligand           ? 
_refine_hist.pdbx_B_iso_mean_solvent          ? 
_refine_hist.pdbx_number_atoms_protein        0 
_refine_hist.pdbx_number_atoms_nucleic_acid   855 
_refine_hist.pdbx_number_atoms_ligand         0 
_refine_hist.pdbx_number_atoms_lipid          ? 
_refine_hist.pdbx_number_atoms_carb           ? 
_refine_hist.pdbx_pseudo_atom_details         ? 
# 
loop_
_refine_ls_restr.pdbx_refine_id 
_refine_ls_restr.criterion 
_refine_ls_restr.dev_ideal 
_refine_ls_restr.dev_ideal_target 
_refine_ls_restr.number 
_refine_ls_restr.rejects 
_refine_ls_restr.type 
_refine_ls_restr.weight 
_refine_ls_restr.pdbx_restraint_function 
'X-RAY DIFFRACTION' ? 0.0054  ? 957  ? f_bond_d           ? ? 
'X-RAY DIFFRACTION' ? 0.7822  ? 1471 ? f_angle_d          ? ? 
'X-RAY DIFFRACTION' ? 0.0448  ? 166  ? f_chiral_restr     ? ? 
'X-RAY DIFFRACTION' ? 0.0045  ? 42   ? f_plane_restr      ? ? 
'X-RAY DIFFRACTION' ? 36.6369 ? 409  ? f_dihedral_angle_d ? ? 
# 
_refine_ls_shell.pdbx_refine_id                      'X-RAY DIFFRACTION' 
_refine_ls_shell.d_res_high                          4.89 
_refine_ls_shell.d_res_low                           31.58 
_refine_ls_shell.number_reflns_all                   ? 
_refine_ls_shell.number_reflns_obs                   ? 
_refine_ls_shell.number_reflns_R_free                63 
_refine_ls_shell.number_reflns_R_work                1174 
_refine_ls_shell.percent_reflns_obs                  66.94 
_refine_ls_shell.percent_reflns_R_free               ? 
_refine_ls_shell.R_factor_all                        ? 
_refine_ls_shell.R_factor_obs                        ? 
_refine_ls_shell.R_factor_R_free_error               ? 
_refine_ls_shell.R_factor_R_work                     0.1548 
_refine_ls_shell.redundancy_reflns_all               ? 
_refine_ls_shell.redundancy_reflns_obs               ? 
_refine_ls_shell.wR_factor_all                       ? 
_refine_ls_shell.wR_factor_obs                       ? 
_refine_ls_shell.wR_factor_R_free                    ? 
_refine_ls_shell.wR_factor_R_work                    ? 
_refine_ls_shell.pdbx_R_complete                     ? 
_refine_ls_shell.correlation_coeff_Fo_to_Fc          ? 
_refine_ls_shell.correlation_coeff_Fo_to_Fc_free     ? 
_refine_ls_shell.correlation_coeff_I_to_Fcsqd_work   ? 
_refine_ls_shell.correlation_coeff_I_to_Fcsqd_free   ? 
_refine_ls_shell.pdbx_total_number_of_bins_used      ? 
_refine_ls_shell.pdbx_phase_error                    ? 
_refine_ls_shell.pdbx_fsc_work                       ? 
_refine_ls_shell.pdbx_fsc_free                       ? 
_refine_ls_shell.R_factor_R_free                     0.2409 
# 
_struct.entry_id                     9NOG 
_struct.title                        
'[0,6,13-2] Shifted DNA assembly with an aspect ratio of (0,6,13) base pairs and 2 nt sticky ends containing a semi-junction' 
_struct.pdbx_model_details           ? 
_struct.pdbx_formula_weight          ? 
_struct.pdbx_formula_weight_method   ? 
_struct.pdbx_model_type_details      ? 
_struct.pdbx_CASP_flag               N 
# 
_struct_keywords.entry_id        9NOG 
_struct_keywords.text            'tetragonal assembly, DNA' 
_struct_keywords.pdbx_keywords   DNA 
# 
loop_
_struct_asym.id 
_struct_asym.pdbx_blank_PDB_chainid_flag 
_struct_asym.pdbx_modified 
_struct_asym.entity_id 
_struct_asym.details 
A N N 1 ? 
B N N 2 ? 
C N N 3 ? 
# 
loop_
_struct_ref.id 
_struct_ref.db_name 
_struct_ref.db_code 
_struct_ref.pdbx_db_accession 
_struct_ref.pdbx_db_isoform 
_struct_ref.entity_id 
_struct_ref.pdbx_seq_one_letter_code 
_struct_ref.pdbx_align_begin 
1 PDB 9NOG 9NOG ? 1 ? 1 
2 PDB 9NOG 9NOG ? 2 ? 1 
3 PDB 9NOG 9NOG ? 3 ? 1 
# 
loop_
_struct_ref_seq.align_id 
_struct_ref_seq.ref_id 
_struct_ref_seq.pdbx_PDB_id_code 
_struct_ref_seq.pdbx_strand_id 
_struct_ref_seq.seq_align_beg 
_struct_ref_seq.pdbx_seq_align_beg_ins_code 
_struct_ref_seq.seq_align_end 
_struct_ref_seq.pdbx_seq_align_end_ins_code 
_struct_ref_seq.pdbx_db_accession 
_struct_ref_seq.db_align_beg 
_struct_ref_seq.pdbx_db_align_beg_ins_code 
_struct_ref_seq.db_align_end 
_struct_ref_seq.pdbx_db_align_end_ins_code 
_struct_ref_seq.pdbx_auth_seq_align_beg 
_struct_ref_seq.pdbx_auth_seq_align_end 
1 1 9NOG D 1 ? 6  ? 9NOG 16 ? 21 ? 16 21 
2 2 9NOG C 1 ? 21 ? 9NOG 1  ? 21 ? 1  21 
3 3 9NOG G 1 ? 15 ? 9NOG 1  ? 15 ? 1  15 
# 
_pdbx_struct_assembly.id                   1 
_pdbx_struct_assembly.details              author_defined_assembly 
_pdbx_struct_assembly.method_details       ? 
_pdbx_struct_assembly.oligomeric_details   nonameric 
_pdbx_struct_assembly.oligomeric_count     9 
# 
loop_
_pdbx_struct_assembly_gen.assembly_id 
_pdbx_struct_assembly_gen.oper_expression 
_pdbx_struct_assembly_gen.asym_id_list 
1 1 A,B,C 
1 2 A,B,C 
1 3 A,B,C 
# 
loop_
_pdbx_struct_oper_list.id 
_pdbx_struct_oper_list.type 
_pdbx_struct_oper_list.name 
_pdbx_struct_oper_list.symmetry_operation 
_pdbx_struct_oper_list.matrix[1][1] 
_pdbx_struct_oper_list.matrix[1][2] 
_pdbx_struct_oper_list.matrix[1][3] 
_pdbx_struct_oper_list.vector[1] 
_pdbx_struct_oper_list.matrix[2][1] 
_pdbx_struct_oper_list.matrix[2][2] 
_pdbx_struct_oper_list.matrix[2][3] 
_pdbx_struct_oper_list.vector[2] 
_pdbx_struct_oper_list.matrix[3][1] 
_pdbx_struct_oper_list.matrix[3][2] 
_pdbx_struct_oper_list.matrix[3][3] 
_pdbx_struct_oper_list.vector[3] 
1 'identity operation'         1_555 x,y,z           1.0000000000  0.0000000000  0.0000000000 0.0000000000   0.0000000000  1.0000000000  0.0000000000  0.0000000000   0.0000000000 0.0000000000  1.0000000000 0.0000000000   
2 'crystal symmetry operation' 2_644 -x+1,-y-1,z-1/2 -0.5778332495 -0.1250082297 0.8065244437 -31.0808481453 -0.1250082297 -0.9629836848 -0.2388207806 -44.4497332090 0.8065244437 -0.2388207806 0.5408169344 -37.5171816390 
3 'crystal symmetry operation' 4_654 y+1,-x,z-1/4    0.2110833752  0.8152250388  0.5393069115 6.5189959488   -0.9402332685 0.0185081576  0.3400277178  -27.2467383955 0.2672175322 -0.5788484985 0.7704084672 -31.0837336564 
# 
loop_
_struct_conn.id 
_struct_conn.conn_type_id 
_struct_conn.pdbx_leaving_atom_flag 
_struct_conn.pdbx_PDB_id 
_struct_conn.ptnr1_label_asym_id 
_struct_conn.ptnr1_label_comp_id 
_struct_conn.ptnr1_label_seq_id 
_struct_conn.ptnr1_label_atom_id 
_struct_conn.pdbx_ptnr1_label_alt_id 
_struct_conn.pdbx_ptnr1_PDB_ins_code 
_struct_conn.pdbx_ptnr1_standard_comp_id 
_struct_conn.ptnr1_symmetry 
_struct_conn.ptnr2_label_asym_id 
_struct_conn.ptnr2_label_comp_id 
_struct_conn.ptnr2_label_seq_id 
_struct_conn.ptnr2_label_atom_id 
_struct_conn.pdbx_ptnr2_label_alt_id 
_struct_conn.pdbx_ptnr2_PDB_ins_code 
_struct_conn.ptnr1_auth_asym_id 
_struct_conn.ptnr1_auth_comp_id 
_struct_conn.ptnr1_auth_seq_id 
_struct_conn.ptnr2_auth_asym_id 
_struct_conn.ptnr2_auth_comp_id 
_struct_conn.ptnr2_auth_seq_id 
_struct_conn.ptnr2_symmetry 
_struct_conn.pdbx_ptnr3_label_atom_id 
_struct_conn.pdbx_ptnr3_label_seq_id 
_struct_conn.pdbx_ptnr3_label_comp_id 
_struct_conn.pdbx_ptnr3_label_asym_id 
_struct_conn.pdbx_ptnr3_label_alt_id 
_struct_conn.pdbx_ptnr3_PDB_ins_code 
_struct_conn.details 
_struct_conn.pdbx_dist_value 
_struct_conn.pdbx_value_order 
_struct_conn.pdbx_role 
hydrog1  hydrog ? ? B DA 9  N1 ? ? ? 1_555 C DT 15 N3 ? ? C DA 9  G DT 15 1_555 ? ? ? ? ? ? WATSON-CRICK ? ? ? 
hydrog2  hydrog ? ? B DA 9  N6 ? ? ? 1_555 C DT 15 O4 ? ? C DA 9  G DT 15 1_555 ? ? ? ? ? ? WATSON-CRICK ? ? ? 
hydrog3  hydrog ? ? B DC 10 N3 ? ? ? 1_555 C DG 14 N1 ? ? C DC 10 G DG 14 1_555 ? ? ? ? ? ? WATSON-CRICK ? ? ? 
hydrog4  hydrog ? ? B DC 10 N4 ? ? ? 1_555 C DG 14 O6 ? ? C DC 10 G DG 14 1_555 ? ? ? ? ? ? WATSON-CRICK ? ? ? 
hydrog5  hydrog ? ? B DC 10 O2 ? ? ? 1_555 C DG 14 N2 ? ? C DC 10 G DG 14 1_555 ? ? ? ? ? ? WATSON-CRICK ? ? ? 
hydrog6  hydrog ? ? B DA 11 N1 ? ? ? 1_555 C DT 13 N3 ? ? C DA 11 G DT 13 1_555 ? ? ? ? ? ? WATSON-CRICK ? ? ? 
hydrog7  hydrog ? ? B DA 11 N6 ? ? ? 1_555 C DT 13 O4 ? ? C DA 11 G DT 13 1_555 ? ? ? ? ? ? WATSON-CRICK ? ? ? 
hydrog8  hydrog ? ? B DG 12 N1 ? ? ? 1_555 C DC 12 N3 ? ? C DG 12 G DC 12 1_555 ? ? ? ? ? ? WATSON-CRICK ? ? ? 
hydrog9  hydrog ? ? B DG 12 N2 ? ? ? 1_555 C DC 12 O2 ? ? C DG 12 G DC 12 1_555 ? ? ? ? ? ? WATSON-CRICK ? ? ? 
hydrog10 hydrog ? ? B DG 12 O6 ? ? ? 1_555 C DC 12 N4 ? ? C DG 12 G DC 12 1_555 ? ? ? ? ? ? WATSON-CRICK ? ? ? 
hydrog11 hydrog ? ? B DC 13 N3 ? ? ? 1_555 C DG 11 N1 ? ? C DC 13 G DG 11 1_555 ? ? ? ? ? ? WATSON-CRICK ? ? ? 
hydrog12 hydrog ? ? B DC 13 N4 ? ? ? 1_555 C DG 11 O6 ? ? C DC 13 G DG 11 1_555 ? ? ? ? ? ? WATSON-CRICK ? ? ? 
hydrog13 hydrog ? ? B DC 13 O2 ? ? ? 1_555 C DG 11 N2 ? ? C DC 13 G DG 11 1_555 ? ? ? ? ? ? WATSON-CRICK ? ? ? 
hydrog14 hydrog ? ? B DA 14 N1 ? ? ? 1_555 C DT 10 N3 ? ? C DA 14 G DT 10 1_555 ? ? ? ? ? ? WATSON-CRICK ? ? ? 
hydrog15 hydrog ? ? B DA 14 N6 ? ? ? 1_555 C DT 10 O4 ? ? C DA 14 G DT 10 1_555 ? ? ? ? ? ? WATSON-CRICK ? ? ? 
hydrog16 hydrog ? ? B DC 15 N3 ? ? ? 1_555 C DG 9  N1 ? ? C DC 15 G DG 9  1_555 ? ? ? ? ? ? WATSON-CRICK ? ? ? 
hydrog17 hydrog ? ? B DC 15 N4 ? ? ? 1_555 C DG 9  O6 ? ? C DC 15 G DG 9  1_555 ? ? ? ? ? ? WATSON-CRICK ? ? ? 
hydrog18 hydrog ? ? B DC 15 O2 ? ? ? 1_555 C DG 9  N2 ? ? C DC 15 G DG 9  1_555 ? ? ? ? ? ? WATSON-CRICK ? ? ? 
hydrog19 hydrog ? ? B DC 16 N3 ? ? ? 1_555 C DG 8  N1 ? ? C DC 16 G DG 8  1_555 ? ? ? ? ? ? WATSON-CRICK ? ? ? 
hydrog20 hydrog ? ? B DC 16 N4 ? ? ? 1_555 C DG 8  O6 ? ? C DC 16 G DG 8  1_555 ? ? ? ? ? ? WATSON-CRICK ? ? ? 
hydrog21 hydrog ? ? B DC 16 O2 ? ? ? 1_555 C DG 8  N2 ? ? C DC 16 G DG 8  1_555 ? ? ? ? ? ? WATSON-CRICK ? ? ? 
hydrog22 hydrog ? ? B DT 17 N3 ? ? ? 1_555 C DA 7  N1 ? ? C DT 17 G DA 7  1_555 ? ? ? ? ? ? WATSON-CRICK ? ? ? 
hydrog23 hydrog ? ? B DT 17 O4 ? ? ? 1_555 C DA 7  N6 ? ? C DT 17 G DA 7  1_555 ? ? ? ? ? ? WATSON-CRICK ? ? ? 
hydrog24 hydrog ? ? B DC 18 N3 ? ? ? 1_555 C DG 6  N1 ? ? C DC 18 G DG 6  1_555 ? ? ? ? ? ? WATSON-CRICK ? ? ? 
hydrog25 hydrog ? ? B DC 18 N4 ? ? ? 1_555 C DG 6  O6 ? ? C DC 18 G DG 6  1_555 ? ? ? ? ? ? WATSON-CRICK ? ? ? 
hydrog26 hydrog ? ? B DC 18 O2 ? ? ? 1_555 C DG 6  N2 ? ? C DC 18 G DG 6  1_555 ? ? ? ? ? ? WATSON-CRICK ? ? ? 
hydrog27 hydrog ? ? B DG 19 N1 ? ? ? 1_555 C DC 5  N3 ? ? C DG 19 G DC 5  1_555 ? ? ? ? ? ? WATSON-CRICK ? ? ? 
hydrog28 hydrog ? ? B DG 19 N2 ? ? ? 1_555 C DC 5  O2 ? ? C DG 19 G DC 5  1_555 ? ? ? ? ? ? WATSON-CRICK ? ? ? 
hydrog29 hydrog ? ? B DG 19 O6 ? ? ? 1_555 C DC 5  N4 ? ? C DG 19 G DC 5  1_555 ? ? ? ? ? ? WATSON-CRICK ? ? ? 
hydrog30 hydrog ? ? B DC 20 N3 ? ? ? 1_555 C DG 4  N1 ? ? C DC 20 G DG 4  1_555 ? ? ? ? ? ? WATSON-CRICK ? ? ? 
hydrog31 hydrog ? ? B DC 20 N4 ? ? ? 1_555 C DG 4  O6 ? ? C DC 20 G DG 4  1_555 ? ? ? ? ? ? WATSON-CRICK ? ? ? 
hydrog32 hydrog ? ? B DC 20 O2 ? ? ? 1_555 C DG 4  N2 ? ? C DC 20 G DG 4  1_555 ? ? ? ? ? ? WATSON-CRICK ? ? ? 
hydrog33 hydrog ? ? B DA 21 N1 ? ? ? 1_555 C DT 3  N3 ? ? C DA 21 G DT 3  1_555 ? ? ? ? ? ? WATSON-CRICK ? ? ? 
hydrog34 hydrog ? ? B DA 21 N6 ? ? ? 1_555 C DT 3  O4 ? ? C DA 21 G DT 3  1_555 ? ? ? ? ? ? WATSON-CRICK ? ? ? 
hydrog35 hydrog ? ? A DC 1  N3 ? ? ? 1_555 B DG 8  N1 ? ? D DC 16 C DG 8  1_555 ? ? ? ? ? ? WATSON-CRICK ? ? ? 
hydrog36 hydrog ? ? A DC 1  N4 ? ? ? 1_555 B DG 8  O6 ? ? D DC 16 C DG 8  1_555 ? ? ? ? ? ? WATSON-CRICK ? ? ? 
hydrog37 hydrog ? ? A DC 1  O2 ? ? ? 1_555 B DG 8  N2 ? ? D DC 16 C DG 8  1_555 ? ? ? ? ? ? WATSON-CRICK ? ? ? 
hydrog38 hydrog ? ? A DC 2  N3 ? ? ? 1_555 B DG 7  N1 ? ? D DC 17 C DG 7  1_555 ? ? ? ? ? ? WATSON-CRICK ? ? ? 
hydrog39 hydrog ? ? A DC 2  N4 ? ? ? 1_555 B DG 7  O6 ? ? D DC 17 C DG 7  1_555 ? ? ? ? ? ? WATSON-CRICK ? ? ? 
hydrog40 hydrog ? ? A DC 2  O2 ? ? ? 1_555 B DG 7  N2 ? ? D DC 17 C DG 7  1_555 ? ? ? ? ? ? WATSON-CRICK ? ? ? 
hydrog41 hydrog ? ? A DG 3  N1 ? ? ? 1_555 B DC 6  N3 ? ? D DG 18 C DC 6  1_555 ? ? ? ? ? ? WATSON-CRICK ? ? ? 
hydrog42 hydrog ? ? A DG 3  N2 ? ? ? 1_555 B DC 6  O2 ? ? D DG 18 C DC 6  1_555 ? ? ? ? ? ? WATSON-CRICK ? ? ? 
hydrog43 hydrog ? ? A DG 3  O6 ? ? ? 1_555 B DC 6  N4 ? ? D DG 18 C DC 6  1_555 ? ? ? ? ? ? WATSON-CRICK ? ? ? 
hydrog44 hydrog ? ? A DA 4  N1 ? ? ? 1_555 B DT 5  N3 ? ? D DA 19 C DT 5  1_555 ? ? ? ? ? ? WATSON-CRICK ? ? ? 
hydrog45 hydrog ? ? A DA 4  N6 ? ? ? 1_555 B DT 5  O4 ? ? D DA 19 C DT 5  1_555 ? ? ? ? ? ? WATSON-CRICK ? ? ? 
hydrog46 hydrog ? ? A DC 5  N3 ? ? ? 1_555 B DG 4  N1 ? ? D DC 20 C DG 4  1_555 ? ? ? ? ? ? WATSON-CRICK ? ? ? 
hydrog47 hydrog ? ? A DC 5  N4 ? ? ? 1_555 B DG 4  O6 ? ? D DC 20 C DG 4  1_555 ? ? ? ? ? ? WATSON-CRICK ? ? ? 
hydrog48 hydrog ? ? A DC 5  O2 ? ? ? 1_555 B DG 4  N2 ? ? D DC 20 C DG 4  1_555 ? ? ? ? ? ? WATSON-CRICK ? ? ? 
hydrog49 hydrog ? ? A DA 6  N1 ? ? ? 1_555 B DT 3  N3 ? ? D DA 21 C DT 3  1_555 ? ? ? ? ? ? WATSON-CRICK ? ? ? 
hydrog50 hydrog ? ? A DA 6  N6 ? ? ? 1_555 B DT 3  O4 ? ? D DA 21 C DT 3  1_555 ? ? ? ? ? ? WATSON-CRICK ? ? ? 
# 
_struct_conn_type.id          hydrog 
_struct_conn_type.criteria    ? 
_struct_conn_type.reference   ? 
# 
_pdbx_entry_details.entry_id                   9NOG 
_pdbx_entry_details.compound_details           ? 
_pdbx_entry_details.source_details             ? 
_pdbx_entry_details.nonpolymer_details         ? 
_pdbx_entry_details.sequence_details           ? 
_pdbx_entry_details.has_ligand_of_interest     ? 
_pdbx_entry_details.has_protein_modification   N 
# 
_pdbx_validate_rmsd_angle.id                         1 
_pdbx_validate_rmsd_angle.PDB_model_num              1 
_pdbx_validate_rmsd_angle.auth_atom_id_1             "O4'" 
_pdbx_validate_rmsd_angle.auth_asym_id_1             D 
_pdbx_validate_rmsd_angle.auth_comp_id_1             DG 
_pdbx_validate_rmsd_angle.auth_seq_id_1              18 
_pdbx_validate_rmsd_angle.PDB_ins_code_1             ? 
_pdbx_validate_rmsd_angle.label_alt_id_1             ? 
_pdbx_validate_rmsd_angle.auth_atom_id_2             "C1'" 
_pdbx_validate_rmsd_angle.auth_asym_id_2             D 
_pdbx_validate_rmsd_angle.auth_comp_id_2             DG 
_pdbx_validate_rmsd_angle.auth_seq_id_2              18 
_pdbx_validate_rmsd_angle.PDB_ins_code_2             ? 
_pdbx_validate_rmsd_angle.label_alt_id_2             ? 
_pdbx_validate_rmsd_angle.auth_atom_id_3             N9 
_pdbx_validate_rmsd_angle.auth_asym_id_3             D 
_pdbx_validate_rmsd_angle.auth_comp_id_3             DG 
_pdbx_validate_rmsd_angle.auth_seq_id_3              18 
_pdbx_validate_rmsd_angle.PDB_ins_code_3             ? 
_pdbx_validate_rmsd_angle.label_alt_id_3             ? 
_pdbx_validate_rmsd_angle.angle_value                111.05 
_pdbx_validate_rmsd_angle.angle_target_value         108.30 
_pdbx_validate_rmsd_angle.angle_deviation            2.75 
_pdbx_validate_rmsd_angle.angle_standard_deviation   0.30 
_pdbx_validate_rmsd_angle.linker_flag                N 
# 
loop_
_space_group_symop.id 
_space_group_symop.operation_xyz 
1 x,y,z       
2 -y,x,z+1/4  
3 y,-x,z+3/4  
4 -x,-y,z+1/2 
# 
loop_
_pdbx_refine_tls.id 
_pdbx_refine_tls.pdbx_refine_id 
_pdbx_refine_tls.details 
_pdbx_refine_tls.method 
_pdbx_refine_tls.origin_x 
_pdbx_refine_tls.origin_y 
_pdbx_refine_tls.origin_z 
_pdbx_refine_tls.T[1][1] 
_pdbx_refine_tls.T[1][1]_esd 
_pdbx_refine_tls.T[1][2] 
_pdbx_refine_tls.T[1][2]_esd 
_pdbx_refine_tls.T[1][3] 
_pdbx_refine_tls.T[1][3]_esd 
_pdbx_refine_tls.T[2][2] 
_pdbx_refine_tls.T[2][2]_esd 
_pdbx_refine_tls.T[2][3] 
_pdbx_refine_tls.T[2][3]_esd 
_pdbx_refine_tls.T[3][3] 
_pdbx_refine_tls.T[3][3]_esd 
_pdbx_refine_tls.L[1][1] 
_pdbx_refine_tls.L[1][1]_esd 
_pdbx_refine_tls.L[1][2] 
_pdbx_refine_tls.L[1][2]_esd 
_pdbx_refine_tls.L[1][3] 
_pdbx_refine_tls.L[1][3]_esd 
_pdbx_refine_tls.L[2][2] 
_pdbx_refine_tls.L[2][2]_esd 
_pdbx_refine_tls.L[2][3] 
_pdbx_refine_tls.L[2][3]_esd 
_pdbx_refine_tls.L[3][3] 
_pdbx_refine_tls.L[3][3]_esd 
_pdbx_refine_tls.S[1][1] 
_pdbx_refine_tls.S[1][1]_esd 
_pdbx_refine_tls.S[1][2] 
_pdbx_refine_tls.S[1][2]_esd 
_pdbx_refine_tls.S[1][3] 
_pdbx_refine_tls.S[1][3]_esd 
_pdbx_refine_tls.S[2][1] 
_pdbx_refine_tls.S[2][1]_esd 
_pdbx_refine_tls.S[2][2] 
_pdbx_refine_tls.S[2][2]_esd 
_pdbx_refine_tls.S[2][3] 
_pdbx_refine_tls.S[2][3]_esd 
_pdbx_refine_tls.S[3][1] 
_pdbx_refine_tls.S[3][1]_esd 
_pdbx_refine_tls.S[3][2] 
_pdbx_refine_tls.S[3][2]_esd 
_pdbx_refine_tls.S[3][3] 
_pdbx_refine_tls.S[3][3]_esd 
1 'X-RAY DIFFRACTION' ? refined -3.1542986102 -17.3179081213 2.24862123371  1.02616249681  ? 0.552620743031  ? -0.27423739325  ? 2.33539708378 ? -1.24954367551  ? 3.52609336127 ? 1.64314344198   ? 2.10543198159   ? -0.8889979137  ? 3.55421825310  ? -3.88692261351  ? 9.6109013640   ? 2.96681629231   ? -0.330106723111 ? 3.125138544476  ? -0.214118648433 ? 2.57569654776  ? -0.7847413146   ? 1.88974165039   ? 1.2975889200   ? 1.14191836782  ? 
2 'X-RAY DIFFRACTION' ? refined -6.643372430  -24.917287686  -7.1621954429  3.77036935806  ? 0.638612837906  ? 0.94944967063   ? 1.32746390631 ? 1.18971140628   ? 0.72624282562 ? 2.7550027266    ? -0.29678779892  ? 0.5084645977   ? 2.09237161075  ? -1.292980030266 ? 1.90801129157  ? -1.900033834841 ? -0.831809776624 ? -1.761578936589 ? 0.83323778840   ? 0.568741017180 ? 0.645926050788  ? -1.910647396353 ? 1.0785536316   ? -2.01662089050 ? 
3 'X-RAY DIFFRACTION' ? refined 0.8706361265  -30.2681018795 -2.16875013507 3.004449312157 ? 0.185172217226  ? -0.348392472718 ? 0.93286495519 ? -0.358514105878 ? 4.24007771967 ? 10.07356672048  ? 6.41132255126   ? 2.530645998784 ? 9.46642056786  ? -4.11779743864  ? 6.7692041311   ? -2.1579306947   ? -0.4144610021   ? -4.78347626520  ? 3.54135756557   ? 2.185349749897 ? -2.65233686613  ? 3.178874861039  ? 0.43808678057  ? 1.692217478326 ? 
4 'X-RAY DIFFRACTION' ? refined -3.3884709316 -12.8856911176 -4.6708733023  2.09870834475  ? 0.166111753149  ? -0.920793938652 ? 2.29840335588 ? -0.014206345910 ? 1.46232446841 ? 4.04273728653   ? 6.6023492558    ? -4.92052406523 ? 10.74765857548 ? -7.99119311153  ? 5.97140484869  ? 0.36505730781   ? 4.68441247644   ? 0.09419505337   ? -3.20314569282  ? 1.56024971371  ? 3.341135553772  ? -1.22310409281  ? 1.327269480082 ? 0.091834837585 ? 
5 'X-RAY DIFFRACTION' ? refined 3.58103649523 2.239048867    4.184452038020 6.10030048442  ? 0.456313885650  ? -0.221205183517 ? 2.06730018117 ? -0.833060278166 ? 4.69775618196 ? 11.06823656846  ? -3.81660167230  ? 3.24479092488  ? 3.50391847888  ? -0.33121533684  ? 3.11984848073  ? -3.255964780872 ? -0.701980328158 ? 0.92604021025   ? -2.069641742706 ? 1.40614334506  ? -4.183888985691 ? -7.576816472286 ? -0.00868767017 ? 1.3193891297   ? 
6 'X-RAY DIFFRACTION' ? refined -1.4454923558 21.5727748438  0.85430306525  5.73013320970  ? -1.133596115478 ? 0.03207062808   ? 2.27273586526 ? -1.145726392489 ? 3.60305412471 ? 3.10571440450   ? 0.291207427229  ? -0.99610465531 ? 4.42545373846  ? 0.0754178259    ? 10.7115123048  ? -0.992315069975 ? 0.15681721147   ? 1.50423599832   ? -3.433151983418 ? 0.97020924945  ? -2.852733962724 ? 3.023567504158  ? 0.15293421653  ? -1.25190364591 ? 
7 'X-RAY DIFFRACTION' ? refined 2.16140607628 12.8549748974  1.48844171153  4.39999391353  ? -0.142824017065 ? 0.572055777053  ? 1.71649895817 ? 0.166426808650  ? 4.52876578720 ? -0.090615251959 ? -0.137059562649 ? 0.113813302026 ? 0.075376882186 ? -0.245242662714 ? 0.431908705361 ? 1.29808892182   ? -0.44880056585  ? -1.15889284962  ? 2.27985183190   ? 1.7629809695   ? 2.327869522886  ? 0.525532989413  ? 1.42842709807  ? -2.16586836560 ? 
# 
loop_
_pdbx_refine_tls_group.id 
_pdbx_refine_tls_group.pdbx_refine_id 
_pdbx_refine_tls_group.refine_tls_id 
_pdbx_refine_tls_group.beg_label_asym_id 
_pdbx_refine_tls_group.beg_label_seq_id 
_pdbx_refine_tls_group.beg_auth_asym_id 
_pdbx_refine_tls_group.beg_auth_seq_id 
_pdbx_refine_tls_group.beg_PDB_ins_code 
_pdbx_refine_tls_group.end_label_asym_id 
_pdbx_refine_tls_group.end_label_seq_id 
_pdbx_refine_tls_group.end_auth_asym_id 
_pdbx_refine_tls_group.end_auth_seq_id 
_pdbx_refine_tls_group.end_PDB_ins_code 
_pdbx_refine_tls_group.selection 
_pdbx_refine_tls_group.selection_details 
1 'X-RAY DIFFRACTION' 1 A ? D 16 ? A ? D 18 ? ? 
;chain 'D' and (resid 16 through 18 )
;
2 'X-RAY DIFFRACTION' 2 A ? D 19 ? A ? D 21 ? ? 
;chain 'D' and (resid 19 through 21 )
;
3 'X-RAY DIFFRACTION' 3 B ? C 1  ? B ? C 5  ? ? 
;chain 'C' and (resid 1 through 5 )
;
4 'X-RAY DIFFRACTION' 4 B ? C 6  ? B ? C 10 ? ? 
;chain 'C' and (resid 6 through 10 )
;
5 'X-RAY DIFFRACTION' 5 B ? C 11 ? B ? C 15 ? ? 
;chain 'C' and (resid 11 through 15 )
;
6 'X-RAY DIFFRACTION' 6 B ? C 16 ? B ? C 21 ? ? 
;chain 'C' and (resid 16 through 21 )
;
7 'X-RAY DIFFRACTION' 7 C ? G 1  ? C ? G 15 ? ? 
;chain 'G' and (resid 1 through 15 )
;
# 
loop_
_chem_comp_atom.comp_id 
_chem_comp_atom.atom_id 
_chem_comp_atom.type_symbol 
_chem_comp_atom.pdbx_aromatic_flag 
_chem_comp_atom.pdbx_stereo_config 
_chem_comp_atom.pdbx_ordinal 
DA OP3    O N N 1   
DA P      P N N 2   
DA OP1    O N N 3   
DA OP2    O N N 4   
DA "O5'"  O N N 5   
DA "C5'"  C N N 6   
DA "C4'"  C N R 7   
DA "O4'"  O N N 8   
DA "C3'"  C N S 9   
DA "O3'"  O N N 10  
DA "C2'"  C N N 11  
DA "C1'"  C N R 12  
DA N9     N Y N 13  
DA C8     C Y N 14  
DA N7     N Y N 15  
DA C5     C Y N 16  
DA C6     C Y N 17  
DA N6     N N N 18  
DA N1     N Y N 19  
DA C2     C Y N 20  
DA N3     N Y N 21  
DA C4     C Y N 22  
DA HOP3   H N N 23  
DA HOP2   H N N 24  
DA "H5'"  H N N 25  
DA "H5''" H N N 26  
DA "H4'"  H N N 27  
DA "H3'"  H N N 28  
DA "HO3'" H N N 29  
DA "H2'"  H N N 30  
DA "H2''" H N N 31  
DA "H1'"  H N N 32  
DA H8     H N N 33  
DA H61    H N N 34  
DA H62    H N N 35  
DA H2     H N N 36  
DC OP3    O N N 37  
DC P      P N N 38  
DC OP1    O N N 39  
DC OP2    O N N 40  
DC "O5'"  O N N 41  
DC "C5'"  C N N 42  
DC "C4'"  C N R 43  
DC "O4'"  O N N 44  
DC "C3'"  C N S 45  
DC "O3'"  O N N 46  
DC "C2'"  C N N 47  
DC "C1'"  C N R 48  
DC N1     N N N 49  
DC C2     C N N 50  
DC O2     O N N 51  
DC N3     N N N 52  
DC C4     C N N 53  
DC N4     N N N 54  
DC C5     C N N 55  
DC C6     C N N 56  
DC HOP3   H N N 57  
DC HOP2   H N N 58  
DC "H5'"  H N N 59  
DC "H5''" H N N 60  
DC "H4'"  H N N 61  
DC "H3'"  H N N 62  
DC "HO3'" H N N 63  
DC "H2'"  H N N 64  
DC "H2''" H N N 65  
DC "H1'"  H N N 66  
DC H41    H N N 67  
DC H42    H N N 68  
DC H5     H N N 69  
DC H6     H N N 70  
DG OP3    O N N 71  
DG P      P N N 72  
DG OP1    O N N 73  
DG OP2    O N N 74  
DG "O5'"  O N N 75  
DG "C5'"  C N N 76  
DG "C4'"  C N R 77  
DG "O4'"  O N N 78  
DG "C3'"  C N S 79  
DG "O3'"  O N N 80  
DG "C2'"  C N N 81  
DG "C1'"  C N R 82  
DG N9     N Y N 83  
DG C8     C Y N 84  
DG N7     N Y N 85  
DG C5     C Y N 86  
DG C6     C N N 87  
DG O6     O N N 88  
DG N1     N N N 89  
DG C2     C N N 90  
DG N2     N N N 91  
DG N3     N N N 92  
DG C4     C Y N 93  
DG HOP3   H N N 94  
DG HOP2   H N N 95  
DG "H5'"  H N N 96  
DG "H5''" H N N 97  
DG "H4'"  H N N 98  
DG "H3'"  H N N 99  
DG "HO3'" H N N 100 
DG "H2'"  H N N 101 
DG "H2''" H N N 102 
DG "H1'"  H N N 103 
DG H8     H N N 104 
DG H1     H N N 105 
DG H21    H N N 106 
DG H22    H N N 107 
DT OP3    O N N 108 
DT P      P N N 109 
DT OP1    O N N 110 
DT OP2    O N N 111 
DT "O5'"  O N N 112 
DT "C5'"  C N N 113 
DT "C4'"  C N R 114 
DT "O4'"  O N N 115 
DT "C3'"  C N S 116 
DT "O3'"  O N N 117 
DT "C2'"  C N N 118 
DT "C1'"  C N R 119 
DT N1     N N N 120 
DT C2     C N N 121 
DT O2     O N N 122 
DT N3     N N N 123 
DT C4     C N N 124 
DT O4     O N N 125 
DT C5     C N N 126 
DT C7     C N N 127 
DT C6     C N N 128 
DT HOP3   H N N 129 
DT HOP2   H N N 130 
DT "H5'"  H N N 131 
DT "H5''" H N N 132 
DT "H4'"  H N N 133 
DT "H3'"  H N N 134 
DT "HO3'" H N N 135 
DT "H2'"  H N N 136 
DT "H2''" H N N 137 
DT "H1'"  H N N 138 
DT H3     H N N 139 
DT H71    H N N 140 
DT H72    H N N 141 
DT H73    H N N 142 
DT H6     H N N 143 
# 
loop_
_chem_comp_bond.comp_id 
_chem_comp_bond.atom_id_1 
_chem_comp_bond.atom_id_2 
_chem_comp_bond.value_order 
_chem_comp_bond.pdbx_aromatic_flag 
_chem_comp_bond.pdbx_stereo_config 
_chem_comp_bond.pdbx_ordinal 
DA OP3   P      sing N N 1   
DA OP3   HOP3   sing N N 2   
DA P     OP1    doub N N 3   
DA P     OP2    sing N N 4   
DA P     "O5'"  sing N N 5   
DA OP2   HOP2   sing N N 6   
DA "O5'" "C5'"  sing N N 7   
DA "C5'" "C4'"  sing N N 8   
DA "C5'" "H5'"  sing N N 9   
DA "C5'" "H5''" sing N N 10  
DA "C4'" "O4'"  sing N N 11  
DA "C4'" "C3'"  sing N N 12  
DA "C4'" "H4'"  sing N N 13  
DA "O4'" "C1'"  sing N N 14  
DA "C3'" "O3'"  sing N N 15  
DA "C3'" "C2'"  sing N N 16  
DA "C3'" "H3'"  sing N N 17  
DA "O3'" "HO3'" sing N N 18  
DA "C2'" "C1'"  sing N N 19  
DA "C2'" "H2'"  sing N N 20  
DA "C2'" "H2''" sing N N 21  
DA "C1'" N9     sing N N 22  
DA "C1'" "H1'"  sing N N 23  
DA N9    C8     sing Y N 24  
DA N9    C4     sing Y N 25  
DA C8    N7     doub Y N 26  
DA C8    H8     sing N N 27  
DA N7    C5     sing Y N 28  
DA C5    C6     sing Y N 29  
DA C5    C4     doub Y N 30  
DA C6    N6     sing N N 31  
DA C6    N1     doub Y N 32  
DA N6    H61    sing N N 33  
DA N6    H62    sing N N 34  
DA N1    C2     sing Y N 35  
DA C2    N3     doub Y N 36  
DA C2    H2     sing N N 37  
DA N3    C4     sing Y N 38  
DC OP3   P      sing N N 39  
DC OP3   HOP3   sing N N 40  
DC P     OP1    doub N N 41  
DC P     OP2    sing N N 42  
DC P     "O5'"  sing N N 43  
DC OP2   HOP2   sing N N 44  
DC "O5'" "C5'"  sing N N 45  
DC "C5'" "C4'"  sing N N 46  
DC "C5'" "H5'"  sing N N 47  
DC "C5'" "H5''" sing N N 48  
DC "C4'" "O4'"  sing N N 49  
DC "C4'" "C3'"  sing N N 50  
DC "C4'" "H4'"  sing N N 51  
DC "O4'" "C1'"  sing N N 52  
DC "C3'" "O3'"  sing N N 53  
DC "C3'" "C2'"  sing N N 54  
DC "C3'" "H3'"  sing N N 55  
DC "O3'" "HO3'" sing N N 56  
DC "C2'" "C1'"  sing N N 57  
DC "C2'" "H2'"  sing N N 58  
DC "C2'" "H2''" sing N N 59  
DC "C1'" N1     sing N N 60  
DC "C1'" "H1'"  sing N N 61  
DC N1    C2     sing N N 62  
DC N1    C6     sing N N 63  
DC C2    O2     doub N N 64  
DC C2    N3     sing N N 65  
DC N3    C4     doub N N 66  
DC C4    N4     sing N N 67  
DC C4    C5     sing N N 68  
DC N4    H41    sing N N 69  
DC N4    H42    sing N N 70  
DC C5    C6     doub N N 71  
DC C5    H5     sing N N 72  
DC C6    H6     sing N N 73  
DG OP3   P      sing N N 74  
DG OP3   HOP3   sing N N 75  
DG P     OP1    doub N N 76  
DG P     OP2    sing N N 77  
DG P     "O5'"  sing N N 78  
DG OP2   HOP2   sing N N 79  
DG "O5'" "C5'"  sing N N 80  
DG "C5'" "C4'"  sing N N 81  
DG "C5'" "H5'"  sing N N 82  
DG "C5'" "H5''" sing N N 83  
DG "C4'" "O4'"  sing N N 84  
DG "C4'" "C3'"  sing N N 85  
DG "C4'" "H4'"  sing N N 86  
DG "O4'" "C1'"  sing N N 87  
DG "C3'" "O3'"  sing N N 88  
DG "C3'" "C2'"  sing N N 89  
DG "C3'" "H3'"  sing N N 90  
DG "O3'" "HO3'" sing N N 91  
DG "C2'" "C1'"  sing N N 92  
DG "C2'" "H2'"  sing N N 93  
DG "C2'" "H2''" sing N N 94  
DG "C1'" N9     sing N N 95  
DG "C1'" "H1'"  sing N N 96  
DG N9    C8     sing Y N 97  
DG N9    C4     sing Y N 98  
DG C8    N7     doub Y N 99  
DG C8    H8     sing N N 100 
DG N7    C5     sing Y N 101 
DG C5    C6     sing N N 102 
DG C5    C4     doub Y N 103 
DG C6    O6     doub N N 104 
DG C6    N1     sing N N 105 
DG N1    C2     sing N N 106 
DG N1    H1     sing N N 107 
DG C2    N2     sing N N 108 
DG C2    N3     doub N N 109 
DG N2    H21    sing N N 110 
DG N2    H22    sing N N 111 
DG N3    C4     sing N N 112 
DT OP3   P      sing N N 113 
DT OP3   HOP3   sing N N 114 
DT P     OP1    doub N N 115 
DT P     OP2    sing N N 116 
DT P     "O5'"  sing N N 117 
DT OP2   HOP2   sing N N 118 
DT "O5'" "C5'"  sing N N 119 
DT "C5'" "C4'"  sing N N 120 
DT "C5'" "H5'"  sing N N 121 
DT "C5'" "H5''" sing N N 122 
DT "C4'" "O4'"  sing N N 123 
DT "C4'" "C3'"  sing N N 124 
DT "C4'" "H4'"  sing N N 125 
DT "O4'" "C1'"  sing N N 126 
DT "C3'" "O3'"  sing N N 127 
DT "C3'" "C2'"  sing N N 128 
DT "C3'" "H3'"  sing N N 129 
DT "O3'" "HO3'" sing N N 130 
DT "C2'" "C1'"  sing N N 131 
DT "C2'" "H2'"  sing N N 132 
DT "C2'" "H2''" sing N N 133 
DT "C1'" N1     sing N N 134 
DT "C1'" "H1'"  sing N N 135 
DT N1    C2     sing N N 136 
DT N1    C6     sing N N 137 
DT C2    O2     doub N N 138 
DT C2    N3     sing N N 139 
DT N3    C4     sing N N 140 
DT N3    H3     sing N N 141 
DT C4    O4     doub N N 142 
DT C4    C5     sing N N 143 
DT C5    C7     sing N N 144 
DT C5    C6     doub N N 145 
DT C7    H71    sing N N 146 
DT C7    H72    sing N N 147 
DT C7    H73    sing N N 148 
DT C6    H6     sing N N 149 
# 
loop_
_ndb_struct_conf_na.entry_id 
_ndb_struct_conf_na.feature 
9NOG 'double helix'        
9NOG 'b-form double helix' 
# 
loop_
_ndb_struct_na_base_pair.model_number 
_ndb_struct_na_base_pair.i_label_asym_id 
_ndb_struct_na_base_pair.i_label_comp_id 
_ndb_struct_na_base_pair.i_label_seq_id 
_ndb_struct_na_base_pair.i_symmetry 
_ndb_struct_na_base_pair.j_label_asym_id 
_ndb_struct_na_base_pair.j_label_comp_id 
_ndb_struct_na_base_pair.j_label_seq_id 
_ndb_struct_na_base_pair.j_symmetry 
_ndb_struct_na_base_pair.shear 
_ndb_struct_na_base_pair.stretch 
_ndb_struct_na_base_pair.stagger 
_ndb_struct_na_base_pair.buckle 
_ndb_struct_na_base_pair.propeller 
_ndb_struct_na_base_pair.opening 
_ndb_struct_na_base_pair.pair_number 
_ndb_struct_na_base_pair.pair_name 
_ndb_struct_na_base_pair.i_auth_asym_id 
_ndb_struct_na_base_pair.i_auth_seq_id 
_ndb_struct_na_base_pair.i_PDB_ins_code 
_ndb_struct_na_base_pair.j_auth_asym_id 
_ndb_struct_na_base_pair.j_auth_seq_id 
_ndb_struct_na_base_pair.j_PDB_ins_code 
_ndb_struct_na_base_pair.hbond_type_28 
_ndb_struct_na_base_pair.hbond_type_12 
1 B DT 3  1_555 A DA 6  1_555 -0.476 -0.003 -0.215 0.770  -2.736 -13.505 1  C_DT3:DA21_D  C 3  ? D 21 ? 20 1 
1 B DG 4  1_555 A DC 5  1_555 -0.163 -0.201 -0.344 2.538  -2.192 0.258   2  C_DG4:DC20_D  C 4  ? D 20 ? 19 1 
1 B DT 5  1_555 A DA 4  1_555 -2.315 -0.064 -0.674 10.672 -9.598 2.285   3  C_DT5:DA19_D  C 5  ? D 19 ? 20 1 
1 B DC 6  1_555 A DG 3  1_555 0.121  -0.169 -0.274 -3.878 -1.746 1.711   4  C_DC6:DG18_D  C 6  ? D 18 ? 19 1 
1 B DG 7  1_555 A DC 2  1_555 -0.104 -0.115 0.327  4.470  -9.179 -1.992  5  C_DG7:DC17_D  C 7  ? D 17 ? 19 1 
1 B DG 8  1_555 A DC 1  1_555 -0.218 -0.134 0.046  -0.789 -6.084 -0.726  6  C_DG8:DC16_D  C 8  ? D 16 ? 19 1 
1 B DA 9  1_555 C DT 15 1_555 0.051  -0.191 -0.005 -0.142 -2.847 3.838   7  C_DA9:DT15_G  C 9  ? G 15 ? 20 1 
1 B DC 10 1_555 C DG 14 1_555 0.204  -0.172 0.106  -0.492 -1.905 1.717   8  C_DC10:DG14_G C 10 ? G 14 ? 19 1 
1 B DA 11 1_555 C DT 13 1_555 0.118  -0.160 0.165  4.594  -2.464 0.602   9  C_DA11:DT13_G C 11 ? G 13 ? 20 1 
1 B DG 12 1_555 C DC 12 1_555 -0.232 -0.177 -0.168 0.948  -6.325 3.025   10 C_DG12:DC12_G C 12 ? G 12 ? 19 1 
1 B DC 13 1_555 C DG 11 1_555 0.181  -0.097 -0.060 -4.473 -5.351 1.335   11 C_DC13:DG11_G C 13 ? G 11 ? 19 1 
1 B DA 14 1_555 C DT 10 1_555 0.152  -0.055 -0.010 2.200  -3.687 -1.898  12 C_DA14:DT10_G C 14 ? G 10 ? 20 1 
1 B DC 15 1_555 C DG 9  1_555 0.247  -0.116 -0.002 0.959  -3.536 2.884   13 C_DC15:DG9_G  C 15 ? G 9  ? 19 1 
1 B DC 16 1_555 C DG 8  1_555 0.189  -0.139 -0.029 -0.944 -5.412 3.118   14 C_DC16:DG8_G  C 16 ? G 8  ? 19 1 
1 B DT 17 1_555 C DA 7  1_555 -0.070 -0.164 -0.058 0.794  -5.697 4.182   15 C_DT17:DA7_G  C 17 ? G 7  ? 20 1 
1 B DC 18 1_555 C DG 6  1_555 0.210  -0.084 0.216  2.492  -0.023 1.896   16 C_DC18:DG6_G  C 18 ? G 6  ? 19 1 
1 B DG 19 1_555 C DC 5  1_555 -0.187 -0.153 0.113  5.416  -0.848 -2.927  17 C_DG19:DC5_G  C 19 ? G 5  ? 19 1 
1 B DC 20 1_555 C DG 4  1_555 0.249  -0.181 -0.015 -1.113 -5.252 2.131   18 C_DC20:DG4_G  C 20 ? G 4  ? 19 1 
1 B DA 21 1_555 C DT 3  1_555 0.086  -0.140 0.194  4.663  -0.869 1.324   19 C_DA21:DT3_G  C 21 ? G 3  ? 20 1 
# 
loop_
_ndb_struct_na_base_pair_step.model_number 
_ndb_struct_na_base_pair_step.i_label_asym_id_1 
_ndb_struct_na_base_pair_step.i_label_comp_id_1 
_ndb_struct_na_base_pair_step.i_label_seq_id_1 
_ndb_struct_na_base_pair_step.i_symmetry_1 
_ndb_struct_na_base_pair_step.j_label_asym_id_1 
_ndb_struct_na_base_pair_step.j_label_comp_id_1 
_ndb_struct_na_base_pair_step.j_label_seq_id_1 
_ndb_struct_na_base_pair_step.j_symmetry_1 
_ndb_struct_na_base_pair_step.i_label_asym_id_2 
_ndb_struct_na_base_pair_step.i_label_comp_id_2 
_ndb_struct_na_base_pair_step.i_label_seq_id_2 
_ndb_struct_na_base_pair_step.i_symmetry_2 
_ndb_struct_na_base_pair_step.j_label_asym_id_2 
_ndb_struct_na_base_pair_step.j_label_comp_id_2 
_ndb_struct_na_base_pair_step.j_label_seq_id_2 
_ndb_struct_na_base_pair_step.j_symmetry_2 
_ndb_struct_na_base_pair_step.shift 
_ndb_struct_na_base_pair_step.slide 
_ndb_struct_na_base_pair_step.rise 
_ndb_struct_na_base_pair_step.tilt 
_ndb_struct_na_base_pair_step.roll 
_ndb_struct_na_base_pair_step.twist 
_ndb_struct_na_base_pair_step.x_displacement 
_ndb_struct_na_base_pair_step.y_displacement 
_ndb_struct_na_base_pair_step.helical_rise 
_ndb_struct_na_base_pair_step.inclination 
_ndb_struct_na_base_pair_step.tip 
_ndb_struct_na_base_pair_step.helical_twist 
_ndb_struct_na_base_pair_step.step_number 
_ndb_struct_na_base_pair_step.step_name 
_ndb_struct_na_base_pair_step.i_auth_asym_id_1 
_ndb_struct_na_base_pair_step.i_auth_seq_id_1 
_ndb_struct_na_base_pair_step.i_PDB_ins_code_1 
_ndb_struct_na_base_pair_step.j_auth_asym_id_1 
_ndb_struct_na_base_pair_step.j_auth_seq_id_1 
_ndb_struct_na_base_pair_step.j_PDB_ins_code_1 
_ndb_struct_na_base_pair_step.i_auth_asym_id_2 
_ndb_struct_na_base_pair_step.i_auth_seq_id_2 
_ndb_struct_na_base_pair_step.i_PDB_ins_code_2 
_ndb_struct_na_base_pair_step.j_auth_asym_id_2 
_ndb_struct_na_base_pair_step.j_auth_seq_id_2 
_ndb_struct_na_base_pair_step.j_PDB_ins_code_2 
1 B DT 3  1_555 A DA 6  1_555 B DG 4  1_555 A DC 5  1_555 1.050  1.220  3.236 3.663  4.087  36.526 1.361  -1.150 3.433 6.475  
-5.804 36.922 1  CC_DT3DG4:DC20DA21_DD   C 3  ? D 21 ? C 4  ? D 20 ? 
1 B DG 4  1_555 A DC 5  1_555 B DT 5  1_555 A DA 4  1_555 -0.081 -0.699 2.863 0.853  2.671  18.331 -3.415 0.648  2.727 8.321  
-2.657 18.542 2  CC_DG4DT5:DA19DC20_DD   C 4  ? D 20 ? C 5  ? D 19 ? 
1 B DT 5  1_555 A DA 4  1_555 B DC 6  1_555 A DG 3  1_555 1.393  0.162  3.634 2.099  -3.628 46.174 0.549  -1.571 3.668 -4.615 
-2.670 46.353 3  CC_DT5DC6:DG18DA19_DD   C 5  ? D 19 ? C 6  ? D 18 ? 
1 B DC 6  1_555 A DG 3  1_555 B DG 7  1_555 A DC 2  1_555 -0.499 1.876  3.652 -1.641 6.348  33.235 2.021  0.546  3.952 10.966 
2.835  33.857 4  CC_DC6DG7:DC17DG18_DD   C 6  ? D 18 ? C 7  ? D 17 ? 
1 B DG 7  1_555 A DC 2  1_555 B DG 8  1_555 A DC 1  1_555 0.163  -0.352 3.315 -3.151 0.475  42.226 -0.537 -0.550 3.291 0.658  
4.366  42.341 5  CC_DG7DG8:DC16DC17_DD   C 7  ? D 17 ? C 8  ? D 16 ? 
1 B DG 8  1_555 A DC 1  1_555 B DA 9  1_555 C DT 15 1_555 -0.589 -0.564 3.218 1.447  -0.263 33.833 -0.927 1.239  3.195 -0.452 
-2.485 33.864 6  CC_DG8DA9:DT15DC16_GD   C 8  ? D 16 ? C 9  ? G 15 ? 
1 B DA 9  1_555 C DT 15 1_555 B DC 10 1_555 C DG 14 1_555 -0.600 -0.999 3.237 -3.162 -1.290 36.651 -1.407 0.520  3.307 -2.046 
5.015  36.804 7  CC_DA9DC10:DG14DT15_GG  C 9  ? G 15 ? C 10 ? G 14 ? 
1 B DC 10 1_555 C DG 14 1_555 B DA 11 1_555 C DT 13 1_555 -0.665 -0.389 3.324 3.707  2.054  31.749 -1.076 1.874  3.197 3.733  
-6.739 32.024 8  CC_DC10DA11:DT13DG14_GG C 10 ? G 14 ? C 11 ? G 13 ? 
1 B DA 11 1_555 C DT 13 1_555 B DG 12 1_555 C DC 12 1_555 0.040  -0.093 3.745 1.569  -2.727 33.212 0.357  0.229  3.738 -4.758 
-2.737 33.356 9  CC_DA11DG12:DC12DT13_GG C 11 ? G 13 ? C 12 ? G 12 ? 
1 B DG 12 1_555 C DC 12 1_555 B DC 13 1_555 C DG 11 1_555 -0.518 -0.794 3.309 -3.169 -4.671 40.969 -0.608 0.383  3.405 -6.635 
4.502  41.339 10 CC_DG12DC13:DG11DC12_GG C 12 ? G 12 ? C 13 ? G 11 ? 
1 B DC 13 1_555 C DG 11 1_555 B DA 14 1_555 C DT 10 1_555 -0.268 -0.790 2.933 -1.292 12.250 29.046 -3.406 0.288  2.419 23.155 
2.443  31.499 11 CC_DC13DA14:DT10DG11_GG C 13 ? G 11 ? C 14 ? G 10 ? 
1 B DA 14 1_555 C DT 10 1_555 B DC 15 1_555 C DG 9  1_555 0.481  -1.182 3.255 -0.542 -1.809 33.864 -1.736 -0.912 3.304 -3.102 
0.930  33.915 12 CC_DA14DC15:DG9DT10_GG  C 14 ? G 10 ? C 15 ? G 9  ? 
1 B DC 15 1_555 C DG 9  1_555 B DC 16 1_555 C DG 8  1_555 -0.155 -0.211 3.124 -0.156 -0.402 36.168 -0.285 0.229  3.126 -0.647 
0.251  36.170 13 CC_DC15DC16:DG8DG9_GG   C 15 ? G 9  ? C 16 ? G 8  ? 
1 B DC 16 1_555 C DG 8  1_555 B DT 17 1_555 C DA 7  1_555 -0.667 -0.939 3.157 0.474  2.300  29.580 -2.295 1.398  3.066 4.497  
-0.926 29.671 14 CC_DC16DT17:DA7DG8_GG   C 16 ? G 8  ? C 17 ? G 7  ? 
1 B DT 17 1_555 C DA 7  1_555 B DC 18 1_555 C DG 6  1_555 1.141  2.405  3.507 1.188  -3.086 41.419 3.735  -1.477 3.357 -4.355 
-1.676 41.545 15 CC_DT17DC18:DG6DA7_GG   C 17 ? G 7  ? C 18 ? G 6  ? 
1 B DC 18 1_555 C DG 6  1_555 B DG 19 1_555 C DC 5  1_555 -1.420 0.358  3.203 -2.987 4.312  27.995 -0.270 2.197  3.350 8.816  
6.107  28.473 16 CC_DC18DG19:DC5DG6_GG   C 18 ? G 6  ? C 19 ? G 5  ? 
1 B DG 19 1_555 C DC 5  1_555 B DC 20 1_555 C DG 4  1_555 0.980  -0.885 3.213 2.435  1.352  41.301 -1.394 -1.130 3.234 1.914  
-3.448 41.390 17 CC_DG19DC20:DG4DC5_GG   C 19 ? G 5  ? C 20 ? G 4  ? 
1 B DC 20 1_555 C DG 4  1_555 B DA 21 1_555 C DT 3  1_555 0.476  1.735  3.335 4.034  4.358  35.433 2.155  -0.162 3.548 7.098  
-6.570 35.911 18 CC_DC20DA21:DT3DG4_GG   C 20 ? G 4  ? C 21 ? G 3  ? 
# 
loop_
_pdbx_audit_support.funding_organization 
_pdbx_audit_support.country 
_pdbx_audit_support.grant_number 
_pdbx_audit_support.ordinal 
'Office of Naval Research (ONR)'                   'United States' N000141912596 1 
'Department of Energy (DOE, United States)'        'United States' DE-SC0007991  2 
'National Science Foundation (NSF, United States)' 'United States' CCF-2106790   3 
'National Science Foundation (NSF, United States)' 'United States' GCR-2317843   4 
# 
_pdbx_initial_refinement_model.id               1 
_pdbx_initial_refinement_model.entity_id_list   ? 
_pdbx_initial_refinement_model.type             'experimental model' 
_pdbx_initial_refinement_model.source_name      PDB 
_pdbx_initial_refinement_model.accession_code   8D93 
_pdbx_initial_refinement_model.details          ? 
# 
_space_group.name_H-M_alt     'P 41' 
_space_group.name_Hall        'P 4w' 
_space_group.IT_number        76 
_space_group.crystal_system   tetragonal 
_space_group.id               1 
# 
_atom_sites.entry_id                    9NOG 
_atom_sites.Cartn_transf_matrix[1][1]   ? 
_atom_sites.Cartn_transf_matrix[1][2]   ? 
_atom_sites.Cartn_transf_matrix[1][3]   ? 
_atom_sites.Cartn_transf_matrix[2][1]   ? 
_atom_sites.Cartn_transf_matrix[2][2]   ? 
_atom_sites.Cartn_transf_matrix[2][3]   ? 
_atom_sites.Cartn_transf_matrix[3][1]   ? 
_atom_sites.Cartn_transf_matrix[3][2]   ? 
_atom_sites.Cartn_transf_matrix[3][3]   ? 
_atom_sites.Cartn_transf_vector[1]      ? 
_atom_sites.Cartn_transf_vector[2]      ? 
_atom_sites.Cartn_transf_vector[3]      ? 
_atom_sites.Cartn_transform_axes        ? 
_atom_sites.fract_transf_matrix[1][1]   -0.00112736 
_atom_sites.fract_transf_matrix[1][2]   -0.01422632 
_atom_sites.fract_transf_matrix[1][3]   -0.00161492 
_atom_sites.fract_transf_matrix[2][1]   0.01270656 
_atom_sites.fract_transf_matrix[2][2]   -0.00024756 
_atom_sites.fract_transf_matrix[2][3]   -0.00668948 
_atom_sites.fract_transf_matrix[3][1]   0.00558079 
_atom_sites.fract_transf_matrix[3][2]   -0.00165253 
_atom_sites.fract_transf_matrix[3][3]   0.01066178 
_atom_sites.fract_transf_vector[1]      0.136022 
_atom_sites.fract_transf_vector[2]      -0.433535 
_atom_sites.fract_transf_vector[3]      -0.070480 
_atom_sites.solution_primary            ? 
_atom_sites.solution_secondary          ? 
_atom_sites.solution_hydrogens          ? 
_atom_sites.special_details             ? 
# 
loop_
_atom_type.symbol 
_atom_type.scat_dispersion_real 
_atom_type.scat_dispersion_imag 
_atom_type.scat_Cromer_Mann_a1 
_atom_type.scat_Cromer_Mann_a2 
_atom_type.scat_Cromer_Mann_a3 
_atom_type.scat_Cromer_Mann_a4 
_atom_type.scat_Cromer_Mann_b1 
_atom_type.scat_Cromer_Mann_b2 
_atom_type.scat_Cromer_Mann_b3 
_atom_type.scat_Cromer_Mann_b4 
_atom_type.scat_Cromer_Mann_c 
_atom_type.scat_source 
_atom_type.scat_dispersion_source 
C ? ? 5.96793  ? ? ? 14.89577 ? ? ? 0.0 
;1-Gaussian fit: Grosse-Kunstleve RW, Sauter NK, Adams PD: Newsletter of the IUCr Commission on Crystallographic Computing 2004, 3, 22-31.
;
? 
N ? ? 6.96715  ? ? ? 11.43723 ? ? ? 0.0 
;1-Gaussian fit: Grosse-Kunstleve RW, Sauter NK, Adams PD: Newsletter of the IUCr Commission on Crystallographic Computing 2004, 3, 22-31.
;
? 
O ? ? 7.96527  ? ? ? 9.05267  ? ? ? 0.0 
;1-Gaussian fit: Grosse-Kunstleve RW, Sauter NK, Adams PD: Newsletter of the IUCr Commission on Crystallographic Computing 2004, 3, 22-31.
;
? 
P ? ? 14.90797 ? ? ? 11.91318 ? ? ? 0.0 
;1-Gaussian fit: Grosse-Kunstleve RW, Sauter NK, Adams PD: Newsletter of the IUCr Commission on Crystallographic Computing 2004, 3, 22-31.
;
? 
# 
loop_
_atom_site.group_PDB 
_atom_site.id 
_atom_site.type_symbol 
_atom_site.label_atom_id 
_atom_site.label_alt_id 
_atom_site.label_comp_id 
_atom_site.label_asym_id 
_atom_site.label_entity_id 
_atom_site.label_seq_id 
_atom_site.pdbx_PDB_ins_code 
_atom_site.Cartn_x 
_atom_site.Cartn_y 
_atom_site.Cartn_z 
_atom_site.occupancy 
_atom_site.B_iso_or_equiv 
_atom_site.pdbx_formal_charge 
_atom_site.auth_seq_id 
_atom_site.auth_comp_id 
_atom_site.auth_asym_id 
_atom_site.auth_atom_id 
_atom_site.pdbx_PDB_model_num 
ATOM 1   P P     . DC A 1 1  ? 2.42825   -15.29675 7.65339   1.000 231.49841 ? 16 DC D P     1 
ATOM 2   O OP1   . DC A 1 1  ? 1.92619   -13.94833 8.00670   1.000 235.61015 ? 16 DC D OP1   1 
ATOM 3   O OP2   . DC A 1 1  ? 1.60343   -16.50451 7.88540   1.000 227.65508 ? 16 DC D OP2   1 
ATOM 4   O "O5'" . DC A 1 1  ? 2.84578   -15.29933 6.11284   1.000 233.14958 ? 16 DC D "O5'" 1 
ATOM 5   C "C5'" . DC A 1 1  ? 1.93132   -15.76129 5.13793   1.000 231.36620 ? 16 DC D "C5'" 1 
ATOM 6   C "C4'" . DC A 1 1  ? 0.65194   -14.94757 5.16812   1.000 228.79981 ? 16 DC D "C4'" 1 
ATOM 7   O "O4'" . DC A 1 1  ? 0.79840   -13.81159 4.29000   1.000 232.57310 ? 16 DC D "O4'" 1 
ATOM 8   C "C3'" . DC A 1 1  ? -0.59257  -15.71338 4.73472   1.000 221.34361 ? 16 DC D "C3'" 1 
ATOM 9   O "O3'" . DC A 1 1  ? -1.43421  -15.93744 5.87311   1.000 216.33588 ? 16 DC D "O3'" 1 
ATOM 10  C "C2'" . DC A 1 1  ? -1.28117  -14.82091 3.69429   1.000 220.69500 ? 16 DC D "C2'" 1 
ATOM 11  C "C1'" . DC A 1 1  ? -0.29536  -13.69168 3.41027   1.000 229.00929 ? 16 DC D "C1'" 1 
ATOM 12  N N1    . DC A 1 1  ? 0.23259   -13.63501 1.99998   1.000 230.56597 ? 16 DC D N1    1 
ATOM 13  C C2    . DC A 1 1  ? -0.64458  -13.44055 0.91703   1.000 228.12426 ? 16 DC D C2    1 
ATOM 14  O O2    . DC A 1 1  ? -1.85976  -13.34599 1.12799   1.000 223.73347 ? 16 DC D O2    1 
ATOM 15  N N3    . DC A 1 1  ? -0.12997  -13.36727 -0.33673  1.000 228.48786 ? 16 DC D N3    1 
ATOM 16  C C4    . DC A 1 1  ? 1.18784   -13.47062 -0.52416  1.000 235.20518 ? 16 DC D C4    1 
ATOM 17  N N4    . DC A 1 1  ? 1.65253   -13.39358 -1.77627  1.000 236.77145 ? 16 DC D N4    1 
ATOM 18  C C5    . DC A 1 1  ? 2.08992   -13.65743 0.56289   1.000 239.15494 ? 16 DC D C5    1 
ATOM 19  C C6    . DC A 1 1  ? 1.57417   -13.73172 1.79089   1.000 236.69256 ? 16 DC D C6    1 
ATOM 20  P P     . DC A 1 2  ? -2.13349  -17.36306 6.10476   1.000 201.19176 ? 17 DC D P     1 
ATOM 21  O OP1   . DC A 1 2  ? -2.57291  -17.41599 7.50917   1.000 200.86713 ? 17 DC D OP1   1 
ATOM 22  O OP2   . DC A 1 2  ? -1.23883  -18.40060 5.56679   1.000 203.54599 ? 17 DC D OP2   1 
ATOM 23  O "O5'" . DC A 1 2  ? -3.42188  -17.31225 5.16922   1.000 198.26133 ? 17 DC D "O5'" 1 
ATOM 24  C "C5'" . DC A 1 2  ? -4.17079  -16.10559 5.07607   1.000 198.62434 ? 17 DC D "C5'" 1 
ATOM 25  C "C4'" . DC A 1 2  ? -5.17201  -16.17126 3.93456   1.000 196.54060 ? 17 DC D "C4'" 1 
ATOM 26  O "O4'" . DC A 1 2  ? -4.55057  -15.75574 2.69502   1.000 197.79457 ? 17 DC D "O4'" 1 
ATOM 27  C "C3'" . DC A 1 2  ? -5.79081  -17.53810 3.69000   1.000 193.69365 ? 17 DC D "C3'" 1 
ATOM 28  O "O3'" . DC A 1 2  ? -7.20339  -17.40272 3.67908   1.000 192.12740 ? 17 DC D "O3'" 1 
ATOM 29  C "C2'" . DC A 1 2  ? -5.22261  -17.99231 2.33213   1.000 193.82915 ? 17 DC D "C2'" 1 
ATOM 30  C "C1'" . DC A 1 2  ? -4.76062  -16.70446 1.66558   1.000 196.00859 ? 17 DC D "C1'" 1 
ATOM 31  N N1    . DC A 1 2  ? -3.45126  -16.82015 0.92582   1.000 198.03267 ? 17 DC D N1    1 
ATOM 32  C C2    . DC A 1 2  ? -3.38051  -16.60039 -0.46368  1.000 198.44657 ? 17 DC D C2    1 
ATOM 33  O O2    . DC A 1 2  ? -4.41145  -16.36830 -1.10371  1.000 197.03663 ? 17 DC D O2    1 
ATOM 34  N N3    . DC A 1 2  ? -2.16484  -16.67390 -1.07381  1.000 200.77142 ? 17 DC D N3    1 
ATOM 35  C C4    . DC A 1 2  ? -1.07050  -16.92899 -0.35546  1.000 203.96239 ? 17 DC D C4    1 
ATOM 36  N N4    . DC A 1 2  ? 0.10250   -16.99372 -0.99544  1.000 206.82005 ? 17 DC D N4    1 
ATOM 37  C C5    . DC A 1 2  ? -1.12537  -17.13349 1.04860   1.000 203.60538 ? 17 DC D C5    1 
ATOM 38  C C6    . DC A 1 2  ? -2.32162  -17.06926 1.63801   1.000 199.98335 ? 17 DC D C6    1 
ATOM 39  P P     . DG A 1 3  ? -8.15905  -18.63125 3.29620   1.000 185.01931 ? 18 DG D P     1 
ATOM 40  O OP1   . DG A 1 3  ? -9.40341  -18.48342 4.08097   1.000 184.26956 ? 18 DG D OP1   1 
ATOM 41  O OP2   . DG A 1 3  ? -7.38505  -19.88551 3.40872   1.000 184.54358 ? 18 DG D OP2   1 
ATOM 42  O "O5'" . DG A 1 3  ? -8.50095  -18.34752 1.76461   1.000 185.06616 ? 18 DG D "O5'" 1 
ATOM 43  C "C5'" . DG A 1 3  ? -9.70134  -18.83550 1.20079   1.000 183.79025 ? 18 DG D "C5'" 1 
ATOM 44  C "C4'" . DG A 1 3  ? -9.38661  -19.72247 0.02586   1.000 183.47314 ? 18 DG D "C4'" 1 
ATOM 45  O "O4'" . DG A 1 3  ? -7.97005  -19.58612 -0.28775  1.000 184.79653 ? 18 DG D "O4'" 1 
ATOM 46  C "C3'" . DG A 1 3  ? -9.59788  -21.21718 0.28530   1.000 182.27230 ? 18 DG D "C3'" 1 
ATOM 47  O "O3'" . DG A 1 3  ? -9.84502  -21.89462 -0.94699  1.000 182.39821 ? 18 DG D "O3'" 1 
ATOM 48  C "C2'" . DG A 1 3  ? -8.23311  -21.60460 0.82450   1.000 182.99053 ? 18 DG D "C2'" 1 
ATOM 49  C "C1'" . DG A 1 3  ? -7.38769  -20.86435 -0.19485  1.000 184.58165 ? 18 DG D "C1'" 1 
ATOM 50  N N9    . DG A 1 3  ? -5.96216  -20.77055 0.10914   1.000 186.30892 ? 18 DG D N9    1 
ATOM 51  C C8    . DG A 1 3  ? -5.34618  -20.96623 1.32292   1.000 186.79057 ? 18 DG D C8    1 
ATOM 52  N N7    . DG A 1 3  ? -4.04651  -20.83460 1.27483   1.000 189.06727 ? 18 DG D N7    1 
ATOM 53  C C5    . DG A 1 3  ? -3.78732  -20.56568 -0.06556  1.000 190.00329 ? 18 DG D C5    1 
ATOM 54  C C6    . DG A 1 3  ? -2.56442  -20.33971 -0.73103  1.000 192.71808 ? 18 DG D C6    1 
ATOM 55  O O6    . DG A 1 3  ? -1.42314  -20.33123 -0.25958  1.000 195.11742 ? 18 DG D O6    1 
ATOM 56  N N1    . DG A 1 3  ? -2.75777  -20.10779 -2.09662  1.000 192.91300 ? 18 DG D N1    1 
ATOM 57  C C2    . DG A 1 3  ? -3.97869  -20.09780 -2.72859  1.000 190.89206 ? 18 DG D C2    1 
ATOM 58  N N2    . DG A 1 3  ? -3.98404  -19.85666 -4.04874  1.000 191.67656 ? 18 DG D N2    1 
ATOM 59  N N3    . DG A 1 3  ? -5.12455  -20.30403 -2.11292  1.000 188.62935 ? 18 DG D N3    1 
ATOM 60  C C4    . DG A 1 3  ? -4.95319  -20.53451 -0.78914  1.000 188.24527 ? 18 DG D C4    1 
ATOM 61  P P     . DA A 1 4  ? -11.26398 -21.78463 -1.69906  1.000 197.30268 ? 19 DA D P     1 
ATOM 62  O OP1   . DA A 1 4  ? -12.17974 -20.96514 -0.87964  1.000 198.73136 ? 19 DA D OP1   1 
ATOM 63  O OP2   . DA A 1 4  ? -11.67271 -23.15669 -2.05324  1.000 196.75620 ? 19 DA D OP2   1 
ATOM 64  O "O5'" . DA A 1 4  ? -10.90220 -21.03878 -3.07049  1.000 195.02115 ? 19 DA D "O5'" 1 
ATOM 65  C "C5'" . DA A 1 4  ? -9.54882  -20.64795 -3.31387  1.000 194.79128 ? 19 DA D "C5'" 1 
ATOM 66  C "C4'" . DA A 1 4  ? -9.19511  -20.68410 -4.78975  1.000 192.54917 ? 19 DA D "C4'" 1 
ATOM 67  O "O4'" . DA A 1 4  ? -7.77796  -20.91349 -4.92339  1.000 192.64326 ? 19 DA D "O4'" 1 
ATOM 68  C "C3'" . DA A 1 4  ? -9.80007  -21.81861 -5.58772  1.000 191.27239 ? 19 DA D "C3'" 1 
ATOM 69  O "O3'" . DA A 1 4  ? -9.64567  -21.51650 -6.96951  1.000 189.36361 ? 19 DA D "O3'" 1 
ATOM 70  C "C2'" . DA A 1 4  ? -8.90946  -22.98892 -5.16663  1.000 192.08031 ? 19 DA D "C2'" 1 
ATOM 71  C "C1'" . DA A 1 4  ? -7.54047  -22.31093 -5.06036  1.000 192.49500 ? 19 DA D "C1'" 1 
ATOM 72  N N9    . DA A 1 4  ? -6.75077  -22.73560 -3.91604  1.000 194.45138 ? 19 DA D N9    1 
ATOM 73  C C8    . DA A 1 4  ? -7.20704  -23.04691 -2.66933  1.000 196.32498 ? 19 DA D C8    1 
ATOM 74  N N7    . DA A 1 4  ? -6.25660  -23.36955 -1.82461  1.000 198.01672 ? 19 DA D N7    1 
ATOM 75  C C5    . DA A 1 4  ? -5.09834  -23.25354 -2.57013  1.000 197.16129 ? 19 DA D C5    1 
ATOM 76  C C6    . DA A 1 4  ? -3.74386  -23.45343 -2.25282  1.000 198.24031 ? 19 DA D C6    1 
ATOM 77  N N6    . DA A 1 4  ? -3.31331  -23.83665 -1.04510  1.000 200.49436 ? 19 DA D N6    1 
ATOM 78  N N1    . DA A 1 4  ? -2.84316  -23.25200 -3.23310  1.000 197.07212 ? 19 DA D N1    1 
ATOM 79  C C2    . DA A 1 4  ? -3.26852  -22.87113 -4.44162  1.000 195.00019 ? 19 DA D C2    1 
ATOM 80  N N3    . DA A 1 4  ? -4.50967  -22.64295 -4.85602  1.000 193.82401 ? 19 DA D N3    1 
ATOM 81  C C4    . DA A 1 4  ? -5.38571  -22.85511 -3.86070  1.000 194.98836 ? 19 DA D C4    1 
ATOM 82  P P     . DC A 1 5  ? -10.32733 -22.41920 -8.11067  1.000 179.87722 ? 20 DC D P     1 
ATOM 83  O OP1   . DC A 1 5  ? -11.32089 -21.55806 -8.78670  1.000 178.90839 ? 20 DC D OP1   1 
ATOM 84  O OP2   . DC A 1 5  ? -10.75385 -23.71238 -7.53757  1.000 180.70566 ? 20 DC D OP2   1 
ATOM 85  O "O5'" . DC A 1 5  ? -9.11348  -22.71731 -9.10670  1.000 180.02551 ? 20 DC D "O5'" 1 
ATOM 86  C "C5'" . DC A 1 5  ? -7.77565  -22.63592 -8.62316  1.000 179.89193 ? 20 DC D "C5'" 1 
ATOM 87  C "C4'" . DC A 1 5  ? -6.91362  -23.73927 -9.20780  1.000 181.53107 ? 20 DC D "C4'" 1 
ATOM 88  O "O4'" . DC A 1 5  ? -5.86341  -24.07432 -8.26113  1.000 180.86644 ? 20 DC D "O4'" 1 
ATOM 89  C "C3'" . DC A 1 5  ? -7.64227  -25.05443 -9.50191  1.000 180.45964 ? 20 DC D "C3'" 1 
ATOM 90  O "O3'" . DC A 1 5  ? -7.09709  -25.66012 -10.68322 1.000 184.77556 ? 20 DC D "O3'" 1 
ATOM 91  C "C2'" . DC A 1 5  ? -7.32977  -25.88201 -8.26367  1.000 180.72941 ? 20 DC D "C2'" 1 
ATOM 92  C "C1'" . DC A 1 5  ? -5.89391  -25.46126 -8.01011  1.000 181.37787 ? 20 DC D "C1'" 1 
ATOM 93  N N1    . DC A 1 5  ? -5.43274  -25.71486 -6.61376  1.000 183.38030 ? 20 DC D N1    1 
ATOM 94  C C2    . DC A 1 5  ? -4.06526  -25.80202 -6.33819  1.000 184.29628 ? 20 DC D C2    1 
ATOM 95  O O2    . DC A 1 5  ? -3.25320  -25.65783 -7.25929  1.000 183.42769 ? 20 DC D O2    1 
ATOM 96  N N3    . DC A 1 5  ? -3.66926  -26.03681 -5.06204  1.000 186.28240 ? 20 DC D N3    1 
ATOM 97  C C4    . DC A 1 5  ? -4.57734  -26.18359 -4.09564  1.000 187.35683 ? 20 DC D C4    1 
ATOM 98  N N4    . DC A 1 5  ? -4.14426  -26.41534 -2.85437  1.000 189.49104 ? 20 DC D N4    1 
ATOM 99  C C5    . DC A 1 5  ? -5.97132  -26.10075 -4.35914  1.000 186.46397 ? 20 DC D C5    1 
ATOM 100 C C6    . DC A 1 5  ? -6.35137  -25.86820 -5.61779  1.000 184.47788 ? 20 DC D C6    1 
ATOM 101 P P     . DA A 1 6  ? -7.99905  -25.84971 -12.00299 1.000 182.83995 ? 21 DA D P     1 
ATOM 102 O OP1   . DA A 1 6  ? -7.77335  -24.67595 -12.87799 1.000 187.73229 ? 21 DA D OP1   1 
ATOM 103 O OP2   . DA A 1 6  ? -9.36842  -26.22097 -11.57389 1.000 185.82743 ? 21 DA D OP2   1 
ATOM 104 O "O5'" . DA A 1 6  ? -7.35295  -27.12048 -12.73183 1.000 186.98822 ? 21 DA D "O5'" 1 
ATOM 105 C "C5'" . DA A 1 6  ? -6.41992  -26.93327 -13.79617 1.000 189.68486 ? 21 DA D "C5'" 1 
ATOM 106 C "C4'" . DA A 1 6  ? -5.02643  -27.41851 -13.41135 1.000 190.31034 ? 21 DA D "C4'" 1 
ATOM 107 O "O4'" . DA A 1 6  ? -4.81533  -27.24824 -11.99044 1.000 186.97909 ? 21 DA D "O4'" 1 
ATOM 108 C "C3'" . DA A 1 6  ? -4.73849  -28.89458 -13.71795 1.000 190.35489 ? 21 DA D "C3'" 1 
ATOM 109 O "O3'" . DA A 1 6  ? -3.64625  -29.00146 -14.61498 1.000 192.00935 ? 21 DA D "O3'" 1 
ATOM 110 C "C2'" . DA A 1 6  ? -4.40341  -29.51280 -12.35654 1.000 187.59449 ? 21 DA D "C2'" 1 
ATOM 111 C "C1'" . DA A 1 6  ? -4.01405  -28.29995 -11.52016 1.000 187.23310 ? 21 DA D "C1'" 1 
ATOM 112 N N9    . DA A 1 6  ? -4.30775  -28.47926 -10.10908 1.000 183.80282 ? 21 DA D N9    1 
ATOM 113 C C8    . DA A 1 6  ? -5.54285  -28.45299 -9.54054  1.000 185.65133 ? 21 DA D C8    1 
ATOM 114 N N7    . DA A 1 6  ? -5.53490  -28.65043 -8.25143  1.000 185.25466 ? 21 DA D N7    1 
ATOM 115 C C5    . DA A 1 6  ? -4.20060  -28.81712 -7.94576  1.000 185.52693 ? 21 DA D C5    1 
ATOM 116 C C6    . DA A 1 6  ? -3.54493  -29.06213 -6.73420  1.000 186.85814 ? 21 DA D C6    1 
ATOM 117 N N6    . DA A 1 6  ? -4.19263  -29.17976 -5.57487  1.000 188.18848 ? 21 DA D N6    1 
ATOM 118 N N1    . DA A 1 6  ? -2.20545  -29.18102 -6.75537  1.000 187.49423 ? 21 DA D N1    1 
ATOM 119 C C2    . DA A 1 6  ? -1.56138  -29.06563 -7.92795  1.000 186.85612 ? 21 DA D C2    1 
ATOM 120 N N3    . DA A 1 6  ? -2.07793  -28.82538 -9.14130  1.000 187.34157 ? 21 DA D N3    1 
ATOM 121 C C4    . DA A 1 6  ? -3.41804  -28.71627 -9.07802  1.000 186.02734 ? 21 DA D C4    1 
ATOM 122 O "O5'" . DT B 2 1  ? -3.83979  -40.51667 1.49630   1.000 303.39139 ? 1  DT C "O5'" 1 
ATOM 123 C "C5'" . DT B 2 1  ? -2.53902  -39.97145 1.31691   1.000 300.98981 ? 1  DT C "C5'" 1 
ATOM 124 C "C4'" . DT B 2 1  ? -2.57193  -38.45157 1.34413   1.000 287.11413 ? 1  DT C "C4'" 1 
ATOM 125 O "O4'" . DT B 2 1  ? -3.07098  -37.93750 0.08089   1.000 276.00120 ? 1  DT C "O4'" 1 
ATOM 126 C "C3'" . DT B 2 1  ? -3.45895  -37.82099 2.42911   1.000 284.31869 ? 1  DT C "C3'" 1 
ATOM 127 O "O3'" . DT B 2 1  ? -2.75865  -36.72414 3.02095   1.000 279.53171 ? 1  DT C "O3'" 1 
ATOM 128 C "C2'" . DT B 2 1  ? -4.67068  -37.33967 1.63182   1.000 273.91594 ? 1  DT C "C2'" 1 
ATOM 129 C "C1'" . DT B 2 1  ? -3.97227  -36.89492 0.36563   1.000 266.05883 ? 1  DT C "C1'" 1 
ATOM 130 N N1    . DT B 2 1  ? -4.86968  -36.65845 -0.81528  1.000 257.47403 ? 1  DT C N1    1 
ATOM 131 C C2    . DT B 2 1  ? -4.32200  -36.66216 -2.07208  1.000 254.02329 ? 1  DT C C2    1 
ATOM 132 O O2    . DT B 2 1  ? -3.14466  -36.86661 -2.27571  1.000 257.80856 ? 1  DT C O2    1 
ATOM 133 N N3    . DT B 2 1  ? -5.20831  -36.42587 -3.09022  1.000 246.84258 ? 1  DT C N3    1 
ATOM 134 C C4    . DT B 2 1  ? -6.56237  -36.18126 -2.97471  1.000 242.83410 ? 1  DT C C4    1 
ATOM 135 O O4    . DT B 2 1  ? -7.28033  -35.98024 -3.95086  1.000 237.05738 ? 1  DT C O4    1 
ATOM 136 C C5    . DT B 2 1  ? -7.07462  -36.17780 -1.62485  1.000 246.80757 ? 1  DT C C5    1 
ATOM 137 C C7    . DT B 2 1  ? -8.52935  -35.91929 -1.37474  1.000 244.03800 ? 1  DT C C7    1 
ATOM 138 C C6    . DT B 2 1  ? -6.21191  -36.40773 -0.61957  1.000 253.81929 ? 1  DT C C6    1 
ATOM 139 P P     . DC B 2 2  ? -3.53196  -35.61288 3.89191   1.000 275.70220 ? 2  DC C P     1 
ATOM 140 O OP1   . DC B 2 2  ? -4.32523  -36.32484 4.91911   1.000 285.49388 ? 2  DC C OP1   1 
ATOM 141 O OP2   . DC B 2 2  ? -4.21195  -34.66139 2.98373   1.000 262.25156 ? 2  DC C OP2   1 
ATOM 142 O "O5'" . DC B 2 2  ? -2.34456  -34.79188 4.59049   1.000 275.58088 ? 2  DC C "O5'" 1 
ATOM 143 C "C5'" . DC B 2 2  ? -1.69271  -33.72587 3.88701   1.000 264.99414 ? 2  DC C "C5'" 1 
ATOM 144 C "C4'" . DC B 2 2  ? -0.50200  -34.22709 3.07783   1.000 267.58561 ? 2  DC C "C4'" 1 
ATOM 145 O "O4'" . DC B 2 2  ? -0.97598  -34.78272 1.82023   1.000 264.63957 ? 2  DC C "O4'" 1 
ATOM 146 C "C3'" . DC B 2 2  ? 0.48782   -33.14041 2.66776   1.000 259.76296 ? 2  DC C "C3'" 1 
ATOM 147 O "O3'" . DC B 2 2  ? 1.77569   -33.70217 2.39533   1.000 266.77564 ? 2  DC C "O3'" 1 
ATOM 148 C "C2'" . DC B 2 2  ? -0.15080  -32.62451 1.39697   1.000 247.93818 ? 2  DC C "C2'" 1 
ATOM 149 C "C1'" . DC B 2 2  ? -0.58847  -33.93091 0.75139   1.000 254.02458 ? 2  DC C "C1'" 1 
ATOM 150 N N1    . DC B 2 2  ? -1.74167  -33.76347 -0.17645  1.000 245.78434 ? 2  DC C N1    1 
ATOM 151 C C2    . DC B 2 2  ? -1.51584  -33.67241 -1.55429  1.000 240.23107 ? 2  DC C C2    1 
ATOM 152 O O2    . DC B 2 2  ? -0.35843  -33.74371 -1.98319  1.000 242.38913 ? 2  DC C O2    1 
ATOM 153 N N3    . DC B 2 2  ? -2.57733  -33.51039 -2.38287  1.000 233.41004 ? 2  DC C N3    1 
ATOM 154 C C4    . DC B 2 2  ? -3.81208  -33.44140 -1.87966  1.000 232.08147 ? 2  DC C C4    1 
ATOM 155 N N4    . DC B 2 2  ? -4.82981  -33.28618 -2.73220  1.000 226.10146 ? 2  DC C N4    1 
ATOM 156 C C5    . DC B 2 2  ? -4.05951  -33.52809 -0.48073  1.000 237.77074 ? 2  DC C C5    1 
ATOM 157 C C6    . DC B 2 2  ? -3.00511  -33.68197 0.32548   1.000 244.42599 ? 2  DC C C6    1 
ATOM 158 P P     . DT B 2 3  ? 3.12022   -32.77464 2.25913   1.000 265.74058 ? 3  DT C P     1 
ATOM 159 O OP1   . DT B 2 3  ? 4.12534   -33.28298 3.22532   1.000 278.18993 ? 3  DT C OP1   1 
ATOM 160 O OP2   . DT B 2 3  ? 2.74616   -31.33085 2.27882   1.000 253.43104 ? 3  DT C OP2   1 
ATOM 161 O "O5'" . DT B 2 3  ? 3.65311   -33.09841 0.79071   1.000 263.64811 ? 3  DT C "O5'" 1 
ATOM 162 C "C5'" . DT B 2 3  ? 2.87072   -32.77085 -0.37477  1.000 253.35434 ? 3  DT C "C5'" 1 
ATOM 163 C "C4'" . DT B 2 3  ? 3.72635   -32.16300 -1.46214  1.000 247.45281 ? 3  DT C "C4'" 1 
ATOM 164 O "O4'" . DT B 2 3  ? 2.87667   -31.89068 -2.60096  1.000 238.22371 ? 3  DT C "O4'" 1 
ATOM 165 C "C3'" . DT B 2 3  ? 4.34387   -30.81414 -1.12058  1.000 240.36181 ? 3  DT C "C3'" 1 
ATOM 166 O "O3'" . DT B 2 3  ? 5.42412   -30.52933 -2.02697  1.000 239.06423 ? 3  DT C "O3'" 1 
ATOM 167 C "C2'" . DT B 2 3  ? 3.19086   -29.87839 -1.40878  1.000 228.07047 ? 3  DT C "C2'" 1 
ATOM 168 C "C1'" . DT B 2 3  ? 2.63597   -30.48760 -2.68929  1.000 226.17028 ? 3  DT C "C1'" 1 
ATOM 169 N N1    . DT B 2 3  ? 1.19038   -30.28664 -2.88127  1.000 222.88046 ? 3  DT C N1    1 
ATOM 170 C C2    . DT B 2 3  ? 0.72788   -30.08158 -4.16026  1.000 220.03017 ? 3  DT C C2    1 
ATOM 171 O O2    . DT B 2 3  ? 1.45753   -30.05884 -5.13680  1.000 220.69461 ? 3  DT C O2    1 
ATOM 172 N N3    . DT B 2 3  ? -0.62955  -29.90271 -4.25484  1.000 217.23942 ? 3  DT C N3    1 
ATOM 173 C C4    . DT B 2 3  ? -1.54686  -29.91002 -3.22097  1.000 218.26612 ? 3  DT C C4    1 
ATOM 174 O O4    . DT B 2 3  ? -2.73763  -29.73015 -3.45845  1.000 215.91736 ? 3  DT C O4    1 
ATOM 175 C C5    . DT B 2 3  ? -0.99105  -30.12656 -1.90601  1.000 222.96245 ? 3  DT C C5    1 
ATOM 176 C C7    . DT B 2 3  ? -1.90733  -30.14372 -0.72383  1.000 227.69692 ? 3  DT C C7    1 
ATOM 177 C C6    . DT B 2 3  ? 0.33240   -30.30065 -1.80316  1.000 224.76329 ? 3  DT C C6    1 
ATOM 178 P P     . DG B 2 4  ? 6.45006   -29.26699 -1.79526  1.000 242.54402 ? 4  DG C P     1 
ATOM 179 O OP1   . DG B 2 4  ? 7.58715   -29.77812 -1.00339  1.000 254.31289 ? 4  DG C OP1   1 
ATOM 180 O OP2   . DG B 2 4  ? 5.67392   -28.11782 -1.29177  1.000 232.82861 ? 4  DG C OP2   1 
ATOM 181 O "O5'" . DG B 2 4  ? 6.96607   -28.87558 -3.25565  1.000 236.84281 ? 4  DG C "O5'" 1 
ATOM 182 C "C5'" . DG B 2 4  ? 6.19780   -29.23183 -4.40121  1.000 232.90686 ? 4  DG C "C5'" 1 
ATOM 183 C "C4'" . DG B 2 4  ? 5.89324   -28.01144 -5.25460  1.000 222.33795 ? 4  DG C "C4'" 1 
ATOM 184 O "O4'" . DG B 2 4  ? 4.45981   -27.78430 -5.26773  1.000 218.47026 ? 4  DG C "O4'" 1 
ATOM 185 C "C3'" . DG B 2 4  ? 6.51991   -26.69825 -4.77411  1.000 219.78227 ? 4  DG C "C3'" 1 
ATOM 186 O "O3'" . DG B 2 4  ? 6.80092   -25.85511 -5.89678  1.000 215.28560 ? 4  DG C "O3'" 1 
ATOM 187 C "C2'" . DG B 2 4  ? 5.40866   -26.11807 -3.91567  1.000 216.92541 ? 4  DG C "C2'" 1 
ATOM 188 C "C1'" . DG B 2 4  ? 4.17660   -26.51704 -4.71685  1.000 214.25048 ? 4  DG C "C1'" 1 
ATOM 189 N N9    . DG B 2 4  ? 2.98063   -26.62737 -3.89717  1.000 214.44496 ? 4  DG C N9    1 
ATOM 190 C C8    . DG B 2 4  ? 2.92630   -26.78760 -2.53665  1.000 217.82508 ? 4  DG C C8    1 
ATOM 191 N N7    . DG B 2 4  ? 1.71269   -26.85369 -2.06773  1.000 216.90606 ? 4  DG C N7    1 
ATOM 192 C C5    . DG B 2 4  ? 0.91236   -26.71518 -3.19160  1.000 212.76373 ? 4  DG C C5    1 
ATOM 193 C C6    . DG B 2 4  ? -0.48923  -26.70652 -3.31222  1.000 211.01382 ? 4  DG C C6    1 
ATOM 194 O O6    . DG B 2 4  ? -1.33394  -26.81807 -2.41569  1.000 210.61749 ? 4  DG C O6    1 
ATOM 195 N N1    . DG B 2 4  ? -0.89039  -26.54158 -4.63638  1.000 207.29575 ? 4  DG C N1    1 
ATOM 196 C C2    . DG B 2 4  ? -0.03707  -26.40268 -5.70864  1.000 206.72655 ? 4  DG C C2    1 
ATOM 197 N N2    . DG B 2 4  ? -0.60030  -26.24757 -6.91303  1.000 204.91527 ? 4  DG C N2    1 
ATOM 198 N N3    . DG B 2 4  ? 1.27846   -26.41061 -5.60551  1.000 208.60088 ? 4  DG C N3    1 
ATOM 199 C C4    . DG B 2 4  ? 1.68227   -26.57375 -4.32576  1.000 211.76459 ? 4  DG C C4    1 
ATOM 200 P P     . DT B 2 5  ? 7.58168   -24.45644 -5.73435  1.000 222.34685 ? 5  DT C P     1 
ATOM 201 O OP1   . DT B 2 5  ? 9.02845   -24.74564 -5.77086  1.000 229.65078 ? 5  DT C OP1   1 
ATOM 202 O OP2   . DT B 2 5  ? 7.02423   -23.66908 -4.61529  1.000 220.43193 ? 5  DT C OP2   1 
ATOM 203 O "O5'" . DT B 2 5  ? 7.18870   -23.67729 -7.06785  1.000 218.14786 ? 5  DT C "O5'" 1 
ATOM 204 C "C5'" . DT B 2 5  ? 6.30252   -24.29242 -8.00270  1.000 218.03169 ? 5  DT C "C5'" 1 
ATOM 205 C "C4'" . DT B 2 5  ? 5.08301   -23.42067 -8.24094  1.000 212.84938 ? 5  DT C "C4'" 1 
ATOM 206 O "O4'" . DT B 2 5  ? 3.96641   -23.91401 -7.47317  1.000 213.14930 ? 5  DT C "O4'" 1 
ATOM 207 C "C3'" . DT B 2 5  ? 5.24471   -21.96663 -7.80513  1.000 209.08588 ? 5  DT C "C3'" 1 
ATOM 208 O "O3'" . DT B 2 5  ? 5.62435   -21.13647 -8.92675  1.000 206.83714 ? 5  DT C "O3'" 1 
ATOM 209 C "C2'" . DT B 2 5  ? 3.87853   -21.58710 -7.20665  1.000 206.74161 ? 5  DT C "C2'" 1 
ATOM 210 C "C1'" . DT B 2 5  ? 3.04523   -22.86376 -7.34887  1.000 208.43586 ? 5  DT C "C1'" 1 
ATOM 211 N N1    . DT B 2 5  ? 2.14907   -23.11369 -6.17569  1.000 210.33810 ? 5  DT C N1    1 
ATOM 212 C C2    . DT B 2 5  ? 0.79056   -23.22060 -6.37552  1.000 208.01403 ? 5  DT C C2    1 
ATOM 213 O O2    . DT B 2 5  ? 0.26688   -23.15617 -7.47567  1.000 204.91399 ? 5  DT C O2    1 
ATOM 214 N N3    . DT B 2 5  ? 0.05857   -23.42066 -5.23156  1.000 208.23606 ? 5  DT C N3    1 
ATOM 215 C C4    . DT B 2 5  ? 0.54015   -23.51586 -3.93755  1.000 207.63048 ? 5  DT C C4    1 
ATOM 216 O O4    . DT B 2 5  ? -0.19208  -23.70365 -2.97271  1.000 210.30456 ? 5  DT C O4    1 
ATOM 217 C C5    . DT B 2 5  ? 1.96374   -23.37803 -3.79775  1.000 211.79393 ? 5  DT C C5    1 
ATOM 218 C C7    . DT B 2 5  ? 2.59236   -23.45986 -2.43964  1.000 216.78786 ? 5  DT C C7    1 
ATOM 219 C C6    . DT B 2 5  ? 2.69282   -23.17948 -4.90853  1.000 210.95335 ? 5  DT C C6    1 
ATOM 220 P P     . DC B 2 6  ? 4.53588   -20.39734 -9.85798  1.000 211.85676 ? 6  DC C P     1 
ATOM 221 O OP1   . DC B 2 6  ? 3.45606   -21.35328 -10.20767 1.000 215.26195 ? 6  DC C OP1   1 
ATOM 222 O OP2   . DC B 2 6  ? 5.31603   -19.77190 -10.94982 1.000 220.50018 ? 6  DC C OP2   1 
ATOM 223 O "O5'" . DC B 2 6  ? 3.95622   -19.21469 -8.94173  1.000 207.56603 ? 6  DC C "O5'" 1 
ATOM 224 C "C5'" . DC B 2 6  ? 2.94424   -18.34928 -9.44681  1.000 208.78786 ? 6  DC C "C5'" 1 
ATOM 225 C "C4'" . DC B 2 6  ? 1.56652   -18.95621 -9.24811  1.000 208.29466 ? 6  DC C "C4'" 1 
ATOM 226 O "O4'" . DC B 2 6  ? 1.54630   -19.68168 -8.01015  1.000 203.98059 ? 6  DC C "O4'" 1 
ATOM 227 C "C3'" . DC B 2 6  ? 0.42993   -17.94538 -9.16869  1.000 207.40502 ? 6  DC C "C3'" 1 
ATOM 228 O "O3'" . DC B 2 6  ? -0.38321  -18.03279 -10.32999 1.000 213.60906 ? 6  DC C "O3'" 1 
ATOM 229 C "C2'" . DC B 2 6  ? -0.35137  -18.31014 -7.89115  1.000 205.99899 ? 6  DC C "C2'" 1 
ATOM 230 C "C1'" . DC B 2 6  ? 0.26748   -19.62261 -7.44213  1.000 203.63767 ? 6  DC C "C1'" 1 
ATOM 231 N N1    . DC B 2 6  ? 0.44200   -19.74999 -5.96161  1.000 203.44136 ? 6  DC C N1    1 
ATOM 232 C C2    . DC B 2 6  ? -0.66516  -19.91259 -5.12588  1.000 204.49294 ? 6  DC C C2    1 
ATOM 233 O O2    . DC B 2 6  ? -1.79727  -19.92344 -5.61844  1.000 208.09531 ? 6  DC C O2    1 
ATOM 234 N N3    . DC B 2 6  ? -0.45749  -20.04884 -3.78600  1.000 204.21303 ? 6  DC C N3    1 
ATOM 235 C C4    . DC B 2 6  ? 0.78347   -20.03456 -3.29291  1.000 201.76665 ? 6  DC C C4    1 
ATOM 236 N N4    . DC B 2 6  ? 0.94424   -20.17412 -1.97114  1.000 200.76284 ? 6  DC C N4    1 
ATOM 237 C C5    . DC B 2 6  ? 1.91737   -19.87858 -4.13341  1.000 196.75717 ? 6  DC C C5    1 
ATOM 238 C C6    . DC B 2 6  ? 1.70146   -19.74199 -5.44386  1.000 197.24696 ? 6  DC C C6    1 
ATOM 239 P P     . DG B 2 7  ? 0.04495   -17.25045 -11.66899 1.000 220.38573 ? 7  DG C P     1 
ATOM 240 O OP1   . DG B 2 7  ? 0.77222   -18.20804 -12.53647 1.000 228.70311 ? 7  DG C OP1   1 
ATOM 241 O OP2   . DG B 2 7  ? 0.69675   -15.97973 -11.27660 1.000 215.36040 ? 7  DG C OP2   1 
ATOM 242 O "O5'" . DG B 2 7  ? -1.34600  -16.85007 -12.34855 1.000 228.17737 ? 7  DG C "O5'" 1 
ATOM 243 C "C5'" . DG B 2 7  ? -1.82901  -15.51753 -12.23326 1.000 227.23524 ? 7  DG C "C5'" 1 
ATOM 244 C "C4'" . DG B 2 7  ? -2.88982  -15.41590 -11.15183 1.000 219.27435 ? 7  DG C "C4'" 1 
ATOM 245 O "O4'" . DG B 2 7  ? -2.37431  -15.95708 -9.90141  1.000 207.20605 ? 7  DG C "O4'" 1 
ATOM 246 C "C3'" . DG B 2 7  ? -3.34576  -13.98909 -10.82760 1.000 217.43490 ? 7  DG C "C3'" 1 
ATOM 247 O "O3'" . DG B 2 7  ? -4.75005  -13.96879 -10.59524 1.000 218.73352 ? 7  DG C "O3'" 1 
ATOM 248 C "C2'" . DG B 2 7  ? -2.57635  -13.68334 -9.54919  1.000 210.20624 ? 7  DG C "C2'" 1 
ATOM 249 C "C1'" . DG B 2 7  ? -2.65134  -15.03527 -8.87298  1.000 210.50668 ? 7  DG C "C1'" 1 
ATOM 250 N N9    . DG B 2 7  ? -1.69074  -15.21349 -7.78674  1.000 209.33677 ? 7  DG C N9    1 
ATOM 251 C C8    . DG B 2 7  ? -0.32386  -15.11990 -7.86680  1.000 204.74940 ? 7  DG C C8    1 
ATOM 252 N N7    . DG B 2 7  ? 0.27950   -15.33310 -6.73001  1.000 202.50946 ? 7  DG C N7    1 
ATOM 253 C C5    . DG B 2 7  ? -0.75820  -15.55787 -5.83090  1.000 209.21098 ? 7  DG C C5    1 
ATOM 254 C C6    . DG B 2 7  ? -0.71932  -15.83352 -4.44364  1.000 212.56188 ? 7  DG C C6    1 
ATOM 255 O O6    . DG B 2 7  ? 0.27208   -15.93179 -3.70976  1.000 207.87614 ? 7  DG C O6    1 
ATOM 256 N N1    . DG B 2 7  ? -1.99986  -15.99155 -3.90950  1.000 217.10754 ? 7  DG C N1    1 
ATOM 257 C C2    . DG B 2 7  ? -3.16975  -15.90312 -4.62780  1.000 217.49750 ? 7  DG C C2    1 
ATOM 258 N N2    . DG B 2 7  ? -4.31209  -16.09137 -3.94169  1.000 214.33966 ? 7  DG C N2    1 
ATOM 259 N N3    . DG B 2 7  ? -3.21792  -15.64636 -5.93110  1.000 216.11932 ? 7  DG C N3    1 
ATOM 260 C C4    . DG B 2 7  ? -1.97820  -15.48809 -6.46548  1.000 214.47081 ? 7  DG C C4    1 
ATOM 261 P P     . DG B 2 8  ? -5.55044  -12.57441 -10.57197 1.000 236.38655 ? 8  DG C P     1 
ATOM 262 O OP1   . DG B 2 8  ? -6.99274  -12.88366 -10.44257 1.000 239.46909 ? 8  DG C OP1   1 
ATOM 263 O OP2   . DG B 2 8  ? -5.06304  -11.77150 -11.71549 1.000 245.61948 ? 8  DG C OP2   1 
ATOM 264 O "O5'" . DG B 2 8  ? -5.04336  -11.85183 -9.23405  1.000 224.11628 ? 8  DG C "O5'" 1 
ATOM 265 C "C5'" . DG B 2 8  ? -5.76053  -10.74679 -8.69421  1.000 223.00258 ? 8  DG C "C5'" 1 
ATOM 266 C "C4'" . DG B 2 8  ? -6.58852  -11.18059 -7.49636  1.000 215.32744 ? 8  DG C "C4'" 1 
ATOM 267 O "O4'" . DG B 2 8  ? -6.23446  -12.54449 -7.12975  1.000 209.49823 ? 8  DG C "O4'" 1 
ATOM 268 C "C3'" . DG B 2 8  ? -6.36831  -10.36150 -6.23029  1.000 217.09003 ? 8  DG C "C3'" 1 
ATOM 269 O "O3'" . DG B 2 8  ? -7.28202  -9.24434  -6.17586  1.000 217.57746 ? 8  DG C "O3'" 1 
ATOM 270 C "C2'" . DG B 2 8  ? -6.62421  -11.39365 -5.14095  1.000 212.42328 ? 8  DG C "C2'" 1 
ATOM 271 C "C1'" . DG B 2 8  ? -5.95259  -12.60500 -5.74406  1.000 209.08075 ? 8  DG C "C1'" 1 
ATOM 272 N N9    . DG B 2 8  ? -4.50291  -12.60958 -5.57733  1.000 211.86773 ? 8  DG C N9    1 
ATOM 273 C C8    . DG B 2 8  ? -3.56402  -12.46390 -6.56459  1.000 209.31518 ? 8  DG C C8    1 
ATOM 274 N N7    . DG B 2 8  ? -2.33884  -12.51451 -6.12912  1.000 209.27489 ? 8  DG C N7    1 
ATOM 275 C C5    . DG B 2 8  ? -2.46930  -12.70964 -4.76379  1.000 210.49351 ? 8  DG C C5    1 
ATOM 276 C C6    . DG B 2 8  ? -1.47592  -12.84216 -3.76510  1.000 214.96563 ? 8  DG C C6    1 
ATOM 277 O O6    . DG B 2 8  ? -0.24307  -12.81582 -3.90619  1.000 206.97406 ? 8  DG C O6    1 
ATOM 278 N N1    . DG B 2 8  ? -2.02979  -13.02617 -2.50454  1.000 217.15067 ? 8  DG C N1    1 
ATOM 279 C C2    . DG B 2 8  ? -3.37915  -13.07262 -2.23836  1.000 220.03410 ? 8  DG C C2    1 
ATOM 280 N N2    . DG B 2 8  ? -3.72352  -13.25733 -0.95769  1.000 216.61540 ? 8  DG C N2    1 
ATOM 281 N N3    . DG B 2 8  ? -4.32582  -12.94969 -3.16729  1.000 214.73338 ? 8  DG C N3    1 
ATOM 282 C C4    . DG B 2 8  ? -3.79860  -12.77066 -4.40100  1.000 217.17258 ? 8  DG C C4    1 
ATOM 283 P P     . DA B 2 9  ? -8.75096  -9.37456  -5.52399  1.000 232.23739 ? 9  DA C P     1 
ATOM 284 O OP1   . DA B 2 9  ? -9.38290  -10.63410 -5.98428  1.000 225.97863 ? 9  DA C OP1   1 
ATOM 285 O OP2   . DA B 2 9  ? -9.45313  -8.10042  -5.79065  1.000 229.57249 ? 9  DA C OP2   1 
ATOM 286 O "O5'" . DA B 2 9  ? -8.48505  -9.40661  -3.94210  1.000 229.71806 ? 9  DA C "O5'" 1 
ATOM 287 C "C5'" . DA B 2 9  ? -9.47510  -9.92400  -3.05973  1.000 215.52013 ? 9  DA C "C5'" 1 
ATOM 288 C "C4'" . DA B 2 9  ? -8.91482  -10.09236 -1.65647  1.000 215.33487 ? 9  DA C "C4'" 1 
ATOM 289 O "O4'" . DA B 2 9  ? -7.55550  -10.60180 -1.73717  1.000 228.11810 ? 9  DA C "O4'" 1 
ATOM 290 C "C3'" . DA B 2 9  ? -8.83328  -8.80180  -0.84516  1.000 217.44083 ? 9  DA C "C3'" 1 
ATOM 291 O "O3'" . DA B 2 9  ? -9.19958  -9.03253  0.50936   1.000 205.02986 ? 9  DA C "O3'" 1 
ATOM 292 C "C2'" . DA B 2 9  ? -7.36919  -8.39065  -0.97131  1.000 235.83783 ? 9  DA C "C2'" 1 
ATOM 293 C "C1'" . DA B 2 9  ? -6.67105  -9.73722  -1.05100  1.000 240.17028 ? 9  DA C "C1'" 1 
ATOM 294 N N9    . DA B 2 9  ? -5.40720  -9.68289  -1.78046  1.000 256.06110 ? 9  DA C N9    1 
ATOM 295 C C8    . DA B 2 9  ? -5.23678  -9.46226  -3.11376  1.000 257.81176 ? 9  DA C C8    1 
ATOM 296 N N7    . DA B 2 9  ? -3.98519  -9.46492  -3.50157  1.000 261.56768 ? 9  DA C N7    1 
ATOM 297 C C5    . DA B 2 9  ? -3.28255  -9.68661  -2.33262  1.000 266.51446 ? 9  DA C C5    1 
ATOM 298 C C6    . DA B 2 9  ? -1.90674  -9.79354  -2.05765  1.000 264.82362 ? 9  DA C C6    1 
ATOM 299 N N6    . DA B 2 9  ? -0.95678  -9.68395  -2.99249  1.000 255.89973 ? 9  DA C N6    1 
ATOM 300 N N1    . DA B 2 9  ? -1.54396  -10.01797 -0.77844  1.000 266.06200 ? 9  DA C N1    1 
ATOM 301 C C2    . DA B 2 9  ? -2.49573  -10.12727 0.15511   1.000 274.78321 ? 9  DA C C2    1 
ATOM 302 N N3    . DA B 2 9  ? -3.81482  -10.04336 0.01664   1.000 269.46651 ? 9  DA C N3    1 
ATOM 303 C C4    . DA B 2 9  ? -4.14394  -9.82459  -1.26284  1.000 265.87703 ? 9  DA C C4    1 
ATOM 304 P P     . DC B 2 10 ? -9.58871  -7.78121  1.44361   1.000 235.98301 ? 10 DC C P     1 
ATOM 305 O OP1   . DC B 2 10 ? -10.66847 -8.20503  2.36465   1.000 235.36952 ? 10 DC C OP1   1 
ATOM 306 O OP2   . DC B 2 10 ? -9.80141  -6.62315  0.54159   1.000 238.88726 ? 10 DC C OP2   1 
ATOM 307 O "O5'" . DC B 2 10 ? -8.25715  -7.49089  2.28752   1.000 243.90787 ? 10 DC C "O5'" 1 
ATOM 308 C "C5'" . DC B 2 10 ? -8.19148  -7.83655  3.66814   1.000 237.83360 ? 10 DC C "C5'" 1 
ATOM 309 C "C4'" . DC B 2 10 ? -6.76998  -7.70848  4.18006   1.000 252.12147 ? 10 DC C "C4'" 1 
ATOM 310 O "O4'" . DC B 2 10 ? -5.87029  -8.07056  3.12209   1.000 267.76246 ? 10 DC C "O4'" 1 
ATOM 311 C "C3'" . DC B 2 10 ? -6.35670  -6.29625  4.59506   1.000 254.13472 ? 10 DC C "C3'" 1 
ATOM 312 O "O3'" . DC B 2 10 ? -6.44570  -6.14861  6.01573   1.000 243.52586 ? 10 DC C "O3'" 1 
ATOM 313 C "C2'" . DC B 2 10 ? -4.90424  -6.16007  4.11564   1.000 271.02290 ? 10 DC C "C2'" 1 
ATOM 314 C "C1'" . DC B 2 10 ? -4.63541  -7.45149  3.34297   1.000 279.96745 ? 10 DC C "C1'" 1 
ATOM 315 N N1    . DC B 2 10 ? -3.99569  -7.22001  2.03115   1.000 292.33489 ? 10 DC C N1    1 
ATOM 316 C C2    . DC B 2 10 ? -2.60969  -7.20298  1.94517   1.000 298.18282 ? 10 DC C C2    1 
ATOM 317 O O2    . DC B 2 10 ? -1.95104  -7.38119  2.97527   1.000 289.07806 ? 10 DC C O2    1 
ATOM 318 N N3    . DC B 2 10 ? -2.02903  -6.99090  0.73874   1.000 301.75463 ? 10 DC C N3    1 
ATOM 319 C C4    . DC B 2 10 ? -2.78803  -6.80573  -0.34485  1.000 307.01362 ? 10 DC C C4    1 
ATOM 320 N N4    . DC B 2 10 ? -2.17240  -6.59956  -1.51468  1.000 304.76028 ? 10 DC C N4    1 
ATOM 321 C C5    . DC B 2 10 ? -4.21217  -6.81808  -0.27350  1.000 301.68550 ? 10 DC C C5    1 
ATOM 322 C C6    . DC B 2 10 ? -4.76748  -7.03004  0.92310   1.000 291.33747 ? 10 DC C C6    1 
ATOM 323 P P     . DA B 2 11 ? -6.23636  -4.70578  6.69489   1.000 275.84061 ? 11 DA C P     1 
ATOM 324 O OP1   . DA B 2 11 ? -6.85032  -4.73405  8.03953   1.000 268.32610 ? 11 DA C OP1   1 
ATOM 325 O OP2   . DA B 2 11 ? -6.66098  -3.68364  5.71525   1.000 284.74602 ? 11 DA C OP2   1 
ATOM 326 O "O5'" . DA B 2 11 ? -4.65019  -4.57365  6.86035   1.000 285.04516 ? 11 DA C "O5'" 1 
ATOM 327 C "C5'" . DA B 2 11 ? -3.96607  -5.30692  7.87994   1.000 281.36655 ? 11 DA C "C5'" 1 
ATOM 328 C "C4'" . DA B 2 11 ? -2.49468  -4.91577  7.93372   1.000 294.95322 ? 11 DA C "C4'" 1 
ATOM 329 O "O4'" . DA B 2 11 ? -1.90145  -5.07857  6.61475   1.000 300.51651 ? 11 DA C "O4'" 1 
ATOM 330 C "C3'" . DA B 2 11 ? -2.22223  -3.46208  8.33088   1.000 304.74960 ? 11 DA C "C3'" 1 
ATOM 331 O "O3'" . DA B 2 11 ? -0.99668  -3.36662  9.06222   1.000 312.19677 ? 11 DA C "O3'" 1 
ATOM 332 C "C2'" . DA B 2 11 ? -2.10457  -2.77581  6.97887   1.000 313.27133 ? 11 DA C "C2'" 1 
ATOM 333 C "C1'" . DA B 2 11 ? -1.36625  -3.84190  6.18791   1.000 313.23272 ? 11 DA C "C1'" 1 
ATOM 334 N N9    . DA B 2 11 ? -1.54541  -3.71776  4.74806   1.000 315.39334 ? 11 DA C N9    1 
ATOM 335 C C8    . DA B 2 11 ? -2.72263  -3.55696  4.07329   1.000 314.69131 ? 11 DA C C8    1 
ATOM 336 N N7    . DA B 2 11 ? -2.57940  -3.46228  2.77457   1.000 321.21071 ? 11 DA C N7    1 
ATOM 337 C C5    . DA B 2 11 ? -1.21211  -3.56317  2.58441   1.000 325.02122 ? 11 DA C C5    1 
ATOM 338 C C6    . DA B 2 11 ? -0.41113  -3.53697  1.42980   1.000 331.02294 ? 11 DA C C6    1 
ATOM 339 N N6    . DA B 2 11 ? -0.90237  -3.39322  0.19508   1.000 334.90304 ? 11 DA C N6    1 
ATOM 340 N N1    . DA B 2 11 ? 0.92088   -3.66501  1.59227   1.000 332.41678 ? 11 DA C N1    1 
ATOM 341 C C2    . DA B 2 11 ? 1.41178   -3.80789  2.82844   1.000 330.74223 ? 11 DA C C2    1 
ATOM 342 N N3    . DA B 2 11 ? 0.76061   -3.84741  3.98688   1.000 327.37075 ? 11 DA C N3    1 
ATOM 343 C C4    . DA B 2 11 ? -0.56096  -3.71963  3.79270   1.000 321.88958 ? 11 DA C C4    1 
ATOM 344 P P     . DG B 2 12 ? -0.68584  -2.07864  9.97641   1.000 310.72134 ? 12 DG C P     1 
ATOM 345 O OP1   . DG B 2 12 ? -1.24884  -2.34269  11.31707  1.000 302.17058 ? 12 DG C OP1   1 
ATOM 346 O OP2   . DG B 2 12 ? -1.10145  -0.85949  9.24704   1.000 316.52719 ? 12 DG C OP2   1 
ATOM 347 O "O5'" . DG B 2 12 ? 0.91388   -2.04690  10.09187  1.000 320.36974 ? 12 DG C "O5'" 1 
ATOM 348 C "C5'" . DG B 2 12 ? 1.71066   -2.96124  9.34624   1.000 321.50035 ? 12 DG C "C5'" 1 
ATOM 349 C "C4'" . DG B 2 12 ? 2.79141   -2.23274  8.55963   1.000 332.85897 ? 12 DG C "C4'" 1 
ATOM 350 O "O4'" . DG B 2 12 ? 2.39558   -2.13993  7.16454   1.000 332.90523 ? 12 DG C "O4'" 1 
ATOM 351 C "C3'" . DG B 2 12 ? 3.08401   -0.79386  9.00205   1.000 340.96815 ? 12 DG C "C3'" 1 
ATOM 352 O "O3'" . DG B 2 12 ? 4.48298   -0.52047  8.84534   1.000 348.52050 ? 12 DG C "O3'" 1 
ATOM 353 C "C2'" . DG B 2 12 ? 2.24785   0.01718   8.01712   1.000 343.10272 ? 12 DG C "C2'" 1 
ATOM 354 C "C1'" . DG B 2 12 ? 2.46978   -0.79529  6.75763   1.000 341.96532 ? 12 DG C "C1'" 1 
ATOM 355 N N9    . DG B 2 12 ? 1.48988   -0.55174  5.70529   1.000 341.65889 ? 12 DG C N9    1 
ATOM 356 C C8    . DG B 2 12 ? 0.13638   -0.35893  5.84096   1.000 335.50901 ? 12 DG C C8    1 
ATOM 357 N N7    . DG B 2 12 ? -0.47287  -0.15231  4.70396   1.000 336.15101 ? 12 DG C N7    1 
ATOM 358 C C5    . DG B 2 12 ? 0.54509   -0.21272  3.76073   1.000 342.91226 ? 12 DG C C5    1 
ATOM 359 C C6    . DG B 2 12 ? 0.50270   -0.06486  2.35436   1.000 346.16302 ? 12 DG C C6    1 
ATOM 360 O O6    . DG B 2 12 ? -0.47900  0.15649   1.63221   1.000 345.54293 ? 12 DG C O6    1 
ATOM 361 N N1    . DG B 2 12 ? 1.76803   -0.20069  1.78719   1.000 349.13139 ? 12 DG C N1    1 
ATOM 362 C C2    . DG B 2 12 ? 2.92594   -0.44702  2.49071   1.000 348.60058 ? 12 DG C C2    1 
ATOM 363 N N2    . DG B 2 12 ? 4.05752   -0.54989  1.77991   1.000 350.04094 ? 12 DG C N2    1 
ATOM 364 N N3    . DG B 2 12 ? 2.97227   -0.58937  3.80131   1.000 348.18935 ? 12 DG C N3    1 
ATOM 365 C C4    . DG B 2 12 ? 1.75185   -0.46390  4.36615   1.000 344.31441 ? 12 DG C C4    1 
ATOM 366 P P     . DC B 2 13 ? 5.11457   0.89571   9.27769   1.000 352.37626 ? 13 DC C P     1 
ATOM 367 O OP1   . DC B 2 13 ? 6.19793   0.57546   10.23094  1.000 353.39069 ? 13 DC C OP1   1 
ATOM 368 O OP2   . DC B 2 13 ? 4.05560   1.85007   9.68484   1.000 350.41917 ? 13 DC C OP2   1 
ATOM 369 O "O5'" . DC B 2 13 ? 5.79884   1.43824   7.93380   1.000 360.56565 ? 13 DC C "O5'" 1 
ATOM 370 C "C5'" . DC B 2 13 ? 7.15652   1.10034   7.65041   1.000 363.46392 ? 13 DC C "C5'" 1 
ATOM 371 C "C4'" . DC B 2 13 ? 7.51466   1.38411   6.19901   1.000 367.39171 ? 13 DC C "C4'" 1 
ATOM 372 O "O4'" . DC B 2 13 ? 6.50071   0.83872   5.32590   1.000 362.30302 ? 13 DC C "O4'" 1 
ATOM 373 C "C3'" . DC B 2 13 ? 7.58369   2.85084   5.82284   1.000 376.29000 ? 13 DC C "C3'" 1 
ATOM 374 O "O3'" . DC B 2 13 ? 8.85960   3.38590   6.15050   1.000 381.96790 ? 13 DC C "O3'" 1 
ATOM 375 C "C2'" . DC B 2 13 ? 7.38548   2.79443   4.31485   1.000 374.22174 ? 13 DC C "C2'" 1 
ATOM 376 C "C1'" . DC B 2 13 ? 6.42121   1.62591   4.14743   1.000 366.33657 ? 13 DC C "C1'" 1 
ATOM 377 N N1    . DC B 2 13 ? 4.99232   2.03538   3.93004   1.000 365.13020 ? 13 DC C N1    1 
ATOM 378 C C2    . DC B 2 13 ? 4.55191   2.35105   2.63954   1.000 365.14805 ? 13 DC C C2    1 
ATOM 379 O O2    . DC B 2 13 ? 5.35414   2.29612   1.70070   1.000 366.38717 ? 13 DC C O2    1 
ATOM 380 N N3    . DC B 2 13 ? 3.25045   2.70318   2.45594   1.000 364.15766 ? 13 DC C N3    1 
ATOM 381 C C4    . DC B 2 13 ? 2.41649   2.74484   3.49819   1.000 360.58236 ? 13 DC C C4    1 
ATOM 382 N N4    . DC B 2 13 ? 1.14358   3.09649   3.27222   1.000 357.42729 ? 13 DC C N4    1 
ATOM 383 C C5    . DC B 2 13 ? 2.85132   2.43405   4.82085   1.000 359.17729 ? 13 DC C C5    1 
ATOM 384 C C6    . DC B 2 13 ? 4.13171   2.08141   4.98807   1.000 362.78230 ? 13 DC C C6    1 
ATOM 385 P P     . DA B 2 14 ? 9.05795   4.97392   6.30534   1.000 381.62219 ? 14 DA C P     1 
ATOM 386 O OP1   . DA B 2 14 ? 10.30503  5.20519   7.07039   1.000 388.56977 ? 14 DA C OP1   1 
ATOM 387 O OP2   . DA B 2 14 ? 7.77875   5.53043   6.80483   1.000 380.41193 ? 14 DA C OP2   1 
ATOM 388 O "O5'" . DA B 2 14 ? 9.24703   5.49820   4.80084   1.000 388.93746 ? 14 DA C "O5'" 1 
ATOM 389 C "C5'" . DA B 2 14 ? 10.15521  4.84604   3.91790   1.000 388.73231 ? 14 DA C "C5'" 1 
ATOM 390 C "C4'" . DA B 2 14 ? 9.80063   5.13776   2.46711   1.000 392.24821 ? 14 DA C "C4'" 1 
ATOM 391 O "O4'" . DA B 2 14 ? 8.42036   4.75990   2.20592   1.000 382.98522 ? 14 DA C "O4'" 1 
ATOM 392 C "C3'" . DA B 2 14 ? 9.92117   6.60214   2.05792   1.000 406.85017 ? 14 DA C "C3'" 1 
ATOM 393 O "O3'" . DA B 2 14 ? 10.46886  6.68492   0.75072   1.000 413.23529 ? 14 DA C "O3'" 1 
ATOM 394 C "C2'" . DA B 2 14 ? 8.47380   7.09256   2.10087   1.000 404.28987 ? 14 DA C "C2'" 1 
ATOM 395 C "C1'" . DA B 2 14 ? 7.72408   5.85185   1.64589   1.000 390.46945 ? 14 DA C "C1'" 1 
ATOM 396 N N9    . DA B 2 14 ? 6.32770   5.79684   2.09144   1.000 382.76998 ? 14 DA C N9    1 
ATOM 397 C C8    . DA B 2 14 ? 5.86699   5.47953   3.34068   1.000 375.83900 ? 14 DA C C8    1 
ATOM 398 N N7    . DA B 2 14 ? 4.55835   5.49941   3.44771   1.000 370.28881 ? 14 DA C N7    1 
ATOM 399 C C5    . DA B 2 14 ? 4.12739   5.85513   2.18012   1.000 373.57620 ? 14 DA C C5    1 
ATOM 400 C C6    . DA B 2 14 ? 2.84299   6.05232   1.63317   1.000 370.88662 ? 14 DA C C6    1 
ATOM 401 N N6    . DA B 2 14 ? 1.71473   5.90876   2.33365   1.000 363.91789 ? 14 DA C N6    1 
ATOM 402 N N1    . DA B 2 14 ? 2.76266   6.40427   0.33184   1.000 376.12662 ? 14 DA C N1    1 
ATOM 403 C C2    . DA B 2 14 ? 3.89614   6.54524   -0.36722  1.000 383.75723 ? 14 DA C C2    1 
ATOM 404 N N3    . DA B 2 14 ? 5.15773   6.38837   0.03614   1.000 387.02578 ? 14 DA C N3    1 
ATOM 405 C C4    . DA B 2 14 ? 5.20435   6.03776   1.33139   1.000 381.38133 ? 14 DA C C4    1 
ATOM 406 P P     . DC B 2 15 ? 11.12691  8.05424   0.23456   1.000 430.74305 ? 15 DC C P     1 
ATOM 407 O OP1   . DC B 2 15 ? 12.16403  7.72337   -0.76746  1.000 435.73443 ? 15 DC C OP1   1 
ATOM 408 O OP2   . DC B 2 15 ? 11.47771  8.86399   1.42057   1.000 437.55297 ? 15 DC C OP2   1 
ATOM 409 O "O5'" . DC B 2 15 ? 9.91945   8.78392   -0.50368  1.000 433.42744 ? 15 DC C "O5'" 1 
ATOM 410 C "C5'" . DC B 2 15 ? 9.15567   8.08557   -1.47562  1.000 425.50984 ? 15 DC C "C5'" 1 
ATOM 411 C "C4'" . DC B 2 15 ? 8.03391   8.96481   -1.98147  1.000 429.65044 ? 15 DC C "C4'" 1 
ATOM 412 O "O4'" . DC B 2 15 ? 6.81042   8.65483   -1.26035  1.000 418.64550 ? 15 DC C "O4'" 1 
ATOM 413 C "C3'" . DC B 2 15 ? 8.26995   10.46630  -1.77546  1.000 444.91600 ? 15 DC C "C3'" 1 
ATOM 414 O "O3'" . DC B 2 15 ? 7.81396   11.19139  -2.90890  1.000 453.17422 ? 15 DC C "O3'" 1 
ATOM 415 C "C2'" . DC B 2 15 ? 7.41871   10.76897  -0.54813  1.000 440.31092 ? 15 DC C "C2'" 1 
ATOM 416 C "C1'" . DC B 2 15 ? 6.24036   9.86328   -0.82706  1.000 426.31070 ? 15 DC C "C1'" 1 
ATOM 417 N N1    . DC B 2 15 ? 5.35214   9.61169   0.34625   1.000 416.88417 ? 15 DC C N1    1 
ATOM 418 C C2    . DC B 2 15 ? 3.97461   9.72209   0.17525   1.000 411.96305 ? 15 DC C C2    1 
ATOM 419 O O2    . DC B 2 15 ? 3.54583   10.01844  -0.94432  1.000 415.40047 ? 15 DC C O2    1 
ATOM 420 N N3    . DC B 2 15 ? 3.15641   9.50124   1.23351   1.000 404.06936 ? 15 DC C N3    1 
ATOM 421 C C4    . DC B 2 15 ? 3.67624   9.18283   2.42164   1.000 401.25715 ? 15 DC C C4    1 
ATOM 422 N N4    . DC B 2 15 ? 2.83096   8.97282   3.43879   1.000 394.15186 ? 15 DC C N4    1 
ATOM 423 C C5    . DC B 2 15 ? 5.08696   9.06980   2.61929   1.000 406.11426 ? 15 DC C C5    1 
ATOM 424 C C6    . DC B 2 15 ? 5.88022   9.29241   1.56296   1.000 413.76424 ? 15 DC C C6    1 
ATOM 425 P P     . DC B 2 16 ? 8.83905   12.11791  -3.72911  1.000 391.01827 ? 16 DC C P     1 
ATOM 426 O OP1   . DC B 2 16 ? 9.38029   11.28815  -4.82802  1.000 400.99538 ? 16 DC C OP1   1 
ATOM 427 O OP2   . DC B 2 16 ? 9.76208   12.73090  -2.74781  1.000 390.28563 ? 16 DC C OP2   1 
ATOM 428 O "O5'" . DC B 2 16 ? 7.92006   13.27090  -4.36019  1.000 384.74847 ? 16 DC C "O5'" 1 
ATOM 429 C "C5'" . DC B 2 16 ? 6.85845   13.85156  -3.60285  1.000 374.89536 ? 16 DC C "C5'" 1 
ATOM 430 C "C4'" . DC B 2 16 ? 5.51537   13.54629  -4.24481  1.000 372.12282 ? 16 DC C "C4'" 1 
ATOM 431 O "O4'" . DC B 2 16 ? 4.72729   12.74050  -3.33741  1.000 367.97045 ? 16 DC C "O4'" 1 
ATOM 432 C "C3'" . DC B 2 16 ? 4.63672   14.75207  -4.52426  1.000 365.72037 ? 16 DC C "C3'" 1 
ATOM 433 O "O3'" . DC B 2 16 ? 3.62727   14.37438  -5.46373  1.000 366.41891 ? 16 DC C "O3'" 1 
ATOM 434 C "C2'" . DC B 2 16 ? 4.03963   14.98599  -3.14439  1.000 357.38700 ? 16 DC C "C2'" 1 
ATOM 435 C "C1'" . DC B 2 16 ? 3.71977   13.54815  -2.74980  1.000 359.01673 ? 16 DC C "C1'" 1 
ATOM 436 N N1    . DC B 2 16 ? 3.69697   13.26699  -1.27984  1.000 354.61038 ? 16 DC C N1    1 
ATOM 437 C C2    . DC B 2 16 ? 2.46969   13.15181  -0.62680  1.000 347.99383 ? 16 DC C C2    1 
ATOM 438 O O2    . DC B 2 16 ? 1.43566   13.32853  -1.27494  1.000 345.93717 ? 16 DC C O2    1 
ATOM 439 N N3    . DC B 2 16 ? 2.45234   12.85828  0.69939   1.000 345.20737 ? 16 DC C N3    1 
ATOM 440 C C4    . DC B 2 16 ? 3.59868   12.67460  1.35715   1.000 349.20150 ? 16 DC C C4    1 
ATOM 441 N N4    . DC B 2 16 ? 3.53510   12.38692  2.66402   1.000 349.18512 ? 16 DC C N4    1 
ATOM 442 C C5    . DC B 2 16 ? 4.86299   12.77598  0.70197   1.000 354.87560 ? 16 DC C C5    1 
ATOM 443 C C6    . DC B 2 16 ? 4.86357   13.06176  -0.60640  1.000 357.84034 ? 16 DC C C6    1 
ATOM 444 P P     . DT B 2 17 ? 2.85423   15.47364  -6.34588  1.000 364.10768 ? 17 DT C P     1 
ATOM 445 O OP1   . DT B 2 17 ? 2.09516   14.74746  -7.38726  1.000 367.75214 ? 17 DT C OP1   1 
ATOM 446 O OP2   . DT B 2 17 ? 3.81325   16.52283  -6.74221  1.000 366.63395 ? 17 DT C OP2   1 
ATOM 447 O "O5'" . DT B 2 17 ? 1.80897   16.12136  -5.32808  1.000 354.49694 ? 17 DT C "O5'" 1 
ATOM 448 C "C5'" . DT B 2 17 ? 0.78647   15.31553  -4.74573  1.000 350.93018 ? 17 DT C "C5'" 1 
ATOM 449 C "C4'" . DT B 2 17 ? -0.39408  16.17203  -4.32543  1.000 343.32103 ? 17 DT C "C4'" 1 
ATOM 450 O "O4'" . DT B 2 17 ? -0.62958  16.00500  -2.90303  1.000 338.94683 ? 17 DT C "O4'" 1 
ATOM 451 C "C3'" . DT B 2 17 ? -0.19355  17.66576  -4.50648  1.000 341.00269 ? 17 DT C "C3'" 1 
ATOM 452 O "O3'" . DT B 2 17 ? -1.45563  18.30247  -4.57430  1.000 336.28929 ? 17 DT C "O3'" 1 
ATOM 453 C "C2'" . DT B 2 17 ? 0.52433   18.02651  -3.21422  1.000 337.46332 ? 17 DT C "C2'" 1 
ATOM 454 C "C1'" . DT B 2 17 ? -0.28061  17.20236  -2.22223  1.000 333.71990 ? 17 DT C "C1'" 1 
ATOM 455 N N1    . DT B 2 17 ? 0.46373   16.83670  -0.98805  1.000 335.84723 ? 17 DT C N1    1 
ATOM 456 C C2    . DT B 2 17 ? -0.24531  16.52875  0.14768   1.000 334.59056 ? 17 DT C C2    1 
ATOM 457 O O2    . DT B 2 17 ? -1.46296  16.55244  0.20198   1.000 333.06972 ? 17 DT C O2    1 
ATOM 458 N N3    . DT B 2 17 ? 0.52226   16.19292  1.22735   1.000 335.55996 ? 17 DT C N3    1 
ATOM 459 C C4    . DT B 2 17 ? 1.90042   16.13131  1.28824   1.000 339.18227 ? 17 DT C C4    1 
ATOM 460 O O4    . DT B 2 17 ? 2.49740   15.81719  2.31360   1.000 339.98807 ? 17 DT C O4    1 
ATOM 461 C C5    . DT B 2 17 ? 2.58663   16.46232  0.06322   1.000 340.59523 ? 17 DT C C5    1 
ATOM 462 C C7    . DT B 2 17 ? 4.08421   16.43114  0.01276   1.000 343.89809 ? 17 DT C C7    1 
ATOM 463 C C6    . DT B 2 17 ? 1.84401   16.79313  -1.00751  1.000 338.15177 ? 17 DT C C6    1 
ATOM 464 P P     . DC B 2 18 ? -2.03680  18.81988  -5.97861  1.000 341.69517 ? 18 DC C P     1 
ATOM 465 O OP1   . DC B 2 18 ? -2.97883  17.79409  -6.47620  1.000 343.66227 ? 18 DC C OP1   1 
ATOM 466 O OP2   . DC B 2 18 ? -0.89604  19.23129  -6.82413  1.000 347.44510 ? 18 DC C OP2   1 
ATOM 467 O "O5'" . DC B 2 18 ? -2.88250  20.11070  -5.57170  1.000 335.58797 ? 18 DC C "O5'" 1 
ATOM 468 C "C5'" . DC B 2 18 ? -4.06239  19.95167  -4.80557  1.000 330.18015 ? 18 DC C "C5'" 1 
ATOM 469 C "C4'" . DC B 2 18 ? -3.94884  20.65443  -3.46297  1.000 323.95912 ? 18 DC C "C4'" 1 
ATOM 470 O "O4'" . DC B 2 18 ? -2.76522  20.20843  -2.75259  1.000 324.63542 ? 18 DC C "O4'" 1 
ATOM 471 C "C3'" . DC B 2 18 ? -3.84102  22.18515  -3.53166  1.000 322.28771 ? 18 DC C "C3'" 1 
ATOM 472 O "O3'" . DC B 2 18 ? -4.94378  22.77212  -2.86346  1.000 316.85392 ? 18 DC C "O3'" 1 
ATOM 473 C "C2'" . DC B 2 18 ? -2.52193  22.49728  -2.80886  1.000 322.15046 ? 18 DC C "C2'" 1 
ATOM 474 C "C1'" . DC B 2 18 ? -2.35971  21.26852  -1.93353  1.000 320.92872 ? 18 DC C "C1'" 1 
ATOM 475 N N1    . DC B 2 18 ? -0.96176  21.03936  -1.45098  1.000 323.26060 ? 18 DC C N1    1 
ATOM 476 C C2    . DC B 2 18 ? -0.75822  20.58890  -0.14168  1.000 319.98596 ? 18 DC C C2    1 
ATOM 477 O O2    . DC B 2 18 ? -1.74385  20.37595  0.57250   1.000 318.26104 ? 18 DC C O2    1 
ATOM 478 N N3    . DC B 2 18 ? 0.51211   20.39379  0.29902   1.000 322.72739 ? 18 DC C N3    1 
ATOM 479 C C4    . DC B 2 18 ? 1.54155   20.64169  -0.51358  1.000 328.51174 ? 18 DC C C4    1 
ATOM 480 N N4    . DC B 2 18 ? 2.77691   20.43655  -0.04017  1.000 331.72576 ? 18 DC C N4    1 
ATOM 481 C C5    . DC B 2 18 ? 1.35094   21.11143  -1.85057  1.000 331.79934 ? 18 DC C C5    1 
ATOM 482 C C6    . DC B 2 18 ? 0.09497   21.29998  -2.27019  1.000 328.96366 ? 18 DC C C6    1 
ATOM 483 P P     . DG B 2 19 ? -6.23256  23.25290  -3.69114  1.000 309.61890 ? 19 DG C P     1 
ATOM 484 O OP1   . DG B 2 19 ? -6.82946  22.05000  -4.31024  1.000 312.56859 ? 19 DG C OP1   1 
ATOM 485 O OP2   . DG B 2 19 ? -5.81911  24.37928  -4.55555  1.000 312.71829 ? 19 DG C OP2   1 
ATOM 486 O "O5'" . DG B 2 19 ? -7.22184  23.80448  -2.55918  1.000 303.33718 ? 19 DG C "O5'" 1 
ATOM 487 C "C5'" . DG B 2 19 ? -6.72822  24.68651  -1.54041  1.000 299.51512 ? 19 DG C "C5'" 1 
ATOM 488 C "C4'" . DG B 2 19 ? -6.99764  24.12229  -0.15271  1.000 294.56780 ? 19 DG C "C4'" 1 
ATOM 489 O "O4'" . DG B 2 19 ? -5.88899  23.27375  0.25198   1.000 295.61595 ? 19 DG C "O4'" 1 
ATOM 490 C "C3'" . DG B 2 19 ? -7.15727  25.16589  0.94822   1.000 289.83534 ? 19 DG C "C3'" 1 
ATOM 491 O "O3'" . DG B 2 19 ? -8.15934  24.75830  1.87668   1.000 285.74204 ? 19 DG C "O3'" 1 
ATOM 492 C "C2'" . DG B 2 19 ? -5.77851  25.20355  1.59269   1.000 289.77849 ? 19 DG C "C2'" 1 
ATOM 493 C "C1'" . DG B 2 19 ? -5.29787  23.76460  1.43821   1.000 292.18863 ? 19 DG C "C1'" 1 
ATOM 494 N N9    . DG B 2 19 ? -3.84844  23.66249  1.29032   1.000 295.66709 ? 19 DG C N9    1 
ATOM 495 C C8    . DG B 2 19 ? -3.13051  23.91296  0.14786   1.000 300.88712 ? 19 DG C C8    1 
ATOM 496 N N7    . DG B 2 19 ? -1.84888  23.74894  0.28897   1.000 303.74174 ? 19 DG C N7    1 
ATOM 497 C C5    . DG B 2 19 ? -1.69485  23.36859  1.61112   1.000 300.16127 ? 19 DG C C5    1 
ATOM 498 C C6    . DG B 2 19 ? -0.51963  23.06281  2.32826   1.000 301.56505 ? 19 DG C C6    1 
ATOM 499 O O6    . DG B 2 19 ? 0.64470   23.06777  1.90756   1.000 306.53037 ? 19 DG C O6    1 
ATOM 500 N N1    . DG B 2 19 ? -0.78991  22.72520  3.65014   1.000 297.12953 ? 19 DG C N1    1 
ATOM 501 C C2    . DG B 2 19 ? -2.04721  22.68645  4.21111   1.000 291.99659 ? 19 DG C C2    1 
ATOM 502 N N2    . DG B 2 19 ? -2.11043  22.33627  5.50810   1.000 290.16074 ? 19 DG C N2    1 
ATOM 503 N N3    . DG B 2 19 ? -3.16844  22.97806  3.54553   1.000 290.80961 ? 19 DG C N3    1 
ATOM 504 C C4    . DG B 2 19 ? -2.91441  23.30576  2.25113   1.000 295.06227 ? 19 DG C C4    1 
ATOM 505 P P     . DC B 2 20 ? -8.59718  25.73349  3.08073   1.000 280.85438 ? 20 DC C P     1 
ATOM 506 O OP1   . DC B 2 20 ? -9.95737  25.33203  3.50263   1.000 278.52878 ? 20 DC C OP1   1 
ATOM 507 O OP2   . DC B 2 20 ? -8.33973  27.13014  2.66572   1.000 282.04194 ? 20 DC C OP2   1 
ATOM 508 O "O5'" . DC B 2 20 ? -7.57038  25.37859  4.25418   1.000 278.63315 ? 20 DC C "O5'" 1 
ATOM 509 C "C5'" . DC B 2 20 ? -7.36632  26.28724  5.32953   1.000 275.37334 ? 20 DC C "C5'" 1 
ATOM 510 C "C4'" . DC B 2 20 ? -6.09990  25.93083  6.08223   1.000 275.33971 ? 20 DC C "C4'" 1 
ATOM 511 O "O4'" . DC B 2 20 ? -5.10540  25.51075  5.13996   1.000 279.96703 ? 20 DC C "O4'" 1 
ATOM 512 C "C3'" . DC B 2 20 ? -5.45423  27.08471  6.83227   1.000 274.13059 ? 20 DC C "C3'" 1 
ATOM 513 O "O3'" . DC B 2 20 ? -5.94350  27.14020  8.17020   1.000 269.79811 ? 20 DC C "O3'" 1 
ATOM 514 C "C2'" . DC B 2 20 ? -3.95033  26.75836  6.78972   1.000 277.37849 ? 20 DC C "C2'" 1 
ATOM 515 C "C1'" . DC B 2 20 ? -3.83792  25.67323  5.72303   1.000 280.89239 ? 20 DC C "C1'" 1 
ATOM 516 N N1    . DC B 2 20 ? -2.84392  25.93205  4.63445   1.000 286.17141 ? 20 DC C N1    1 
ATOM 517 C C2    . DC B 2 20 ? -1.49008  25.71711  4.88026   1.000 289.12912 ? 20 DC C C2    1 
ATOM 518 O O2    . DC B 2 20 ? -1.14601  25.35961  6.01078   1.000 287.19089 ? 20 DC C O2    1 
ATOM 519 N N3    . DC B 2 20 ? -0.60153  25.90819  3.87513   1.000 294.49902 ? 20 DC C N3    1 
ATOM 520 C C4    . DC B 2 20 ? -1.02751  26.29180  2.66963   1.000 296.71545 ? 20 DC C C4    1 
ATOM 521 N N4    . DC B 2 20 ? -0.11555  26.46986  1.70946   1.000 302.37033 ? 20 DC C N4    1 
ATOM 522 C C5    . DC B 2 20 ? -2.40944  26.50604  2.39626   1.000 293.76402 ? 20 DC C C5    1 
ATOM 523 C C6    . DC B 2 20 ? -3.27231  26.31121  3.39877   1.000 288.64008 ? 20 DC C C6    1 
ATOM 524 P P     . DA B 2 21 ? -7.25710  28.00281  8.50501   1.000 266.81778 ? 21 DA C P     1 
ATOM 525 O OP1   . DA B 2 21 ? -8.37761  27.05167  8.66611   1.000 265.00434 ? 21 DA C OP1   1 
ATOM 526 O OP2   . DA B 2 21 ? -7.34950  29.07443  7.48902   1.000 269.44269 ? 21 DA C OP2   1 
ATOM 527 O "O5'" . DA B 2 21 ? -6.94840  28.66765  9.92984   1.000 263.95602 ? 21 DA C "O5'" 1 
ATOM 528 C "C5'" . DA B 2 21 ? -5.99459  29.72177  10.04513  1.000 265.58984 ? 21 DA C "C5'" 1 
ATOM 529 C "C4'" . DA B 2 21 ? -4.67313  29.19819  10.57792  1.000 266.76809 ? 21 DA C "C4'" 1 
ATOM 530 O "O4'" . DA B 2 21 ? -3.92465  28.59904  9.49057   1.000 270.70321 ? 21 DA C "O4'" 1 
ATOM 531 C "C3'" . DA B 2 21 ? -3.75148  30.25941  11.16002  1.000 267.99633 ? 21 DA C "C3'" 1 
ATOM 532 O "O3'" . DA B 2 21 ? -2.89736  29.67864  12.14048  1.000 267.81704 ? 21 DA C "O3'" 1 
ATOM 533 C "C2'" . DA B 2 21 ? -2.96766  30.70475  9.93581   1.000 272.79666 ? 21 DA C "C2'" 1 
ATOM 534 C "C1'" . DA B 2 21 ? -2.78546  29.38378  9.19934   1.000 274.30271 ? 21 DA C "C1'" 1 
ATOM 535 N N9    . DA B 2 21 ? -2.68683  29.54009  7.75351   1.000 278.08840 ? 21 DA C N9    1 
ATOM 536 C C8    . DA B 2 21 ? -3.69257  29.86879  6.88512   1.000 278.02365 ? 21 DA C C8    1 
ATOM 537 N N7    . DA B 2 21 ? -3.31012  29.92746  5.62991   1.000 282.30820 ? 21 DA C N7    1 
ATOM 538 C C5    . DA B 2 21 ? -1.95581  29.64442  5.68377   1.000 285.44167 ? 21 DA C C5    1 
ATOM 539 C C6    . DA B 2 21 ? -0.96670  29.56416  4.68648   1.000 290.94766 ? 21 DA C C6    1 
ATOM 540 N N6    . DA B 2 21 ? -1.21032  29.77412  3.38937   1.000 294.11769 ? 21 DA C N6    1 
ATOM 541 N N1    . DA B 2 21 ? 0.28861   29.25883  5.07695   1.000 293.59014 ? 21 DA C N1    1 
ATOM 542 C C2    . DA B 2 21 ? 0.52565   29.05012  6.37655   1.000 290.81010 ? 21 DA C C2    1 
ATOM 543 N N3    . DA B 2 21 ? -0.32144  29.10053  7.40425   1.000 285.48922 ? 21 DA C N3    1 
ATOM 544 C C4    . DA B 2 21 ? -1.55878  29.40383  6.98356   1.000 282.99540 ? 21 DA C C4    1 
ATOM 545 O "O5'" . DG C 3 1  ? 3.60360   38.12711  -5.74365  1.000 222.87246 ? 1  DG G "O5'" 1 
ATOM 546 C "C5'" . DG C 3 1  ? 4.57206   38.73941  -4.90358  1.000 223.46705 ? 1  DG G "C5'" 1 
ATOM 547 C "C4'" . DG C 3 1  ? 5.08105   37.75728  -3.86392  1.000 227.19813 ? 1  DG G "C4'" 1 
ATOM 548 O "O4'" . DG C 3 1  ? 4.39979   37.97036  -2.61527  1.000 230.64865 ? 1  DG G "O4'" 1 
ATOM 549 C "C3'" . DG C 3 1  ? 4.85745   36.27759  -4.19953  1.000 228.60887 ? 1  DG G "C3'" 1 
ATOM 550 O "O3'" . DG C 3 1  ? 6.09457   35.66125  -4.54273  1.000 227.69163 ? 1  DG G "O3'" 1 
ATOM 551 C "C2'" . DG C 3 1  ? 4.25850   35.67848  -2.91477  1.000 233.24967 ? 1  DG G "C2'" 1 
ATOM 552 C "C1'" . DG C 3 1  ? 4.46369   36.77669  -1.89152  1.000 234.18130 ? 1  DG G "C1'" 1 
ATOM 553 N N9    . DG C 3 1  ? 3.43987   36.78500  -0.85873  1.000 237.62492 ? 1  DG G N9    1 
ATOM 554 C C8    . DG C 3 1  ? 2.09632   37.00906  -1.02306  1.000 237.90505 ? 1  DG G C8    1 
ATOM 555 N N7    . DG C 3 1  ? 1.42020   36.93942  0.08908   1.000 241.42166 ? 1  DG G N7    1 
ATOM 556 C C5    . DG C 3 1  ? 2.37796   36.64647  1.04965   1.000 243.59546 ? 1  DG G C5    1 
ATOM 557 C C6    . DG C 3 1  ? 2.24027   36.45390  2.44195   1.000 247.59425 ? 1  DG G C6    1 
ATOM 558 O O6    . DG C 3 1  ? 1.20875   36.50166  3.12372   1.000 250.10439 ? 1  DG G O6    1 
ATOM 559 N N1    . DG C 3 1  ? 3.46597   36.17516  3.04572   1.000 248.61077 ? 1  DG G N1    1 
ATOM 560 C C2    . DG C 3 1  ? 4.66749   36.09154  2.38332   1.000 246.09468 ? 1  DG G C2    1 
ATOM 561 N N2    . DG C 3 1  ? 5.74281   35.81195  3.13517   1.000 247.62752 ? 1  DG G N2    1 
ATOM 562 N N3    . DG C 3 1  ? 4.80762   36.27104  1.07773   1.000 242.34882 ? 1  DG G N3    1 
ATOM 563 C C4    . DG C 3 1  ? 3.62518   36.54477  0.47902   1.000 241.30140 ? 1  DG G C4    1 
ATOM 564 P P     . DA C 3 2  ? 6.25233   34.05899  -4.52730  1.000 239.24459 ? 2  DA G P     1 
ATOM 565 O OP1   . DA C 3 2  ? 7.29701   33.71676  -5.51453  1.000 236.42699 ? 2  DA G OP1   1 
ATOM 566 O OP2   . DA C 3 2  ? 4.92157   33.42222  -4.66769  1.000 240.79154 ? 2  DA G OP2   1 
ATOM 567 O "O5'" . DA C 3 2  ? 6.81948   33.75596  -3.06306  1.000 243.04722 ? 2  DA G "O5'" 1 
ATOM 568 C "C5'" . DA C 3 2  ? 7.61235   32.59687  -2.82377  1.000 244.75564 ? 2  DA G "C5'" 1 
ATOM 569 C "C4'" . DA C 3 2  ? 8.28880   32.68910  -1.46713  1.000 248.07148 ? 2  DA G "C4'" 1 
ATOM 570 O "O4'" . DA C 3 2  ? 7.40788   33.37696  -0.55305  1.000 249.63530 ? 2  DA G "O4'" 1 
ATOM 571 C "C3'" . DA C 3 2  ? 8.56041   31.35834  -0.79247  1.000 256.11509 ? 2  DA G "C3'" 1 
ATOM 572 O "O3'" . DA C 3 2  ? 9.54431   31.52284  0.22873   1.000 261.53891 ? 2  DA G "O3'" 1 
ATOM 573 C "C2'" . DA C 3 2  ? 7.19274   31.04020  -0.20108  1.000 254.13533 ? 2  DA G "C2'" 1 
ATOM 574 C "C1'" . DA C 3 2  ? 6.71213   32.42603  0.23453   1.000 253.54260 ? 2  DA G "C1'" 1 
ATOM 575 N N9    . DA C 3 2  ? 5.27972   32.62732  0.04824   1.000 253.84674 ? 2  DA G N9    1 
ATOM 576 C C8    . DA C 3 2  ? 4.62127   32.85914  -1.12518  1.000 250.98281 ? 2  DA G C8    1 
ATOM 577 N N7    . DA C 3 2  ? 3.32421   33.00262  -0.98568  1.000 252.12543 ? 2  DA G N7    1 
ATOM 578 C C5    . DA C 3 2  ? 3.12212   32.85206  0.37506   1.000 256.01478 ? 2  DA G C5    1 
ATOM 579 C C6    . DA C 3 2  ? 1.96524   32.88922  1.17550   1.000 258.93039 ? 2  DA G C6    1 
ATOM 580 N N6    . DA C 3 2  ? 0.73660   33.10292  0.69307   1.000 258.34175 ? 2  DA G N6    1 
ATOM 581 N N1    . DA C 3 2  ? 2.12391   32.69808  2.49948   1.000 262.50364 ? 2  DA G N1    1 
ATOM 582 C C2    . DA C 3 2  ? 3.35391   32.48572  2.97799   1.000 263.08400 ? 2  DA G C2    1 
ATOM 583 N N3    . DA C 3 2  ? 4.50652   32.42640  2.33129   1.000 260.61155 ? 2  DA G N3    1 
ATOM 584 C C4    . DA C 3 2  ? 4.32050   32.61906  1.02186   1.000 257.09923 ? 2  DA G C4    1 
ATOM 585 P P     . DT C 3 3  ? 10.21197  30.24017  0.93254   1.000 288.28047 ? 3  DT G P     1 
ATOM 586 O OP1   . DT C 3 3  ? 11.66901  30.30742  0.67475   1.000 286.10268 ? 3  DT G OP1   1 
ATOM 587 O OP2   . DT C 3 3  ? 9.47297   29.03380  0.49665   1.000 291.23672 ? 3  DT G OP2   1 
ATOM 588 O "O5'" . DT C 3 3  ? 9.97345   30.49189  2.50117   1.000 291.28948 ? 3  DT G "O5'" 1 
ATOM 589 C "C5'" . DT C 3 3  ? 8.66613   30.78597  3.00205   1.000 289.11869 ? 3  DT G "C5'" 1 
ATOM 590 C "C4'" . DT C 3 3  ? 8.17922   29.66277  3.89857   1.000 293.98376 ? 3  DT G "C4'" 1 
ATOM 591 O "O4'" . DT C 3 3  ? 6.73315   29.74459  4.04498   1.000 287.49340 ? 3  DT G "O4'" 1 
ATOM 592 C "C3'" . DT C 3 3  ? 8.46701   28.26337  3.36127   1.000 301.21958 ? 3  DT G "C3'" 1 
ATOM 593 O "O3'" . DT C 3 3  ? 8.85445   27.38319  4.43250   1.000 309.62075 ? 3  DT G "O3'" 1 
ATOM 594 C "C2'" . DT C 3 3  ? 7.13618   27.87099  2.72218   1.000 295.96709 ? 3  DT G "C2'" 1 
ATOM 595 C "C1'" . DT C 3 3  ? 6.15475   28.50597  3.69207   1.000 289.09144 ? 3  DT G "C1'" 1 
ATOM 596 N N1    . DT C 3 3  ? 4.78016   28.75734  3.12211   1.000 279.44734 ? 3  DT G N1    1 
ATOM 597 C C2    . DT C 3 3  ? 3.69733   28.76813  3.96971   1.000 276.04098 ? 3  DT G C2    1 
ATOM 598 O O2    . DT C 3 3  ? 3.78904   28.57452  5.16658   1.000 280.16265 ? 3  DT G O2    1 
ATOM 599 N N3    . DT C 3 3  ? 2.49225   29.01220  3.36345   1.000 275.02828 ? 3  DT G N3    1 
ATOM 600 C C4    . DT C 3 3  ? 2.26358   29.24430  2.02093   1.000 271.42142 ? 3  DT G C4    1 
ATOM 601 O O4    . DT C 3 3  ? 1.14011   29.45609  1.57088   1.000 270.84755 ? 3  DT G O4    1 
ATOM 602 C C5    . DT C 3 3  ? 3.43877   29.22273  1.18598   1.000 268.38461 ? 3  DT G C5    1 
ATOM 603 C C7    . DT C 3 3  ? 3.31326   29.46047  -0.28713  1.000 264.35007 ? 3  DT G C7    1 
ATOM 604 C C6    . DT C 3 3  ? 4.62803   28.98464  1.76841   1.000 274.25140 ? 3  DT G C6    1 
ATOM 605 P P     . DG C 3 4  ? 10.40483  26.98155  4.62056   1.000 305.25544 ? 4  DG G P     1 
ATOM 606 O OP1   . DG C 3 4  ? 11.18221  28.23124  4.79926   1.000 296.96191 ? 4  DG G OP1   1 
ATOM 607 O OP2   . DG C 3 4  ? 10.76554  26.03916  3.53715   1.000 307.04865 ? 4  DG G OP2   1 
ATOM 608 O "O5'" . DG C 3 4  ? 10.44158  26.16507  5.99802   1.000 313.15529 ? 4  DG G "O5'" 1 
ATOM 609 C "C5'" . DG C 3 4  ? 9.91172   24.84600  6.07091   1.000 319.18289 ? 4  DG G "C5'" 1 
ATOM 610 C "C4'" . DG C 3 4  ? 8.91944   24.73947  7.21295   1.000 321.08869 ? 4  DG G "C4'" 1 
ATOM 611 O "O4'" . DG C 3 4  ? 7.70754   25.45582  6.85321   1.000 311.83578 ? 4  DG G "O4'" 1 
ATOM 612 C "C3'" . DG C 3 4  ? 8.46252   23.32476  7.54387   1.000 326.94328 ? 4  DG G "C3'" 1 
ATOM 613 O "O3'" . DG C 3 4  ? 8.03104   23.26138  8.90149   1.000 329.68818 ? 4  DG G "O3'" 1 
ATOM 614 C "C2'" . DG C 3 4  ? 7.29459   23.15487  6.59196   1.000 321.09654 ? 4  DG G "C2'" 1 
ATOM 615 C "C1'" . DG C 3 4  ? 6.64997   24.53257  6.67125   1.000 311.14108 ? 4  DG G "C1'" 1 
ATOM 616 N N9    . DG C 3 4  ? 5.92238   24.87649  5.45683   1.000 302.11942 ? 4  DG G N9    1 
ATOM 617 C C8    . DG C 3 4  ? 6.44713   25.02982  4.20219   1.000 300.87232 ? 4  DG G C8    1 
ATOM 618 N N7    . DG C 3 4  ? 5.55391   25.31049  3.29595   1.000 293.08344 ? 4  DG G N7    1 
ATOM 619 C C5    . DG C 3 4  ? 4.36003   25.34200  3.99412   1.000 288.77097 ? 4  DG G C5    1 
ATOM 620 C C6    . DG C 3 4  ? 3.04713   25.59586  3.53695   1.000 279.20291 ? 4  DG G C6    1 
ATOM 621 O O6    . DG C 3 4  ? 2.67115   25.85930  2.38578   1.000 273.85826 ? 4  DG G O6    1 
ATOM 622 N N1    . DG C 3 4  ? 2.12285   25.52020  4.57298   1.000 277.18920 ? 4  DG G N1    1 
ATOM 623 C C2    . DG C 3 4  ? 2.42719   25.23710  5.88507   1.000 281.96927 ? 4  DG G C2    1 
ATOM 624 N N2    . DG C 3 4  ? 1.40233   25.20930  6.74761   1.000 283.78536 ? 4  DG G N2    1 
ATOM 625 N N3    . DG C 3 4  ? 3.65463   24.99823  6.32322   1.000 292.13630 ? 4  DG G N3    1 
ATOM 626 C C4    . DG C 3 4  ? 4.56712   25.07129  5.32713   1.000 294.31596 ? 4  DG G C4    1 
ATOM 627 P P     . DC C 3 5  ? 7.17401   22.00991  9.44322   1.000 345.47719 ? 5  DC G P     1 
ATOM 628 O OP1   . DC C 3 5  ? 7.40942   21.93467  10.90222  1.000 351.17699 ? 5  DC G OP1   1 
ATOM 629 O OP2   . DC C 3 5  ? 7.46615   20.81940  8.61018   1.000 348.34153 ? 5  DC G OP2   1 
ATOM 630 O "O5'" . DC C 3 5  ? 5.64932   22.43898  9.19129   1.000 334.00584 ? 5  DC G "O5'" 1 
ATOM 631 C "C5'" . DC C 3 5  ? 4.93570   23.16481  10.18774  1.000 328.49275 ? 5  DC G "C5'" 1 
ATOM 632 C "C4'" . DC C 3 5  ? 3.63403   22.46425  10.56226  1.000 325.31995 ? 5  DC G "C4'" 1 
ATOM 633 O "O4'" . DC C 3 5  ? 2.62950   22.67636  9.53731   1.000 315.62108 ? 5  DC G "O4'" 1 
ATOM 634 C "C3'" . DC C 3 5  ? 3.72921   20.96208  10.75356  1.000 332.81929 ? 5  DC G "C3'" 1 
ATOM 635 O "O3'" . DC C 3 5  ? 2.86546   20.56516  11.80268  1.000 332.02438 ? 5  DC G "O3'" 1 
ATOM 636 C "C2'" . DC C 3 5  ? 3.28802   20.39684  9.39756   1.000 330.32362 ? 5  DC G "C2'" 1 
ATOM 637 C "C1'" . DC C 3 5  ? 2.33149   21.46327  8.86157   1.000 318.39047 ? 5  DC G "C1'" 1 
ATOM 638 N N1    . DC C 3 5  ? 2.49109   21.71735  7.40126   1.000 315.62584 ? 5  DC G N1    1 
ATOM 639 C C2    . DC C 3 5  ? 1.36343   21.91955  6.58506   1.000 306.16666 ? 5  DC G C2    1 
ATOM 640 O O2    . DC C 3 5  ? 0.23018   21.86162  7.08610   1.000 302.70602 ? 5  DC G O2    1 
ATOM 641 N N3    . DC C 3 5  ? 1.55548   22.16761  5.26177   1.000 304.14848 ? 5  DC G N3    1 
ATOM 642 C C4    . DC C 3 5  ? 2.79460   22.21898  4.76240   1.000 310.70852 ? 5  DC G C4    1 
ATOM 643 N N4    . DC C 3 5  ? 2.94242   22.46333  3.45827   1.000 309.25385 ? 5  DC G N4    1 
ATOM 644 C C5    . DC C 3 5  ? 3.94094   22.01415  5.57981   1.000 319.46130 ? 5  DC G C5    1 
ATOM 645 C C6    . DC C 3 5  ? 3.74530   21.78050  6.87645   1.000 321.56727 ? 5  DC G C6    1 
ATOM 646 P P     . DG C 3 6  ? 2.79443   19.02865  12.26136  1.000 346.39445 ? 6  DG G P     1 
ATOM 647 O OP1   . DG C 3 6  ? 2.26572   19.01747  13.64491  1.000 345.06404 ? 6  DG G OP1   1 
ATOM 648 O OP2   . DG C 3 6  ? 4.09520   18.38779  11.95624  1.000 359.37693 ? 6  DG G OP2   1 
ATOM 649 O "O5'" . DG C 3 6  ? 1.69315   18.40571  11.28751  1.000 335.45988 ? 6  DG G "O5'" 1 
ATOM 650 C "C5'" . DG C 3 6  ? 0.46496   19.09143  11.09333  1.000 324.96391 ? 6  DG G "C5'" 1 
ATOM 651 C "C4'" . DG C 3 6  ? -0.33327  18.45771  9.97627   1.000 321.30149 ? 6  DG G "C4'" 1 
ATOM 652 O "O4'" . DG C 3 6  ? 0.15080   18.92314  8.68649   1.000 319.10142 ? 6  DG G "O4'" 1 
ATOM 653 C "C3'" . DG C 3 6  ? -0.26643  16.93048  9.92787   1.000 322.58448 ? 6  DG G "C3'" 1 
ATOM 654 O "O3'" . DG C 3 6  ? -1.56630  16.41118  9.69153   1.000 323.82540 ? 6  DG G "O3'" 1 
ATOM 655 C "C2'" . DG C 3 6  ? 0.66545   16.67241  8.74043   1.000 328.14535 ? 6  DG G "C2'" 1 
ATOM 656 C "C1'" . DG C 3 6  ? 0.25611   17.81364  7.83050   1.000 321.70905 ? 6  DG G "C1'" 1 
ATOM 657 N N9    . DG C 3 6  ? 1.20360   18.11707  6.75496   1.000 325.32051 ? 6  DG G N9    1 
ATOM 658 C C8    . DG C 3 6  ? 2.57814   18.07453  6.81044   1.000 333.02020 ? 6  DG G C8    1 
ATOM 659 N N7    . DG C 3 6  ? 3.15330   18.40140  5.68164   1.000 333.91621 ? 6  DG G N7    1 
ATOM 660 C C5    . DG C 3 6  ? 2.09180   18.67763  4.82519   1.000 326.78412 ? 6  DG G C5    1 
ATOM 661 C C6    . DG C 3 6  ? 2.09151   19.08539  3.46556   1.000 324.86859 ? 6  DG G C6    1 
ATOM 662 O O6    . DG C 3 6  ? 3.06179   19.28869  2.72259   1.000 328.60136 ? 6  DG G O6    1 
ATOM 663 N N1    . DG C 3 6  ? 0.79442   19.25675  2.97707   1.000 316.02085 ? 6  DG G N1    1 
ATOM 664 C C2    . DG C 3 6  ? -0.35336  19.05843  3.71119   1.000 311.50607 ? 6  DG G C2    1 
ATOM 665 N N2    . DG C 3 6  ? -1.51922  19.26590  3.07986   1.000 308.37671 ? 6  DG G N2    1 
ATOM 666 N N3    . DG C 3 6  ? -0.36274  18.67581  4.98067   1.000 313.42022 ? 6  DG G N3    1 
ATOM 667 C C4    . DG C 3 6  ? 0.88918   18.50576  5.47135   1.000 321.32969 ? 6  DG G C4    1 
ATOM 668 P P     . DA C 3 7  ? -2.58878  16.16712  10.91009  1.000 324.54677 ? 7  DA G P     1 
ATOM 669 O OP1   . DA C 3 7  ? -2.82928  17.45994  11.58841  1.000 324.53576 ? 7  DA G OP1   1 
ATOM 670 O OP2   . DA C 3 7  ? -2.09401  15.01513  11.69503  1.000 327.82700 ? 7  DA G OP2   1 
ATOM 671 O "O5'" . DA C 3 7  ? -3.94568  15.73110  10.18447  1.000 324.56471 ? 7  DA G "O5'" 1 
ATOM 672 C "C5'" . DA C 3 7  ? -4.94683  16.70694  9.90844   1.000 323.28219 ? 7  DA G "C5'" 1 
ATOM 673 C "C4'" . DA C 3 7  ? -5.73925  16.36316  8.65213   1.000 322.60662 ? 7  DA G "C4'" 1 
ATOM 674 O "O4'" . DA C 3 7  ? -4.88676  16.44539  7.48379   1.000 322.91603 ? 7  DA G "O4'" 1 
ATOM 675 C "C3'" . DA C 3 7  ? -6.35256  14.97036  8.60575   1.000 324.19355 ? 7  DA G "C3'" 1 
ATOM 676 O "O3'" . DA C 3 7  ? -7.54859  15.01400  7.82013   1.000 323.26801 ? 7  DA G "O3'" 1 
ATOM 677 C "C2'" . DA C 3 7  ? -5.25525  14.15054  7.92937   1.000 325.70279 ? 7  DA G "C2'" 1 
ATOM 678 C "C1'" . DA C 3 7  ? -4.69079  15.15317  6.92914   1.000 324.72704 ? 7  DA G "C1'" 1 
ATOM 679 N N9    . DA C 3 7  ? -3.26515  15.00542  6.68408   1.000 326.09551 ? 7  DA G N9    1 
ATOM 680 C C8    . DA C 3 7  ? -2.31370  14.60002  7.57242   1.000 327.24642 ? 7  DA G C8    1 
ATOM 681 N N7    . DA C 3 7  ? -1.09849  14.59505  7.07911   1.000 327.82399 ? 7  DA G N7    1 
ATOM 682 C C5    . DA C 3 7  ? -1.26919  15.03785  5.77878   1.000 327.49193 ? 7  DA G C5    1 
ATOM 683 C C6    . DA C 3 7  ? -0.36728  15.25609  4.72073   1.000 329.86110 ? 7  DA G C6    1 
ATOM 684 N N6    . DA C 3 7  ? 0.95051   15.04616  4.81415   1.000 339.99299 ? 7  DA G N6    1 
ATOM 685 N N1    . DA C 3 7  ? -0.87750  15.69967  3.55268   1.000 326.46905 ? 7  DA G N1    1 
ATOM 686 C C2    . DA C 3 7  ? -2.19345  15.91055  3.45844   1.000 325.89851 ? 7  DA G C2    1 
ATOM 687 N N3    . DA C 3 7  ? -3.13315  15.74025  4.37850   1.000 326.02017 ? 7  DA G N3    1 
ATOM 688 C C4    . DA C 3 7  ? -2.60037  15.29936  5.52491   1.000 326.22144 ? 7  DA G C4    1 
ATOM 689 P P     . DG C 3 8  ? -8.20182  13.67791  7.20417   1.000 320.93909 ? 8  DG G P     1 
ATOM 690 O OP1   . DG C 3 8  ? -9.61697  13.99515  6.90036   1.000 320.94575 ? 8  DG G OP1   1 
ATOM 691 O OP2   . DG C 3 8  ? -7.89010  12.53049  8.08563   1.000 324.86153 ? 8  DG G OP2   1 
ATOM 692 O "O5'" . DG C 3 8  ? -7.43884  13.48174  5.81168   1.000 320.84605 ? 8  DG G "O5'" 1 
ATOM 693 C "C5'" . DG C 3 8  ? -7.58775  14.45693  4.78640   1.000 319.75263 ? 8  DG G "C5'" 1 
ATOM 694 C "C4'" . DG C 3 8  ? -6.96418  13.98664  3.48706   1.000 321.10522 ? 8  DG G "C4'" 1 
ATOM 695 O "O4'" . DG C 3 8  ? -5.51513  14.00382  3.59596   1.000 322.82393 ? 8  DG G "O4'" 1 
ATOM 696 C "C3'" . DG C 3 8  ? -7.33511  12.55743  3.05866   1.000 323.39795 ? 8  DG G "C3'" 1 
ATOM 697 O "O3'" . DG C 3 8  ? -7.55254  12.53289  1.65681   1.000 322.13219 ? 8  DG G "O3'" 1 
ATOM 698 C "C2'" . DG C 3 8  ? -6.08057  11.76959  3.42259   1.000 326.92948 ? 8  DG G "C2'" 1 
ATOM 699 C "C1'" . DG C 3 8  ? -5.03393  12.79938  3.05600   1.000 326.21783 ? 8  DG G "C1'" 1 
ATOM 700 N N9    . DG C 3 8  ? -3.69794  12.53162  3.56614   1.000 328.97476 ? 8  DG G N9    1 
ATOM 701 C C8    . DG C 3 8  ? -3.34265  12.10555  4.82143   1.000 330.40021 ? 8  DG G C8    1 
ATOM 702 N N7    . DG C 3 8  ? -2.05247  11.95722  4.96961   1.000 331.90228 ? 8  DG G N7    1 
ATOM 703 C C5    . DG C 3 8  ? -1.52911  12.31103  3.72854   1.000 332.11983 ? 8  DG G C5    1 
ATOM 704 C C6    . DG C 3 8  ? -0.18961  12.35386  3.26987   1.000 340.72452 ? 8  DG G C6    1 
ATOM 705 O O6    . DG C 3 8  ? 0.84956   12.07837  3.88634   1.000 350.67440 ? 8  DG G O6    1 
ATOM 706 N N1    . DG C 3 8  ? -0.11857  12.76972  1.94023   1.000 339.86560 ? 8  DG G N1    1 
ATOM 707 C C2    . DG C 3 8  ? -1.19824  13.10147  1.15887   1.000 331.64762 ? 8  DG G C2    1 
ATOM 708 N N2    . DG C 3 8  ? -0.94602  13.48158  -0.09797  1.000 330.94172 ? 8  DG G N2    1 
ATOM 709 N N3    . DG C 3 8  ? -2.44395  13.06596  1.57642   1.000 330.49311 ? 8  DG G N3    1 
ATOM 710 C C4    . DG C 3 8  ? -2.53422  12.66464  2.86256   1.000 330.62339 ? 8  DG G C4    1 
ATOM 711 P P     . DG C 3 9  ? -8.75687  11.68030  1.02601   1.000 324.79193 ? 9  DG G P     1 
ATOM 712 O OP1   . DG C 3 9  ? -9.86557  12.62199  0.77022   1.000 323.58378 ? 9  DG G OP1   1 
ATOM 713 O OP2   . DG C 3 9  ? -8.96883  10.48933  1.87406   1.000 330.16109 ? 9  DG G OP2   1 
ATOM 714 O "O5'" . DG C 3 9  ? -8.17658  11.19434  -0.38072  1.000 326.91870 ? 9  DG G "O5'" 1 
ATOM 715 C "C5'" . DG C 3 9  ? -7.59649  12.14400  -1.27201  1.000 325.67357 ? 9  DG G "C5'" 1 
ATOM 716 C "C4'" . DG C 3 9  ? -6.28111  11.62621  -1.82660  1.000 326.64529 ? 9  DG G "C4'" 1 
ATOM 717 O "O4'" . DG C 3 9  ? -5.29245  11.60482  -0.78088  1.000 328.18932 ? 9  DG G "O4'" 1 
ATOM 718 C "C3'" . DG C 3 9  ? -6.32488  10.18994  -2.35898  1.000 328.50419 ? 9  DG G "C3'" 1 
ATOM 719 O "O3'" . DG C 3 9  ? -6.35861  10.18198  -3.78606  1.000 326.39547 ? 9  DG G "O3'" 1 
ATOM 720 C "C2'" . DG C 3 9  ? -5.03569  9.53751   -1.82472  1.000 332.00335 ? 9  DG G "C2'" 1 
ATOM 721 C "C1'" . DG C 3 9  ? -4.29943  10.69519  -1.16252  1.000 331.46656 ? 9  DG G "C1'" 1 
ATOM 722 N N9    . DG C 3 9  ? -3.52526  10.29260  0.01158   1.000 334.97061 ? 9  DG G N9    1 
ATOM 723 C C8    . DG C 3 9  ? -4.00631  9.93580   1.24940   1.000 336.61761 ? 9  DG G C8    1 
ATOM 724 N N7    . DG C 3 9  ? -3.06579  9.61163   2.09680   1.000 339.23562 ? 9  DG G N7    1 
ATOM 725 C C5    . DG C 3 9  ? -1.88913  9.76218   1.37207   1.000 339.40331 ? 9  DG G C5    1 
ATOM 726 C C6    . DG C 3 9  ? -0.54024  9.55615   1.75629   1.000 347.89212 ? 9  DG G C6    1 
ATOM 727 O O6    . DG C 3 9  ? -0.09953  9.18740   2.85612   1.000 353.14355 ? 9  DG G O6    1 
ATOM 728 N N1    . DG C 3 9  ? 0.33864   9.82731   0.71052   1.000 353.81716 ? 9  DG G N1    1 
ATOM 729 C C2    . DG C 3 9  ? -0.03811  10.24316  -0.54651  1.000 348.30730 ? 9  DG G C2    1 
ATOM 730 N N2    . DG C 3 9  ? 0.94150   10.45471  -1.43094  1.000 356.29595 ? 9  DG G N2    1 
ATOM 731 N N3    . DG C 3 9  ? -1.29104  10.43784  -0.91550  1.000 337.85830 ? 9  DG G N3    1 
ATOM 732 C C4    . DG C 3 9  ? -2.15972  10.17886  0.08694   1.000 337.36553 ? 9  DG G C4    1 
ATOM 733 P P     . DT C 3 10 ? -6.34830  8.78725   -4.58868  1.000 347.65256 ? 10 DT G P     1 
ATOM 734 O OP1   . DT C 3 10 ? -6.94168  9.01840   -5.92615  1.000 347.69271 ? 10 DT G OP1   1 
ATOM 735 O OP2   . DT C 3 10 ? -6.93019  7.75625   -3.69993  1.000 350.58906 ? 10 DT G OP2   1 
ATOM 736 O "O5'" . DT C 3 10 ? -4.79188  8.44615   -4.76924  1.000 349.79115 ? 10 DT G "O5'" 1 
ATOM 737 C "C5'" . DT C 3 10 ? -4.13856  8.73593   -5.99939  1.000 349.48195 ? 10 DT G "C5'" 1 
ATOM 738 C "C4'" . DT C 3 10 ? -2.63517  8.52443   -5.88829  1.000 350.26334 ? 10 DT G "C4'" 1 
ATOM 739 O "O4'" . DT C 3 10 ? -2.19054  8.83023   -4.55266  1.000 352.34229 ? 10 DT G "O4'" 1 
ATOM 740 C "C3'" . DT C 3 10 ? -2.16564  7.10202   -6.10958  1.000 350.32115 ? 10 DT G "C3'" 1 
ATOM 741 O "O3'" . DT C 3 10 ? -2.00558  6.85815   -7.49693  1.000 348.45692 ? 10 DT G "O3'" 1 
ATOM 742 C "C2'" . DT C 3 10 ? -0.81689  7.07917   -5.38245  1.000 352.25536 ? 10 DT G "C2'" 1 
ATOM 743 C "C1'" . DT C 3 10 ? -0.95037  8.18687   -4.33085  1.000 353.75119 ? 10 DT G "C1'" 1 
ATOM 744 N N1    . DT C 3 10 ? -0.89746  7.68679   -2.91508  1.000 358.41057 ? 10 DT G N1    1 
ATOM 745 C C2    . DT C 3 10 ? 0.32818   7.44247   -2.32987  1.000 371.83427 ? 10 DT G C2    1 
ATOM 746 O O2    . DT C 3 10 ? 1.38909   7.61055   -2.90585  1.000 378.77997 ? 10 DT G O2    1 
ATOM 747 N N3    . DT C 3 10 ? 0.26528   6.99155   -1.03500  1.000 375.94365 ? 10 DT G N3    1 
ATOM 748 C C4    . DT C 3 10 ? -0.87412  6.76844   -0.28404  1.000 366.51640 ? 10 DT G C4    1 
ATOM 749 O O4    . DT C 3 10 ? -0.83143  6.36320   0.87264   1.000 369.39977 ? 10 DT G O4    1 
ATOM 750 C C5    . DT C 3 10 ? -2.12104  7.04346   -0.95589  1.000 360.12905 ? 10 DT G C5    1 
ATOM 751 C C7    . DT C 3 10 ? -3.41886  6.83541   -0.23589  1.000 360.94034 ? 10 DT G C7    1 
ATOM 752 C C6    . DT C 3 10 ? -2.07438  7.48448   -2.22330  1.000 358.25207 ? 10 DT G C6    1 
ATOM 753 P P     . DG C 3 11 ? -2.15775  5.36944   -8.07868  1.000 333.76227 ? 11 DG G P     1 
ATOM 754 O OP1   . DG C 3 11 ? -2.36495  5.50328   -9.53994  1.000 334.38890 ? 11 DG G OP1   1 
ATOM 755 O OP2   . DG C 3 11 ? -3.15737  4.66059   -7.24604  1.000 337.29067 ? 11 DG G OP2   1 
ATOM 756 O "O5'" . DG C 3 11 ? -0.72948  4.69755   -7.79910  1.000 334.20679 ? 11 DG G "O5'" 1 
ATOM 757 C "C5'" . DG C 3 11 ? 0.45581   5.33551   -8.26140  1.000 334.71189 ? 11 DG G "C5'" 1 
ATOM 758 C "C4'" . DG C 3 11 ? 1.66427   4.92453   -7.43213  1.000 343.41972 ? 11 DG G "C4'" 1 
ATOM 759 O "O4'" . DG C 3 11 ? 1.41115   5.17166   -6.02633  1.000 346.60134 ? 11 DG G "O4'" 1 
ATOM 760 C "C3'" . DG C 3 11 ? 2.06695   3.44937   -7.54230  1.000 343.64756 ? 11 DG G "C3'" 1 
ATOM 761 O "O3'" . DG C 3 11 ? 3.44039   3.35910   -7.90151  1.000 349.01466 ? 11 DG G "O3'" 1 
ATOM 762 C "C2'" . DG C 3 11 ? 1.81088   2.89028   -6.13801  1.000 345.82523 ? 11 DG G "C2'" 1 
ATOM 763 C "C1'" . DG C 3 11 ? 1.97132   4.12819   -5.27362  1.000 350.84890 ? 11 DG G "C1'" 1 
ATOM 764 N N9    . DG C 3 11 ? 1.27973   4.04673   -3.98431  1.000 350.82246 ? 11 DG G N9    1 
ATOM 765 C C8    . DG C 3 11 ? -0.06772  4.18891   -3.75370  1.000 343.32288 ? 11 DG G C8    1 
ATOM 766 N N7    . DG C 3 11 ? -0.39706  4.06722   -2.49619  1.000 344.65022 ? 11 DG G N7    1 
ATOM 767 C C5    . DG C 3 11 ? 0.80935   3.83355   -1.84914  1.000 354.69386 ? 11 DG G C5    1 
ATOM 768 C C6    . DG C 3 11 ? 1.08570   3.62233   -0.47480  1.000 360.11734 ? 11 DG G C6    1 
ATOM 769 O O6    . DG C 3 11 ? 0.29111   3.59766   0.47506   1.000 356.58267 ? 11 DG G O6    1 
ATOM 770 N N1    . DG C 3 11 ? 2.44702   3.42304   -0.24756  1.000 370.03440 ? 11 DG G N1    1 
ATOM 771 C C2    . DG C 3 11 ? 3.41569   3.42689   -1.22454  1.000 374.10445 ? 11 DG G C2    1 
ATOM 772 N N2    . DG C 3 11 ? 4.67779   3.21716   -0.81825  1.000 383.57844 ? 11 DG G N2    1 
ATOM 773 N N3    . DG C 3 11 ? 3.16853   3.62301   -2.51282  1.000 367.50752 ? 11 DG G N3    1 
ATOM 774 C C4    . DG C 3 11 ? 1.85058   3.81820   -2.75200  1.000 358.37735 ? 11 DG G C4    1 
ATOM 775 P P     . DC C 3 12 ? 4.07023   1.96295   -8.38607  1.000 336.06225 ? 12 DC G P     1 
ATOM 776 O OP1   . DC C 3 12 ? 5.11635   2.26511   -9.38583  1.000 338.26946 ? 12 DC G OP1   1 
ATOM 777 O OP2   . DC C 3 12 ? 2.95976   1.05481   -8.74421  1.000 328.83989 ? 12 DC G OP2   1 
ATOM 778 O "O5'" . DC C 3 12 ? 4.76774   1.39260   -7.06796  1.000 342.64692 ? 12 DC G "O5'" 1 
ATOM 779 C "C5'" . DC C 3 12 ? 5.55984   2.25306   -6.25433  1.000 349.58257 ? 12 DC G "C5'" 1 
ATOM 780 C "C4'" . DC C 3 12 ? 6.07522   1.50518   -5.04158  1.000 354.52317 ? 12 DC G "C4'" 1 
ATOM 781 O "O4'" . DC C 3 12 ? 5.13584   1.65769   -3.94177  1.000 354.93463 ? 12 DC G "O4'" 1 
ATOM 782 C "C3'" . DC C 3 12 ? 6.24149   -0.00248  -5.25179  1.000 351.66319 ? 12 DC G "C3'" 1 
ATOM 783 O "O3'" . DC C 3 12 ? 7.43159   -0.45917  -4.62962  1.000 357.27018 ? 12 DC G "O3'" 1 
ATOM 784 C "C2'" . DC C 3 12 ? 5.00579   -0.57634  -4.57201  1.000 347.19642 ? 12 DC G "C2'" 1 
ATOM 785 C "C1'" . DC C 3 12 ? 4.82882   0.38782   -3.41736  1.000 352.67995 ? 12 DC G "C1'" 1 
ATOM 786 N N1    . DC C 3 12 ? 3.44147   0.40604   -2.86721  1.000 347.75325 ? 12 DC G N1    1 
ATOM 787 C C2    . DC C 3 12 ? 3.25290   0.28108   -1.49248  1.000 350.37781 ? 12 DC G C2    1 
ATOM 788 O O2    . DC C 3 12 ? 4.24858   0.18224   -0.76549  1.000 357.73788 ? 12 DC G O2    1 
ATOM 789 N N3    . DC C 3 12 ? 1.99030   0.29361   -0.99712  1.000 344.04419 ? 12 DC G N3    1 
ATOM 790 C C4    . DC C 3 12 ? 0.94775   0.40958   -1.82452  1.000 336.26820 ? 12 DC G C4    1 
ATOM 791 N N4    . DC C 3 12 ? -0.27980  0.41110   -1.29225  1.000 329.45083 ? 12 DC G N4    1 
ATOM 792 C C5    . DC C 3 12 ? 1.12192   0.52761   -3.23494  1.000 334.98597 ? 12 DC G C5    1 
ATOM 793 C C6    . DC C 3 12 ? 2.37402   0.51735   -3.70736  1.000 340.54693 ? 12 DC G C6    1 
ATOM 794 P P     . DT C 3 13 ? 8.04337   -1.89629  -5.00740  1.000 339.24061 ? 13 DT G P     1 
ATOM 795 O OP1   . DT C 3 13 ? 8.76664   -1.74357  -6.28857  1.000 338.10983 ? 13 DT G OP1   1 
ATOM 796 O OP2   . DT C 3 13 ? 6.97716   -2.91532  -4.89093  1.000 332.92679 ? 13 DT G OP2   1 
ATOM 797 O "O5'" . DT C 3 13 ? 9.10293   -2.17196  -3.84338  1.000 346.62302 ? 13 DT G "O5'" 1 
ATOM 798 C "C5'" . DT C 3 13 ? 8.93402   -1.55753  -2.56600  1.000 350.28052 ? 13 DT G "C5'" 1 
ATOM 799 C "C4'" . DT C 3 13 ? 8.42867   -2.56207  -1.54573  1.000 350.68635 ? 13 DT G "C4'" 1 
ATOM 800 O "O4'" . DT C 3 13 ? 7.02411   -2.35666  -1.31645  1.000 343.76062 ? 13 DT G "O4'" 1 
ATOM 801 C "C3'" . DT C 3 13 ? 8.57135   -4.02663  -1.95907  1.000 349.32982 ? 13 DT G "C3'" 1 
ATOM 802 O "O3'" . DT C 3 13 ? 9.66364   -4.61832  -1.26220  1.000 360.98641 ? 13 DT G "O3'" 1 
ATOM 803 C "C2'" . DT C 3 13 ? 7.22492   -4.67478  -1.57920  1.000 340.22375 ? 13 DT G "C2'" 1 
ATOM 804 C "C1'" . DT C 3 13 ? 6.47167   -3.55931  -0.85708  1.000 339.00154 ? 13 DT G "C1'" 1 
ATOM 805 N N1    . DT C 3 13 ? 5.00731   -3.53909  -1.14244  1.000 329.39585 ? 13 DT G N1    1 
ATOM 806 C C2    . DT C 3 13 ? 4.11597   -3.64932  -0.10052  1.000 326.31240 ? 13 DT G C2    1 
ATOM 807 O O2    . DT C 3 13 ? 4.45964   -3.77032  1.06344   1.000 331.32053 ? 13 DT G O2    1 
ATOM 808 N N3    . DT C 3 13 ? 2.79818   -3.61592  -0.47081  1.000 315.22244 ? 13 DT G N3    1 
ATOM 809 C C4    . DT C 3 13 ? 2.29254   -3.48217  -1.74967  1.000 312.18018 ? 13 DT G C4    1 
ATOM 810 O O4    . DT C 3 13 ? 1.08963   -3.46234  -1.98282  1.000 303.43739 ? 13 DT G O4    1 
ATOM 811 C C5    . DT C 3 13 ? 3.27698   -3.36780  -2.79524  1.000 317.31228 ? 13 DT G C5    1 
ATOM 812 C C7    . DT C 3 13 ? 2.83864   -3.22264  -4.22150  1.000 312.34392 ? 13 DT G C7    1 
ATOM 813 C C6    . DT C 3 13 ? 4.57325   -3.40006  -2.44655  1.000 325.69693 ? 13 DT G C6    1 
ATOM 814 P P     . DG C 3 14 ? 9.94881   -6.19663  -1.35988  1.000 297.24568 ? 14 DG G P     1 
ATOM 815 O OP1   . DG C 3 14 ? 11.38539  -6.39395  -1.06920  1.000 297.13153 ? 14 DG G OP1   1 
ATOM 816 O OP2   . DG C 3 14 ? 9.39419   -6.71084  -2.63265  1.000 295.46113 ? 14 DG G OP2   1 
ATOM 817 O "O5'" . DG C 3 14 ? 9.09835   -6.80454  -0.15104  1.000 301.85361 ? 14 DG G "O5'" 1 
ATOM 818 C "C5'" . DG C 3 14 ? 9.17143   -6.19594  1.13320   1.000 303.90065 ? 14 DG G "C5'" 1 
ATOM 819 C "C4'" . DG C 3 14 ? 7.99708   -6.60845  2.00297   1.000 307.63974 ? 14 DG G "C4'" 1 
ATOM 820 O "O4'" . DG C 3 14 ? 6.75763   -6.18896  1.38720   1.000 306.48491 ? 14 DG G "O4'" 1 
ATOM 821 C "C3'" . DG C 3 14 ? 7.86382   -8.11679  2.24795   1.000 310.81980 ? 14 DG G "C3'" 1 
ATOM 822 O "O3'" . DG C 3 14 ? 7.81064   -8.37304  3.64424   1.000 314.65484 ? 14 DG G "O3'" 1 
ATOM 823 C "C2'" . DG C 3 14 ? 6.54910   -8.49198  1.55296   1.000 310.85573 ? 14 DG G "C2'" 1 
ATOM 824 C "C1'" . DG C 3 14 ? 5.79110   -7.18132  1.60829   1.000 309.46114 ? 14 DG G "C1'" 1 
ATOM 825 N N9    . DG C 3 14 ? 4.75715   -7.05175  0.59278   1.000 307.65973 ? 14 DG G N9    1 
ATOM 826 C C8    . DG C 3 14 ? 4.93427   -6.86236  -0.75457  1.000 303.92985 ? 14 DG G C8    1 
ATOM 827 N N7    . DG C 3 14 ? 3.81713   -6.77021  -1.41788  1.000 303.11365 ? 14 DG G N7    1 
ATOM 828 C C5    . DG C 3 14 ? 2.83739   -6.90608  -0.44418  1.000 306.54186 ? 14 DG G C5    1 
ATOM 829 C C6    . DG C 3 14 ? 1.43119   -6.88990  -0.55667  1.000 307.45986 ? 14 DG G C6    1 
ATOM 830 O O6    . DG C 3 14 ? 0.74452   -6.74698  -1.57643  1.000 305.34131 ? 14 DG G O6    1 
ATOM 831 N N1    . DG C 3 14 ? 0.81581   -7.06139  0.68107   1.000 311.29316 ? 14 DG G N1    1 
ATOM 832 C C2    . DG C 3 14 ? 1.47934   -7.22724  1.87459   1.000 313.88615 ? 14 DG G C2    1 
ATOM 833 N N2    . DG C 3 14 ? 0.72462   -7.38055  2.96934   1.000 317.46439 ? 14 DG G N2    1 
ATOM 834 N N3    . DG C 3 14 ? 2.79399   -7.24449  1.98926   1.000 313.04742 ? 14 DG G N3    1 
ATOM 835 C C4    . DG C 3 14 ? 3.40517   -7.07788  0.79740   1.000 309.35250 ? 14 DG G C4    1 
ATOM 836 P P     . DT C 3 15 ? 7.79800   -9.88384  4.19142   1.000 318.47032 ? 15 DT G P     1 
ATOM 837 O OP1   . DT C 3 15 ? 8.39977   -9.88123  5.54477   1.000 321.21988 ? 15 DT G OP1   1 
ATOM 838 O OP2   . DT C 3 15 ? 8.36456   -10.74599 3.12892   1.000 316.86859 ? 15 DT G OP2   1 
ATOM 839 O "O5'" . DT C 3 15 ? 6.24129   -10.23313 4.31753   1.000 320.66176 ? 15 DT G "O5'" 1 
ATOM 840 C "C5'" . DT C 3 15 ? 5.37831   -9.38613  5.06231   1.000 321.79406 ? 15 DT G "C5'" 1 
ATOM 841 C "C4'" . DT C 3 15 ? 3.98683   -9.98378  5.14433   1.000 324.17811 ? 15 DT G "C4'" 1 
ATOM 842 O "O4'" . DT C 3 15 ? 3.22856   -9.61672  3.96095   1.000 321.37273 ? 15 DT G "O4'" 1 
ATOM 843 C "C3'" . DT C 3 15 ? 3.94965   -11.51213 5.21401   1.000 326.91264 ? 15 DT G "C3'" 1 
ATOM 844 O "O3'" . DT C 3 15 ? 2.98835   -11.93529 6.17112   1.000 330.76314 ? 15 DT G "O3'" 1 
ATOM 845 C "C2'" . DT C 3 15 ? 3.54147   -11.90867 3.79853   1.000 324.52332 ? 15 DT G "C2'" 1 
ATOM 846 C "C1'" . DT C 3 15 ? 2.61206   -10.76662 3.44007   1.000 322.56707 ? 15 DT G "C1'" 1 
ATOM 847 N N1    . DT C 3 15 ? 2.40101   -10.58120 1.97173   1.000 318.89880 ? 15 DT G N1    1 
ATOM 848 C C2    . DT C 3 15 ? 1.11953   -10.43578 1.50523   1.000 318.65780 ? 15 DT G C2    1 
ATOM 849 O O2    . DT C 3 15 ? 0.14142   -10.45501 2.23298   1.000 321.32085 ? 15 DT G O2    1 
ATOM 850 N N3    . DT C 3 15 ? 1.01536   -10.26791 0.15253   1.000 315.19761 ? 15 DT G N3    1 
ATOM 851 C C4    . DT C 3 15 ? 2.04413   -10.23012 -0.76519  1.000 312.01110 ? 15 DT G C4    1 
ATOM 852 O O4    . DT C 3 15 ? 1.84671   -10.07411 -1.96610  1.000 309.01752 ? 15 DT G O4    1 
ATOM 853 C C5    . DT C 3 15 ? 3.36927   -10.38846 -0.21532  1.000 312.45355 ? 15 DT G C5    1 
ATOM 854 C C7    . DT C 3 15 ? 4.56229   -10.36630 -1.11891  1.000 309.21171 ? 15 DT G C7    1 
ATOM 855 C C6    . DT C 3 15 ? 3.48528   -10.55267 1.11466   1.000 315.83772 ? 15 DT G C6    1 
# 
loop_
_atom_site_anisotrop.id 
_atom_site_anisotrop.type_symbol 
_atom_site_anisotrop.pdbx_label_atom_id 
_atom_site_anisotrop.pdbx_label_alt_id 
_atom_site_anisotrop.pdbx_label_comp_id 
_atom_site_anisotrop.pdbx_label_asym_id 
_atom_site_anisotrop.pdbx_label_seq_id 
_atom_site_anisotrop.pdbx_PDB_ins_code 
_atom_site_anisotrop.U[1][1] 
_atom_site_anisotrop.U[2][2] 
_atom_site_anisotrop.U[3][3] 
_atom_site_anisotrop.U[1][2] 
_atom_site_anisotrop.U[1][3] 
_atom_site_anisotrop.U[2][3] 
_atom_site_anisotrop.pdbx_auth_seq_id 
_atom_site_anisotrop.pdbx_auth_comp_id 
_atom_site_anisotrop.pdbx_auth_asym_id 
_atom_site_anisotrop.pdbx_auth_atom_id 
1   P P     . DC A 1  ? 1.73156 3.20586 3.85847 0.29076  -0.17696 -1.72283 16 DC D P     
2   O OP1   . DC A 1  ? 1.81178 3.20874 3.93159 0.25361  -0.04659 -1.69332 16 DC D OP1   
3   O OP2   . DC A 1  ? 1.71682 3.11444 3.81859 0.36104  -0.26764 -1.63800 16 DC D OP2   
4   O "O5'" . DC A 1  ? 1.73686 3.25206 3.86970 0.27052  -0.17789 -1.74570 16 DC D "O5'" 
5   C "C5'" . DC A 1  ? 1.74354 3.17635 3.87096 0.30802  -0.19869 -1.65301 16 DC D "C5'" 
6   C "C4'" . DC A 1  ? 1.74385 3.06330 3.88620 0.31322  -0.11067 -1.54397 16 DC D "C4'" 
7   O "O4'" . DC A 1  ? 1.78857 3.10667 3.94147 0.26088  -0.00961 -1.56032 16 DC D "O4'" 
8   C "C3'" . DC A 1  ? 1.67854 2.91050 3.82102 0.36945  -0.15909 -1.41678 16 DC D "C3'" 
9   O "O3'" . DC A 1  ? 1.64130 2.80406 3.77442 0.40734  -0.16938 -1.34060 16 DC D "O3'" 
10  C "C2'" . DC A 1  ? 1.67710 2.85970 3.84861 0.35243  -0.06955 -1.35222 16 DC D "C2'" 
11  C "C1'" . DC A 1  ? 1.76535 3.00102 3.93494 0.28408  0.01934  -1.45395 16 DC D "C1'" 
12  N N1    . DC A 1  ? 1.76226 3.05426 3.94395 0.25313  0.01872  -1.49598 16 DC D N1    
13  C C2    . DC A 1  ? 1.74126 2.97816 3.94827 0.26278  0.04985  -1.40977 16 DC D C2    
14  O O2    . DC A 1  ? 1.70926 2.85841 3.93319 0.29911  0.07391  -1.29293 16 DC D O2    
15  N N3    . DC A 1  ? 1.72535 3.01474 3.94140 0.23169  0.05208  -1.45456 16 DC D N3    
16  C C4    . DC A 1  ? 1.78257 3.17354 3.98061 0.19475  0.02698  -1.57499 16 DC D C4    
17  N N4    . DC A 1  ? 1.78444 3.22353 3.98825 0.16593  0.03264  -1.61442 16 DC D N4    
18  C C5    . DC A 1  ? 1.81739 3.27385 3.99556 0.18551  -0.00511 -1.65762 16 DC D C5    
19  C C6    . DC A 1  ? 1.80564 3.20992 3.97768 0.21408  -0.00852 -1.61650 16 DC D C6    
20  P P     . DC A 2  ? 1.47649 2.59186 3.57602 0.46169  -0.28266 -1.25674 17 DC D P     
21  O OP1   . DC A 2  ? 1.48935 2.56564 3.57704 0.48412  -0.28398 -1.22199 17 DC D OP1   
22  O OP2   . DC A 2  ? 1.50341 2.66772 3.56269 0.46489  -0.37300 -1.32955 17 DC D OP2   
23  O "O5'" . DC A 2  ? 1.45563 2.50080 3.57660 0.47994  -0.26269 -1.12103 17 DC D "O5'" 
24  C "C5'" . DC A 2  ? 1.46171 2.46070 3.62441 0.47356  -0.14930 -1.05527 17 DC D "C5'" 
25  C "C4'" . DC A 2  ? 1.43756 2.40121 3.62887 0.48619  -0.14636 -0.94073 17 DC D "C4'" 
26  O "O4'" . DC A 2  ? 1.42976 2.44054 3.64499 0.45019  -0.11757 -1.00476 17 DC D "O4'" 
27  C "C3'" . DC A 2  ? 1.41944 2.36232 3.57773 0.51499  -0.26067 -0.85952 17 DC D "C3'" 
28  O "O3'" . DC A 2  ? 1.41226 2.29744 3.59028 0.53916  -0.23748 -0.70366 17 DC D "O3'" 
29  C "C2'" . DC A 2  ? 1.40818 2.39210 3.56435 0.49572  -0.30579 -0.91194 17 DC D "C2'" 
30  C "C1'" . DC A 2  ? 1.40529 2.42651 3.61564 0.45968  -0.20170 -0.97014 17 DC D "C1'" 
31  N N1    . DC A 2  ? 1.41008 2.50674 3.60752 0.42770  -0.22080 -1.10585 17 DC D N1    
32  C C2    . DC A 2  ? 1.39713 2.51906 3.62388 0.40548  -0.20293 -1.11219 17 DC D C2    
33  O O2    . DC A 2  ? 1.37794 2.46226 3.64629 0.41174  -0.17941 -1.00308 17 DC D O2    
34  N N3    . DC A 2  ? 1.40828 2.60220 3.61791 0.37738  -0.21420 -1.23613 17 DC D N3    
35  C C4    . DC A 2  ? 1.44492 2.68939 3.61533 0.37173  -0.24172 -1.34351 17 DC D C4    
36  N N4    . DC A 2  ? 1.46022 2.78280 3.61520 0.34624  -0.25058 -1.45569 17 DC D N4    
37  C C5    . DC A 2  ? 1.45482 2.67868 3.60259 0.39196  -0.26162 -1.33816 17 DC D C5    
38  C C6    . DC A 2  ? 1.43014 2.57756 3.59074 0.41885  -0.24942 -1.22127 17 DC D C6    
39  P P     . DG A 3  ? 1.34611 2.20006 3.48373 0.55603  -0.33491 -0.58407 18 DG D P     
40  O OP1   . DG A 3  ? 1.35377 2.16042 3.48722 0.58290  -0.30828 -0.44718 18 DG D OP1   
41  O OP2   . DG A 3  ? 1.36192 2.22309 3.42681 0.55356  -0.43709 -0.66270 18 DG D OP2   
42  O "O5'" . DG A 3  ? 1.32544 2.19457 3.51166 0.53847  -0.31947 -0.53933 18 DG D "O5'" 
43  C "C5'" . DG A 3  ? 1.32081 2.16240 3.49999 0.54386  -0.35814 -0.39463 18 DG D "C5'" 
44  C "C4'" . DG A 3  ? 1.32115 2.17574 3.47424 0.52389  -0.43986 -0.42291 18 DG D "C4'" 
45  O "O4'" . DG A 3  ? 1.32124 2.22023 3.47996 0.50988  -0.43466 -0.58689 18 DG D "O4'" 
46  C "C3'" . DG A 3  ? 1.35381 2.16665 3.40505 0.52901  -0.54651 -0.39534 18 DG D "C3'" 
47  O "O3'" . DG A 3  ? 1.36585 2.16844 3.39600 0.51012  -0.60651 -0.36174 18 DG D "O3'" 
48  C "C2'" . DG A 3  ? 1.37191 2.19760 3.38329 0.53441  -0.57176 -0.55071 18 DG D "C2'" 
49  C "C1'" . DG A 3  ? 1.35262 2.23500 3.42564 0.51590  -0.52919 -0.64764 18 DG D "C1'" 
50  N N9    . DG A 3  ? 1.36452 2.29102 3.42336 0.51290  -0.52136 -0.80729 18 DG D N9    
51  C C8    . DG A 3  ? 1.38280 2.31151 3.40288 0.52473  -0.53101 -0.87361 18 DG D C8    
52  N N7    . DG A 3  ? 1.39465 2.38027 3.40878 0.51488  -0.52422 -1.01242 18 DG D N7    
53  C C5    . DG A 3  ? 1.38437 2.40429 3.43059 0.49636  -0.50754 -1.04212 18 DG D C5    
54  C C6    . DG A 3  ? 1.39351 2.48442 3.44447 0.47785  -0.49137 -1.17086 18 DG D C6    
55  O O6    . DG A 3  ? 1.41399 2.55778 3.44181 0.47373  -0.49046 -1.28427 18 DG D O6    
56  N N1    . DG A 3  ? 1.37862 2.48485 3.46635 0.46070  -0.47563 -1.15555 18 DG D N1    
57  C C2    . DG A 3  ? 1.35673 2.41862 3.47767 0.46043  -0.48002 -1.02884 18 DG D C2    
58  N N2    . DG A 3  ? 1.34424 2.43458 3.50402 0.43899  -0.46622 -1.03261 18 DG D N2    
59  N N3    . DG A 3  ? 1.34974 2.35079 3.46654 0.47695  -0.49687 -0.90259 18 DG D N3    
60  C C4    . DG A 3  ? 1.36474 2.34677 3.44096 0.49499  -0.50790 -0.91883 18 DG D C4    
61  P P     . DA A 4  ? 3.65644 2.07593 1.76423 0.60214  0.61998  0.57001  19 DA D P     
62  O OP1   . DA A 4  ? 3.69492 2.08951 1.76646 0.62740  0.62157  0.56565  19 DA D OP1   
63  O OP2   . DA A 4  ? 3.62301 2.06702 1.78579 0.61003  0.64860  0.57959  19 DA D OP2   
64  O "O5'" . DA A 4  ? 3.63373 2.03471 1.74147 0.55771  0.59303  0.55736  19 DA D "O5'" 
65  C "C5'" . DA A 4  ? 3.63425 2.04207 1.72486 0.53175  0.56754  0.55678  19 DA D "C5'" 
66  C "C4'" . DA A 4  ? 3.59645 2.00521 1.71433 0.49309  0.55608  0.55161  19 DA D "C4'" 
67  O "O4'" . DA A 4  ? 3.58913 2.02234 1.70809 0.47540  0.54361  0.55845  19 DA D "O4'" 
68  C "C3'" . DA A 4  ? 3.55896 1.98024 1.72827 0.49218  0.58024  0.55390  19 DA D "C3'" 
69  O "O3'" . DA A 4  ? 3.53307 1.94615 1.71573 0.45567  0.56489  0.54595  19 DA D "O3'" 
70  C "C2'" . DA A 4  ? 3.55046 2.00685 1.74087 0.50357  0.59523  0.56716  19 DA D "C2'" 
71  C "C1'" . DA A 4  ? 3.56329 2.02661 1.72403 0.48384  0.56770  0.56845  19 DA D "C1'" 
72  N N9    . DA A 4  ? 3.58376 2.07197 1.73254 0.50469  0.57238  0.58110  19 DA D N9    
73  C C8    . DA A 4  ? 3.60937 2.10266 1.74742 0.54144  0.58931  0.58800  19 DA D C8    
74  N N7    . DA A 4  ? 3.62603 2.14491 1.75279 0.55211  0.58787  0.59994  19 DA D N7    
75  C C5    . DA A 4  ? 3.60936 2.14120 1.74067 0.51989  0.56883  0.60133  19 DA D C5    
76  C C6    . DA A 4  ? 3.61506 2.17677 1.74039 0.51189  0.55787  0.61339  19 DA D C6    
77  N N6    . DA A 4  ? 3.64072 2.22461 1.75253 0.53649  0.56401  0.62615  19 DA D N6    
78  N N1    . DA A 4  ? 3.59431 2.16478 1.72876 0.47743  0.54044  0.61330  19 DA D N1    
79  C C2    . DA A 4  ? 3.57073 2.12059 1.71780 0.45302  0.53408  0.60134  19 DA D C2    
80  N N3    . DA A 4  ? 3.56381 2.08435 1.71627 0.45661  0.54182  0.58890  19 DA D N3    
81  C C4    . DA A 4  ? 3.58368 2.09679 1.72821 0.49088  0.55943  0.58977  19 DA D C4    
82  P P     . DC A 5  ? 3.39595 1.81339 1.62517 0.44499  0.58192  0.54438  20 DC D P     
83  O OP1   . DC A 5  ? 3.39500 1.78453 1.61817 0.43082  0.57105  0.53396  20 DC D OP1   
84  O OP2   . DC A 5  ? 3.39001 1.82679 1.64918 0.47453  0.61367  0.55451  20 DC D OP2   
85  O "O5'" . DC A 5  ? 3.38774 1.82159 1.63082 0.41393  0.57028  0.54513  20 DC D "O5'" 
86  C "C5'" . DC A 5  ? 3.38522 1.83781 1.61204 0.41095  0.55901  0.55226  20 DC D "C5'" 
87  C "C4'" . DC A 5  ? 3.38643 1.86622 1.64471 0.40213  0.56969  0.55950  20 DC D "C4'" 
88  O "O4'" . DC A 5  ? 3.37248 1.87765 1.62198 0.41597  0.57105  0.57171  20 DC D "O4'" 
89  C "C3'" . DC A 5  ? 3.35756 1.84322 1.65585 0.41695  0.59976  0.56170  20 DC D "C3'" 
90  O "O3'" . DC A 5  ? 3.40113 1.89590 1.72360 0.39421  0.60108  0.56082  20 DC D "O3'" 
91  C "C2'" . DC A 5  ? 3.35194 1.85966 1.65531 0.45006  0.61918  0.57488  20 DC D "C2'" 
92  C "C1'" . DC A 5  ? 3.36150 1.88652 1.64351 0.43771  0.59959  0.58078  20 DC D "C1'" 
93  N N1    . DC A 5  ? 3.38502 1.92900 1.65360 0.46566  0.60616  0.59311  20 DC D N1    
94  C C2    . DC A 5  ? 3.39041 1.96049 1.65151 0.45880  0.59594  0.60364  20 DC D C2    
95  O O2    . DC A 5  ? 3.37509 1.95267 1.64166 0.43007  0.58245  0.60293  20 DC D O2    
96  N N3    . DC A 5  ? 3.41385 2.00235 1.66169 0.48385  0.60105  0.61563  20 DC D N3    
97  C C4    . DC A 5  ? 3.43184 2.01322 1.67365 0.51550  0.61656  0.61707  20 DC D C4    
98  N N4    . DC A 5  ? 3.45709 2.05838 1.68433 0.53972  0.62090  0.62965  20 DC D N4    
99  C C5    . DC A 5  ? 3.42612 1.98194 1.67672 0.52369  0.62837  0.60709  20 DC D C5    
100 C C6    . DC A 5  ? 3.40240 1.94049 1.66643 0.49773  0.62223  0.59547  20 DC D C6    
101 P P     . DA A 6  ? 3.37534 1.85265 1.71910 0.37538  0.60449  0.55080  21 DA D P     
102 O OP1   . DA A 6  ? 3.44833 1.91217 1.77247 0.34232  0.57610  0.54204  21 DA D OP1   
103 O OP2   . DA A 6  ? 3.41236 1.87888 1.76935 0.39815  0.62345  0.55055  21 DA D OP2   
104 O "O5'" . DA A 6  ? 3.41215 1.90642 1.78613 0.37015  0.62043  0.55524  21 DA D "O5'" 
105 C "C5'" . DA A 6  ? 3.44499 1.94486 1.81731 0.34025  0.60598  0.55267  21 DA D "C5'" 
106 C "C4'" . DA A 6  ? 3.44301 1.97087 1.81705 0.34486  0.60880  0.56419  21 DA D "C4'" 
107 O "O4'" . DA A 6  ? 3.40197 1.94073 1.76165 0.36934  0.60981  0.57292  21 DA D "O4'" 
108 C "C3'" . DA A 6  ? 3.42915 1.96932 1.83415 0.35586  0.63480  0.56993  21 DA D "C3'" 
109 O "O3'" . DA A 6  ? 3.44514 1.99806 1.85228 0.33365  0.62788  0.57160  21 DA D "O3'" 
110 C "C2'" . DA A 6  ? 3.38607 1.94584 1.79583 0.38844  0.65033  0.58328  21 DA D "C2'" 
111 C "C1'" . DA A 6  ? 3.39121 1.95522 1.76758 0.38639  0.62703  0.58544  21 DA D "C1'" 
112 N N9    . DA A 6  ? 3.34738 1.91811 1.71818 0.41871  0.63779  0.59358  21 DA D N9    
113 C C8    . DA A 6  ? 3.37594 1.93094 1.74701 0.43908  0.64857  0.59032  21 DA D C8    
114 N N7    . DA A 6  ? 3.36904 1.93627 1.73353 0.46794  0.65785  0.60035  21 DA D N7    
115 C C5    . DA A 6  ? 3.36574 1.95831 1.72513 0.46558  0.65167  0.61086  21 DA D C5    
116 C C6    . DA A 6  ? 3.37763 1.99390 1.72823 0.48763  0.65538  0.62508  21 DA D C6    
117 N N6    . DA A 6  ? 3.39642 2.01330 1.74060 0.51837  0.66742  0.63055  21 DA D N6    
118 N N1    . DA A 6  ? 3.37808 2.01928 1.72656 0.47706  0.64639  0.63475  21 DA D N1    
119 C C2    . DA A 6  ? 3.36727 2.00985 1.72258 0.44711  0.63565  0.63054  21 DA D C2    
120 N N3    . DA A 6  ? 3.37820 1.99918 1.74074 0.42481  0.63153  0.61697  21 DA D N3    
121 C C4    . DA A 6  ? 3.36938 1.96534 1.73347 0.43537  0.63960  0.60736  21 DA D C4    
122 O "O5'" . DT B 1  ? 4.52879 1.43951 5.55919 0.22649  0.09965  0.27803  1  DT C "O5'" 
123 C "C5'" . DT B 1  ? 4.44771 1.43577 5.55277 0.28426  0.04192  0.20700  1  DT C "C5'" 
124 C "C4'" . DT B 1  ? 4.27710 1.36446 5.26747 0.28753  0.01536  0.19160  1  DT C "C4'" 
125 O "O4'" . DT B 1  ? 4.05897 1.30446 5.12336 0.18466  0.07516  0.08240  1  DT C "O4'" 
126 C "C3'" . DT B 1  ? 4.35002 1.34908 5.10370 0.31272  0.00543  0.31767  1  DT C "C3'" 
127 O "O3'" . DT B 1  ? 4.31943 1.33732 4.96418 0.38555  -0.06798 0.33492  1  DT C "O3'" 
128 C "C2'" . DT B 1  ? 4.18642 1.28548 4.93565 0.20812  0.08396  0.28036  1  DT C "C2'" 
129 C "C1'" . DT B 1  ? 3.97760 1.24632 4.88511 0.16160  0.08540  0.12991  1  DT C "C1'" 
130 N N1    . DT B 1  ? 3.80183 1.20905 4.77196 0.03742  0.16261  0.05566  1  DT C N1    
131 C C2    . DT B 1  ? 3.65705 1.21258 4.78210 -0.02476 0.17799  -0.07840 1  DT C C2    
132 O O2    . DT B 1  ? 3.66106 1.24188 4.89262 0.01952  0.13875  -0.14149 1  DT C O2    
133 N N3    . DT B 1  ? 3.51414 1.20049 4.66428 -0.14359 0.24175  -0.12971 1  DT C N3    
134 C C4    . DT B 1  ? 3.49341 1.18304 4.55014 -0.20327 0.29133  -0.05927 1  DT C C4    
135 O O4    . DT B 1  ? 3.36435 1.19212 4.45063 -0.31168 0.33860  -0.10418 1  DT C O4    
136 C C5    . DT B 1  ? 3.64270 1.17679 4.55807 -0.12920 0.28194  0.07905  1  DT C C5    
137 C C7    . DT B 1  ? 3.63663 1.17904 4.45666 -0.18180 0.34391  0.17034  1  DT C C7    
138 C C6    . DT B 1  ? 3.79196 1.19171 4.66032 -0.01444 0.21686  0.12867  1  DT C C6    
139 P P     . DC B 2  ? 4.36701 1.34278 4.76565 0.41011  -0.07731 0.42555  2  DC C P     
140 O OP1   . DC B 2  ? 4.58963 1.40998 4.84786 0.42688  -0.06095 0.56136  2  DC C OP1   
141 O OP2   . DC B 2  ? 4.14410 1.25493 4.56534 0.33287  -0.03341 0.34880  2  DC C OP2   
142 O "O5'" . DC B 2  ? 4.38299 1.37483 4.71300 0.50286  -0.17041 0.44286  2  DC C "O5'" 
143 C "C5'" . DC B 2  ? 4.17384 1.32100 4.57373 0.49031  -0.21533 0.33893  2  DC C "C5'" 
144 C "C4'" . DC B 2  ? 4.09936 1.33905 4.72863 0.48538  -0.24655 0.23866  2  DC C "C4'" 
145 O "O4'" . DC B 2  ? 3.98374 1.29611 4.77525 0.39222  -0.16422 0.13973  2  DC C "O4'" 
146 C "C3'" . DC B 2  ? 3.93350 1.32151 4.61481 0.49431  -0.32834 0.15885  2  DC C "C3'" 
147 O "O3'" . DC B 2  ? 3.94335 1.38145 4.81147 0.52447  -0.37477 0.11396  2  DC C "O3'" 
148 C "C2'" . DC B 2  ? 3.71556 1.23350 4.47146 0.39380  -0.26872 0.04776  2  DC C "C2'" 
149 C "C1'" . DC B 2  ? 3.75552 1.24658 4.64968 0.33837  -0.17554 0.01748  2  DC C "C1'" 
150 N N1    . DC B 2  ? 3.62079 1.18688 4.53100 0.22781  -0.08875 -0.03557 2  DC C N1    
151 C C2    . DC B 2  ? 3.43833 1.17761 4.51175 0.13797  -0.05677 -0.16633 2  DC C C2    
152 O O2    . DC B 2  ? 3.39274 1.21459 4.60235 0.15715  -0.09631 -0.23951 2  DC C O2    
153 N N3    . DC B 2  ? 3.32253 1.14644 4.39954 0.02814  0.01738  -0.20272 2  DC C N3    
154 C C4    . DC B 2  ? 3.37502 1.11782 4.32520 0.01075  0.06063  -0.11460 2  DC C C4    
155 N N4    . DC B 2  ? 3.25720 1.10566 4.22796 -0.10258 0.12974  -0.14446 2  DC C N4    
156 C C5    . DC B 2  ? 3.55909 1.12338 4.35173 0.10568  0.03506  0.01569  2  DC C C5    
157 C C6    . DC B 2  ? 3.68024 1.16080 4.44604 0.20994  -0.04092 0.05013  2  DC C C6    
158 P P     . DT B 3  ? 3.86425 1.43647 4.79622 0.55538  -0.48943 0.06250  3  DT C P     
159 O OP1   . DT B 3  ? 4.04093 1.54411 4.98491 0.63968  -0.56695 0.14788  3  DT C OP1   
160 O OP2   . DT B 3  ? 3.74029 1.37649 4.51244 0.53424  -0.53327 0.04869  3  DT C OP2   
161 O "O5'" . DT B 3  ? 3.69824 1.42202 4.89718 0.49343  -0.44922 -0.08334 3  DT C "O5'" 
162 C "C5'" . DT B 3  ? 3.51860 1.34760 4.76011 0.39104  -0.37098 -0.18344 3  DT C "C5'" 
163 C "C4'" . DT B 3  ? 3.32277 1.34956 4.72974 0.34611  -0.40245 -0.30880 3  DT C "C4'" 
164 O "O4'" . DT B 3  ? 3.16046 1.29943 4.59153 0.23087  -0.31932 -0.39689 3  DT C "O4'" 
165 C "C3'" . DT B 3  ? 3.23908 1.33577 4.55781 0.37649  -0.52509 -0.30153 3  DT C "C3'" 
166 O "O3'" . DT B 3  ? 3.09879 1.36852 4.61604 0.35177  -0.56502 -0.40758 3  DT C "O3'" 
167 C "C2'" . DT B 3  ? 3.12241 1.25180 4.29143 0.30583  -0.49554 -0.31518 3  DT C "C2'" 
168 C "C1'" . DT B 3  ? 3.01783 1.24332 4.33229 0.19926  -0.37530 -0.41012 3  DT C "C1'" 
169 N N1    . DT B 3  ? 3.02284 1.22669 4.21891 0.12625  -0.29720 -0.39152 3  DT C N1    
170 C C2    . DT B 3  ? 2.90733 1.27715 4.17566 0.00474  -0.23263 -0.48166 3  DT C C2    
171 O O2    . DT B 3  ? 2.81420 1.34703 4.22416 -0.04306 -0.23160 -0.57662 3  DT C O2    
172 N N3    . DT B 3  ? 2.91390 1.26375 4.07646 -0.06044 -0.16813 -0.44706 3  DT C N3    
173 C C4    . DT B 3  ? 3.03464 1.21397 4.04451 -0.01332 -0.15453 -0.33977 3  DT C C4    
174 O O4    . DT B 3  ? 3.01958 1.21174 3.97255 -0.08295 -0.09190 -0.31740 3  DT C O4    
175 C C5    . DT B 3  ? 3.17927 1.18987 4.10242 0.11636  -0.21859 -0.25101 3  DT C C5    
176 C C7    . DT B 3  ? 3.36160 1.19465 4.09518 0.17415  -0.20301 -0.12455 3  DT C C7    
177 C C6    . DT B 3  ? 3.16382 1.19828 4.17788 0.17611  -0.28912 -0.27826 3  DT C C6    
178 P P     . DG B 4  ? 3.12187 1.48389 4.60980 0.38592  -0.71744 -0.41259 4  DG C P     
179 O OP1   . DG B 4  ? 3.26751 1.57170 4.82351 0.48103  -0.79437 -0.34727 4  DG C OP1   
180 O OP2   . DG B 4  ? 3.09615 1.41931 4.33097 0.37653  -0.76528 -0.36444 4  DG C OP2   
181 O "O5'" . DG B 4  ? 2.90635 1.49332 4.59928 0.29915  -0.70257 -0.55977 4  DG C "O5'" 
182 C "C5'" . DG B 4  ? 2.80169 1.48292 4.56479 0.19238  -0.57179 -0.64575 4  DG C "C5'" 
183 C "C4'" . DG B 4  ? 2.62591 1.48979 4.33212 0.09340  -0.58682 -0.70966 4  DG C "C4'" 
184 O "O4'" . DG B 4  ? 2.64886 1.46932 4.18270 0.03275  -0.51766 -0.67314 4  DG C "O4'" 
185 C "C3'" . DG B 4  ? 2.61250 1.51403 4.22419 0.12941  -0.74084 -0.68545 4  DG C "C3'" 
186 O "O3'" . DG B 4  ? 2.45836 1.60306 4.11845 0.03771  -0.74453 -0.76407 4  DG C "O3'" 
187 C "C2'" . DG B 4  ? 2.70989 1.47084 4.06145 0.14529  -0.75721 -0.59531 4  DG C "C2'" 
188 C "C1'" . DG B 4  ? 2.66072 1.46933 4.01049 0.04463  -0.61050 -0.62519 4  DG C "C1'" 
189 N N9    . DG B 4  ? 2.78100 1.41295 3.95398 0.06884  -0.57120 -0.53824 4  DG C N9    
190 C C8    . DG B 4  ? 2.93995 1.36752 3.96889 0.17784  -0.61856 -0.43265 4  DG C C8    
191 N N7    . DG B 4  ? 3.01452 1.32749 3.89943 0.17495  -0.55613 -0.36833 4  DG C N7    
192 C C5    . DG B 4  ? 2.89602 1.34237 3.84566 0.05463  -0.47022 -0.43534 4  DG C C5    
193 C C6    . DG B 4  ? 2.90915 1.32472 3.78370 -0.00530 -0.38191 -0.40551 4  DG C C6    
194 O O6    . DG B 4  ? 3.00383 1.25602 3.74265 0.04271  -0.35644 -0.31582 4  DG C O6    
195 N N1    . DG B 4  ? 2.76662 1.38048 3.72919 -0.13482 -0.31895 -0.47939 4  DG C N1    
196 C C2    . DG B 4  ? 2.65194 1.46941 3.73332 -0.19281 -0.33101 -0.56511 4  DG C C2    
197 N N2    . DG B 4  ? 2.56568 1.56301 3.65716 -0.30900 -0.26367 -0.59843 4  DG C N2    
198 N N3    . DG B 4  ? 2.63768 1.48255 3.80565 -0.13501 -0.40543 -0.60027 4  DG C N3    
199 C C4    . DG B 4  ? 2.76248 1.41331 3.87030 -0.01372 -0.47680 -0.53488 4  DG C C4    
200 P P     . DT B 5  ? 2.53826 1.78667 4.12323 0.05194  -0.89392 -0.75114 5  DT C P     
201 O OP1   . DT B 5  ? 2.54587 1.84225 4.33757 0.10444  -0.97007 -0.79337 5  DT C OP1   
202 O OP2   . DT B 5  ? 2.64774 1.73717 3.99050 0.10079  -0.98799 -0.66311 5  DT C OP2   
203 O "O5'" . DT B 5  ? 2.42367 1.92041 3.94455 -0.06449 -0.80055 -0.77862 5  DT C "O5'" 
204 C "C5'" . DT B 5  ? 2.40076 1.95410 3.92935 -0.15159 -0.64729 -0.80836 5  DT C "C5'" 
205 C "C4'" . DT B 5  ? 2.39704 1.98525 3.70501 -0.22100 -0.60418 -0.74886 5  DT C "C4'" 
206 O "O4'" . DT B 5  ? 2.47873 1.88670 3.73326 -0.20413 -0.57997 -0.71585 5  DT C "O4'" 
207 C "C3'" . DT B 5  ? 2.39172 2.01420 3.53839 -0.19915 -0.69741 -0.68763 5  DT C "C3'" 
208 O "O3'" . DT B 5  ? 2.32813 2.13784 3.39289 -0.27318 -0.64892 -0.67380 5  DT C "O3'" 
209 C "C2'" . DT B 5  ? 2.44721 1.96373 3.44429 -0.20658 -0.68793 -0.63383 5  DT C "C2'" 
210 C "C1'" . DT B 5  ? 2.47376 1.89957 3.54628 -0.23689 -0.58738 -0.65863 5  DT C "C1'" 
211 N N1    . DT B 5  ? 2.59880 1.79963 3.59346 -0.18251 -0.60561 -0.61235 5  DT C N1    
212 C C2    . DT B 5  ? 2.59948 1.77643 3.52767 -0.24332 -0.51478 -0.58587 5  DT C C2    
213 O O2    . DT B 5  ? 2.51254 1.84010 3.43316 -0.34135 -0.43169 -0.59484 5  DT C O2    
214 N N3    . DT B 5  ? 2.70713 1.65844 3.54644 -0.17864 -0.52547 -0.53061 5  DT C N3    
215 C C4    . DT B 5  ? 2.79632 1.53817 3.55452 -0.05477 -0.61168 -0.48337 5  DT C C4    
216 O O4    . DT B 5  ? 2.93960 1.48450 3.56652 0.00784  -0.59522 -0.40932 5  DT C O4    
217 C C5    . DT B 5  ? 2.81801 1.59586 3.63332 0.00007  -0.71685 -0.50898 5  DT C C5    
218 C C7    . DT B 5  ? 2.98777 1.56186 3.68731 0.13266  -0.81703 -0.43838 5  DT C C7    
219 C C6    . DT B 5  ? 2.68505 1.69219 3.63802 -0.06810 -0.71304 -0.57883 5  DT C C6    
220 P P     . DC B 6  ? 2.76410 3.67077 1.61472 0.02585  -0.47814 -0.84547 6  DC C P     
221 O OP1   . DC B 6  ? 2.80413 3.66462 1.71021 0.04480  -0.54666 -0.91060 6  DC C OP1   
222 O OP2   . DC B 6  ? 2.96647 3.82692 1.58461 -0.03702 -0.44693 -0.82204 6  DC C OP2   
223 O "O5'" . DC B 6  ? 2.70680 3.56925 1.61052 0.02438  -0.53071 -0.73444 6  DC C "O5'" 
224 C "C5'" . DC B 6  ? 2.79529 3.54138 1.59633 -0.01556 -0.62953 -0.66191 6  DC C "C5'" 
225 C "C4'" . DC B 6  ? 2.74872 3.47240 1.69314 0.01993  -0.72006 -0.67924 6  DC C "C4'" 
226 O "O4'" . DC B 6  ? 2.59287 3.38350 1.77396 0.09885  -0.68485 -0.72051 6  DC C "O4'" 
227 C "C3'" . DC B 6  ? 2.76239 3.41358 1.70448 0.00178  -0.81719 -0.57535 6  DC C "C3'" 
228 O "O3'" . DC B 6  ? 2.89102 3.49474 1.73041 -0.05063 -0.90894 -0.56561 6  DC C "O3'" 
229 C "C2'" . DC B 6  ? 2.65400 3.31898 1.85405 0.08457  -0.83762 -0.57167 6  DC C "C2'" 
230 C "C1'" . DC B 6  ? 2.55569 3.29515 1.88647 0.13750  -0.76637 -0.68114 6  DC C "C1'" 
231 N N1    . DC B 6  ? 2.47551 3.24794 2.00639 0.20210  -0.72029 -0.67971 6  DC C N1    
232 C C2    . DC B 6  ? 2.44067 3.15599 2.17314 0.26043  -0.77257 -0.65330 6  DC C C2    
233 O O2    . DC B 6  ? 2.50003 3.15214 2.25450 0.26123  -0.85738 -0.62332 6  DC C O2    
234 N N3    . DC B 6  ? 2.37635 3.10350 2.27932 0.30791  -0.72520 -0.65171 6  DC C N3    
235 C C4    . DC B 6  ? 2.32467 3.13948 2.20206 0.29359  -0.64019 -0.67302 6  DC C C4    
236 N N4    . DC B 6  ? 2.25285 3.07848 2.29675 0.32578  -0.60186 -0.66307 6  DC C N4    
237 C C5    . DC B 6  ? 2.29945 3.19050 1.98592 0.23864  -0.58667 -0.69422 6  DC C C5    
238 C C6    . DC B 6  ? 2.37276 3.22851 1.89322 0.19786  -0.62485 -0.69831 6  DC C C6    
239 P P     . DG B 7  ? 3.09783 3.62268 1.65314 -0.14077 -0.92944 -0.52960 7  DG C P     
240 O OP1   . DG B 7  ? 3.24500 3.76233 1.68235 -0.15807 -0.88244 -0.63312 7  DG C OP1   
241 O OP2   . DG B 7  ? 3.07087 3.55950 1.55235 -0.14181 -0.88567 -0.45577 7  DG C OP2   
242 O "O5'" . DG B 7  ? 3.21173 3.71284 1.74513 -0.19708 -1.06401 -0.44917 7  DG C "O5'" 
243 C "C5'" . DG B 7  ? 3.19468 3.70556 1.73366 -0.21357 -1.09508 -0.32575 7  DG C "C5'" 
244 C "C4'" . DG B 7  ? 2.97647 3.58387 1.77110 -0.12837 -1.12947 -0.27789 7  DG C "C4'" 
245 O "O4'" . DG B 7  ? 2.79188 3.36047 1.72054 -0.05255 -1.05957 -0.33461 7  DG C "O4'" 
246 C "C3'" . DG B 7  ? 2.94352 3.55920 1.75881 -0.08409 -1.14445 -0.16409 7  DG C "C3'" 
247 O "O3'" . DG B 7  ? 2.92361 3.47317 1.91410 -0.03017 -1.23880 -0.08458 7  DG C "O3'" 
248 C "C2'" . DG B 7  ? 2.86539 3.41339 1.70810 -0.05524 -1.06124 -0.15999 7  DG C "C2'" 
249 C "C1'" . DG B 7  ? 2.81508 3.34992 1.83329 0.00054  -1.05229 -0.25223 7  DG C "C1'" 
250 N N9    . DG B 7  ? 2.78669 3.31927 1.84788 0.03621  -0.95491 -0.30060 7  DG C N9    
251 C C8    . DG B 7  ? 2.76874 3.32024 1.69057 -0.00605 -0.86090 -0.33881 7  DG C C8    
252 N N7    . DG B 7  ? 2.69813 3.27729 1.71902 0.03430  -0.78619 -0.36492 7  DG C N7    
253 C C5    . DG B 7  ? 2.72541 3.27402 1.94962 0.10887  -0.83658 -0.34939 7  DG C C5    
254 C C6    . DG B 7  ? 2.71400 3.25331 2.10907 0.16911  -0.80024 -0.36292 7  DG C C6    
255 O O6    . DG B 7  ? 2.63761 3.22647 2.03427 0.16018  -0.71498 -0.38859 7  DG C O6    
256 N N1    . DG B 7  ? 2.73369 3.18358 2.33183 0.23046  -0.85785 -0.32156 7  DG C N1    
257 C C2    . DG B 7  ? 2.74224 3.14945 2.37222 0.24277  -0.96325 -0.27639 7  DG C C2    
258 N N2    . DG B 7  ? 2.65321 2.97725 2.51348 0.30552  -0.99752 -0.22692 7  DG C N2    
259 N N3    . DG B 7  ? 2.76910 3.20932 2.23312 0.18207  -1.00579 -0.26241 7  DG C N3    
260 C C4    . DG B 7  ? 2.79385 3.30003 2.05503 0.11694  -0.93851 -0.30587 7  DG C C4    
261 P P     . DG B 8  ? 3.17376 3.63093 2.17691 -0.01140 -1.28600 0.07597  8  DG C P     
262 O OP1   . DG B 8  ? 3.15385 3.56838 2.37649 0.02642  -1.37301 0.15375  8  DG C OP1   
263 O OP2   . DG B 8  ? 3.35134 3.84638 2.13471 -0.06405 -1.27850 0.08598  8  DG C OP2   
264 O "O5'" . DG B 8  ? 3.04732 3.39933 2.06874 0.02552  -1.21009 0.12212  8  DG C "O5'" 
265 C "C5'" . DG B 8  ? 3.05611 3.27464 2.14233 0.05137  -1.22272 0.27727  8  DG C "C5'" 
266 C "C4'" . DG B 8  ? 2.89923 3.02639 2.25585 0.13369  -1.23081 0.31336  8  DG C "C4'" 
267 O "O4'" . DG B 8  ? 2.77015 2.97177 2.21806 0.16128  -1.21761 0.16613  8  DG C "O4'" 
268 C "C3'" . DG B 8  ? 2.95720 2.94138 2.34986 0.16322  -1.11184 0.38048  8  DG C "C3'" 
269 O "O3'" . DG B 8  ? 2.98282 2.84467 2.43947 0.17843  -1.11074 0.55217  8  DG C "O3'" 
270 C "C2'" . DG B 8  ? 2.82480 2.79226 2.45405 0.23298  -1.07876 0.31039  8  DG C "C2'" 
271 C "C1'" . DG B 8  ? 2.75219 2.87570 2.31622 0.21265  -1.12647 0.15247  8  DG C "C1'" 
272 N N9    . DG B 8  ? 2.82953 3.00812 2.21235 0.16994  -1.03351 0.06148  8  DG C N9    
273 C C8    . DG B 8  ? 2.84901 3.12098 1.98303 0.10177  -1.04054 0.00842  8  DG C C8    
274 N N7    . DG B 8  ? 2.86645 3.18091 1.90413 0.07789  -0.94333 -0.05635 8  DG C N7    
275 C C5    . DG B 8  ? 2.84315 3.08756 2.06708 0.12597  -0.87303 -0.04682 8  DG C C5    
276 C C6    . DG B 8  ? 2.89497 3.15143 2.12132 0.11589  -0.76618 -0.08661 8  DG C C6    
277 O O6    . DG B 8  ? 2.81487 3.15925 1.88995 0.06602  -0.71065 -0.13409 8  DG C O6    
278 N N1    . DG B 8  ? 2.88696 3.04397 2.31980 0.16574  -0.72558 -0.05852 8  DG C N1    
279 C C2    . DG B 8  ? 2.89310 2.94955 2.51764 0.22686  -0.77372 0.00076  8  DG C C2    
280 N N2    . DG B 8  ? 2.82369 2.78156 2.62514 0.26796  -0.71454 0.01794  8  DG C N2    
281 N N3    . DG B 8  ? 2.81984 2.87502 2.46402 0.24166  -0.87442 0.04747  8  DG C N3    
282 C C4    . DG B 8  ? 2.88867 3.04106 2.32184 0.18516  -0.92258 0.02043  8  DG C C4    
283 P P     . DA B 9  ? 3.09133 2.86008 2.87255 0.26176  -1.12153 0.65433  9  DA C P     
284 O OP1   . DA B 9  ? 2.91851 2.81450 2.85315 0.27843  -1.19878 0.57075  9  DA C OP1   
285 O OP2   . DA B 9  ? 3.08311 2.76476 2.87484 0.25696  -1.08219 0.81153  9  DA C OP2   
286 O "O5'" . DA B 9  ? 3.07287 2.70284 2.95252 0.30862  -0.98528 0.63178  9  DA C "O5'" 
287 C "C5'" . DA B 9  ? 2.81712 2.39696 2.97470 0.37483  -0.92139 0.63049  9  DA C "C5'" 
288 C "C4'" . DA B 9  ? 2.84070 2.31498 3.02607 0.39387  -0.80133 0.57601  9  DA C "C4'" 
289 O "O4'" . DA B 9  ? 3.02971 2.59670 3.04104 0.35252  -0.82083 0.45517  9  DA C "O4'" 
290 C "C3'" . DA B 9  ? 2.96029 2.24149 3.05997 0.37754  -0.64676 0.66565  9  DA C "C3'" 
291 O "O3'" . DA B 9  ? 2.79252 1.99503 3.00265 0.40353  -0.49659 0.61535  9  DA C "O3'" 
292 C "C2'" . DA B 9  ? 3.29028 2.56768 3.10280 0.30278  -0.63783 0.63232  9  DA C "C2'" 
293 C "C1'" . DA B 9  ? 3.27730 2.73815 3.10993 0.30096  -0.69193 0.47039  9  DA C "C1'" 
294 N N9    . DA B 9  ? 3.51804 3.11378 3.09734 0.22538  -0.70133 0.39263  9  DA C N9    
295 C C8    . DA B 9  ? 3.55361 3.25992 2.98213 0.18680  -0.78586 0.39451  9  DA C C8    
296 N N7    . DA B 9  ? 3.63899 3.44709 2.85229 0.12268  -0.76323 0.31636  9  DA C N7    
297 C C5    . DA B 9  ? 3.70768 3.47883 2.93982 0.11600  -0.66192 0.26903  9  DA C C5    
298 C C6    . DA B 9  ? 3.71042 3.55821 2.79346 0.05743  -0.59546 0.19732  9  DA C C6    
299 N N6    . DA B 9  ? 3.62283 3.59889 2.50131 0.00062  -0.61310 0.15330  9  DA C N6    
300 N N1    . DA B 9  ? 3.72137 3.51011 2.87767 0.05535  -0.50985 0.18038  9  DA C N1    
301 C C2    . DA B 9  ? 3.81324 3.46185 3.16542 0.11051  -0.48559 0.22198  9  DA C C2    
302 N N3    . DA B 9  ? 3.72233 3.28291 3.23326 0.17594  -0.53272 0.28732  9  DA C N3    
303 C C4    . DA B 9  ? 3.67310 3.30938 3.11962 0.17486  -0.62434 0.31178  9  DA C C4    
304 P P     . DC B 10 ? 3.29043 2.28653 3.38932 0.39656  -0.31561 0.65941  10 DC C P     
305 O OP1   . DC B 10 ? 3.26038 2.23517 3.44742 0.42768  -0.25142 0.59439  10 DC C OP1   
306 O OP2   . DC B 10 ? 3.37565 2.32243 3.37854 0.38241  -0.33304 0.76780  10 DC C OP2   
307 O "O5'" . DC B 10 ? 3.48545 2.37189 3.41004 0.33900  -0.23118 0.63340  10 DC C "O5'" 
308 C "C5'" . DC B 10 ? 3.44847 2.25021 3.33791 0.32705  -0.14157 0.53975  10 DC C "C5'" 
309 C "C4'" . DC B 10 ? 3.67662 2.45463 3.44821 0.25241  -0.08575 0.52831  10 DC C "C4'" 
310 O "O4'" . DC B 10 ? 3.86213 2.72579 3.58584 0.22779  -0.24241 0.56166  10 DC C "O4'" 
311 C "C3'" . DC B 10 ? 3.70329 2.47502 3.47766 0.10712  -0.08774 0.59305  10 DC C "C3'" 
312 O "O3'" . DC B 10 ? 3.57005 2.31780 3.36504 0.05864  -0.04933 0.52759  10 DC C "O3'" 
313 C "C2'" . DC B 10 ? 4.02490 2.77205 3.50068 0.07325  -0.03217 0.61092  10 DC C "C2'" 
314 C "C1'" . DC B 10 ? 4.11700 2.95321 3.56728 0.12542  -0.17278 0.54782  10 DC C "C1'" 
315 N N1    . DC B 10 ? 4.27237 3.28401 3.55102 0.08678  -0.24964 0.52836  10 DC C N1    
316 C C2    . DC B 10 ? 4.37904 3.50243 3.44812 0.00079  -0.22997 0.46429  10 DC C C2    
317 O O2    . DC B 10 ? 4.28850 3.37019 3.32497 -0.04611 -0.15612 0.43248  10 DC C O2    
318 N N3    . DC B 10 ? 4.42681 3.70171 3.33678 -0.03316 -0.29276 0.44580  10 DC C N3    
319 C C4    . DC B 10 ? 4.46927 3.78278 3.41307 0.00791  -0.37846 0.48752  10 DC C C4    
320 N N4    . DC B 10 ? 4.45272 3.90652 3.22027 -0.03495 -0.43645 0.46526  10 DC C N4    
321 C C5    . DC B 10 ? 4.36290 3.57411 3.52565 0.08989  -0.40883 0.56234  10 DC C C5    
322 C C6    . DC B 10 ? 4.22507 3.28911 3.55531 0.13091  -0.33972 0.58037  10 DC C C6    
323 P P     . DA B 11 ? 4.28597 2.61115 3.58357 1.65080  -0.16326 -0.61421 11 DA C P     
324 O OP1   . DA B 11 ? 4.09430 2.66794 3.43293 1.74104  -0.24236 -0.56600 11 DA C OP1   
325 O OP2   . DA B 11 ? 4.62758 2.63144 3.56003 1.63491  -0.19985 -0.64795 11 DA C OP2   
326 O "O5'" . DA B 11 ? 4.41889 2.58998 3.82154 1.58385  -0.13823 -0.66421 11 DA C "O5'" 
327 C "C5'" . DA B 11 ? 4.17655 2.60779 3.90631 1.59743  -0.12165 -0.64219 11 DA C "C5'" 
328 C "C4'" . DA B 11 ? 4.38804 2.64989 4.16895 1.47729  -0.11320 -0.68533 11 DA C "C4'" 
329 O "O4'" . DA B 11 ? 4.49663 2.62011 4.30151 1.29758  -0.00240 -0.69925 11 DA C "O4'" 
330 C "C3'" . DA B 11 ? 4.72352 2.67421 4.18137 1.49252  -0.23907 -0.73024 11 DA C "C3'" 
331 O "O3'" . DA B 11 ? 4.74411 2.74109 4.37685 1.40424  -0.25215 -0.73749 11 DA C "O3'" 
332 C "C2'" . DA B 11 ? 5.03054 2.63661 4.23572 1.37278  -0.20507 -0.75811 11 DA C "C2'" 
333 C "C1'" . DA B 11 ? 4.87515 2.63537 4.39089 1.20891  -0.04904 -0.73704 11 DA C "C1'" 
334 N N9    . DA B 11 ? 5.02012 2.58520 4.37818 1.12079  0.02423  -0.74825 11 DA C N9    
335 C C8    . DA B 11 ? 5.12289 2.58873 4.24522 1.21611  0.01015  -0.75369 11 DA C C8    
336 N N7    . DA B 11 ? 5.29640 2.59551 4.31264 1.10460  0.08773  -0.76406 11 DA C N7    
337 C C5    . DA B 11 ? 5.28765 2.57816 4.48351 0.92258  0.15981  -0.76330 11 DA C C5    
338 C C6    . DA B 11 ? 5.40485 2.56949 4.60302 0.74436  0.26209  -0.76792 11 DA C C6    
339 N N6    . DA B 11 ? 5.56985 2.58623 4.56870 0.72280  0.30979  -0.77541 11 DA C N6    
340 N N1    . DA B 11 ? 5.33671 2.54340 4.75021 0.59176  0.31417  -0.76360 11 DA C N1    
341 C C2    . DA B 11 ? 5.19921 2.55798 4.80950 0.61704  0.26375  -0.75793 11 DA C C2    
342 N N3    . DA B 11 ? 5.10798 2.59790 4.73271 0.78025  0.16714  -0.75333 11 DA C N3    
343 C C4    . DA B 11 ? 5.12367 2.57298 4.53368 0.92879  0.12048  -0.75500 11 DA C C4    
344 P P     . DG B 12 ? 4.86982 2.66181 4.27437 1.45944  -0.40484 -0.78304 12 DG C P     
345 O OP1   . DG B 12 ? 4.64800 2.70544 4.12767 1.64817  -0.48581 -0.76803 12 DG C OP1   
346 O OP2   . DG B 12 ? 5.20834 2.60579 4.21246 1.45996  -0.47227 -0.82253 12 DG C OP2   
347 O "O5'" . DG B 12 ? 4.93100 2.69743 4.54416 1.27010  -0.36561 -0.79443 12 DG C "O5'" 
348 C "C5'" . DG B 12 ? 4.81166 2.69477 4.70913 1.09711  -0.21649 -0.76753 12 DG C "C5'" 
349 C "C4'" . DG B 12 ? 5.08174 2.66993 4.89546 0.90028  -0.18795 -0.79350 12 DG C "C4'" 
350 O "O4'" . DG B 12 ? 5.20007 2.60392 4.84489 0.83317  -0.11380 -0.78925 12 DG C "O4'" 
351 C "C3'" . DG B 12 ? 5.37906 2.65670 4.91947 0.91113  -0.32837 -0.83914 12 DG C "C3'" 
352 O "O3'" . DG B 12 ? 5.46766 2.64122 5.13330 0.72237  -0.29576 -0.84938 12 DG C "O3'" 
353 C "C2'" . DG B 12 ? 5.63402 2.59776 4.80456 0.93624  -0.35513 -0.85031 12 DG C "C2'" 
354 C "C1'" . DG B 12 ? 5.55566 2.57513 4.86233 0.79716  -0.19203 -0.81827 12 DG C "C1'" 
355 N N9    . DG B 12 ? 5.69710 2.54651 4.73786 0.83584  -0.17333 -0.81468 12 DG C N9    
356 C C8    . DG B 12 ? 5.69886 2.52966 4.51930 1.01855  -0.24599 -0.82026 12 DG C C8    
357 N N7    . DG B 12 ? 5.83527 2.49375 4.44319 1.00570  -0.20809 -0.81692 12 DG C N7    
358 C C5    . DG B 12 ? 5.92515 2.48866 4.61529 0.80368  -0.10201 -0.80642 12 DG C C5    
359 C C6    . DG B 12 ? 6.07504 2.46031 4.61727 0.70411  -0.01949 -0.79666 12 DG C C6    
360 O O6    . DG B 12 ? 6.18805 2.45267 4.48835 0.77607  -0.02631 -0.79762 12 DG C O6    
361 N N1    . DG B 12 ? 6.06660 2.42866 4.77015 0.50326  0.07965  -0.78400 12 DG C N1    
362 C C2    . DG B 12 ? 5.92648 2.41475 4.90400 0.40837  0.09493  -0.78331 12 DG C C2    
363 N N2    . DG B 12 ? 5.91421 2.36567 5.02010 0.21494  0.19755  -0.76941 12 DG C N2    
364 N N3    . DG B 12 ? 5.82094 2.47086 4.93781 0.50008  0.01577  -0.79465 12 DG C N3    
365 C C4    . DG B 12 ? 5.81382 2.49518 4.77338 0.69732  -0.07876 -0.80469 12 DG C C4    
366 P P     . DC B 13 ? 5.68775 2.54693 5.15400 0.68747  -0.43020 -0.89662 13 DC C P     
367 O OP1   . DC B 13 ? 5.54129 2.58714 5.29881 0.63426  -0.43941 -0.90586 13 DC C OP1   
368 O OP2   . DC B 13 ? 5.83809 2.51380 4.96245 0.86557  -0.57888 -0.93090 13 DC C OP2   
369 O "O5'" . DC B 13 ? 5.92562 2.48491 5.28932 0.48292  -0.35549 -0.88611 13 DC C "O5'" 
370 C "C5'" . DC B 13 ? 5.85882 2.46774 5.48342 0.28394  -0.25959 -0.87177 13 DC C "C5'" 
371 C "C4'" . DC B 13 ? 6.01801 2.40247 5.53873 0.11549  -0.16031 -0.84592 13 DC C "C4'" 
372 O "O4'" . DC B 13 ? 5.96957 2.40518 5.39112 0.17368  -0.08281 -0.82356 13 DC C "O4'" 
373 C "C3'" . DC B 13 ? 6.37618 2.34607 5.57505 0.07423  -0.25656 -0.85867 13 DC C "C3'" 
374 O "O3'" . DC B 13 ? 6.44283 2.30973 5.76048 -0.06419 -0.28635 -0.86901 13 DC C "O3'" 
375 C "C2'" . DC B 13 ? 6.43571 2.27582 5.50720 -0.02348 -0.13960 -0.81933 13 DC C "C2'" 
376 C "C1'" . DC B 13 ? 6.21445 2.33574 5.36892 0.08930  -0.06220 -0.80984 13 DC C "C1'" 
377 N N1    . DC B 13 ? 6.34875 2.34204 5.18249 0.25489  -0.13292 -0.81753 13 DC C N1    
378 C C2    . DC B 13 ? 6.49313 2.28525 5.09558 0.21139  -0.07879 -0.79594 13 DC C C2    
379 O O2    . DC B 13 ? 6.51021 2.23797 5.17286 0.03824  0.02799  -0.76871 13 DC C O2    
380 N N3    . DC B 13 ? 6.61174 2.29486 4.92973 0.36458  -0.14455 -0.80452 13 DC C N3    
381 C C4    . DC B 13 ? 6.55436 2.32693 4.81919 0.55267  -0.25673 -0.83244 13 DC C C4    
382 N N4    . DC B 13 ? 6.64340 2.30841 4.62881 0.69998  -0.31793 -0.84061 13 DC C N4    
383 C C5    . DC B 13 ? 6.38985 2.37391 4.88335 0.60176  -0.31141 -0.85217 13 DC C C5    
384 C C6    . DC B 13 ? 6.30854 2.39517 5.08037 0.44997  -0.24750 -0.84417 13 DC C C6    
385 P P     . DA B 14 ? 6.66061 2.12866 5.71064 -0.07972 -0.43802 -0.89574 14 DA C P     
386 O OP1   . DA B 14 ? 6.66979 2.15714 5.93695 -0.17713 -0.48195 -0.91906 14 DA C OP1   
387 O OP2   . DA B 14 ? 6.77325 2.14215 5.53852 0.13183  -0.57514 -0.93100 14 DA C OP2   
388 O "O5'" . DA B 14 ? 6.90362 2.09376 5.78048 -0.23413 -0.35451 -0.84562 14 DA C "O5'" 
389 C "C5'" . DA B 14 ? 6.79629 2.08871 5.88506 -0.42317 -0.18762 -0.79972 14 DA C "C5'" 
390 C "C4'" . DA B 14 ? 6.98149 2.07542 5.84674 -0.49353 -0.10506 -0.75128 14 DA C "C4'" 
391 O "O4'" . DA B 14 ? 6.90264 2.05874 5.59031 -0.33088 -0.10278 -0.75731 14 DA C "O4'" 
392 C "C3'" . DA B 14 ? 7.39881 2.07689 5.98275 -0.55105 -0.19832 -0.73385 14 DA C "C3'" 
393 O "O3'" . DA B 14 ? 7.51210 2.10435 6.08460 -0.72165 -0.07146 -0.66844 14 DA C "O3'" 
394 C "C2'" . DA B 14 ? 7.51391 2.07060 5.77666 -0.35727 -0.30101 -0.75317 14 DA C "C2'" 
395 C "C1'" . DA B 14 ? 7.23261 2.05057 5.55288 -0.28833 -0.18070 -0.74666 14 DA C "C1'" 
396 N N9    . DA B 14 ? 7.18354 2.03999 5.31998 -0.06973 -0.26648 -0.77990 14 DA C N9    
397 C C8    . DA B 14 ? 7.00527 2.05109 5.22382 0.09076  -0.35620 -0.82609 14 DA C C8    
398 N N7    . DA B 14 ? 7.00254 2.05010 5.01665 0.27149  -0.41523 -0.84273 14 DA C N7    
399 C C5    . DA B 14 ? 7.19206 2.03049 4.97165 0.22687  -0.36359 -0.80890 14 DA C C5    
400 C C6    . DA B 14 ? 7.24502 2.06234 4.78463 0.34766  -0.38133 -0.79604 14 DA C C6    
401 N N6    . DA B 14 ? 7.12629 2.09838 4.60254 0.54223  -0.45988 -0.82006 14 DA C N6    
402 N N1    . DA B 14 ? 7.42467 2.07044 4.79598 0.25875  -0.31394 -0.75250 14 DA C N1    
403 C C2    . DA B 14 ? 7.54000 2.05784 4.98318 0.06162  -0.22904 -0.71863 14 DA C C2    
404 N N3    . DA B 14 ? 7.49431 2.03805 5.17286 -0.07361 -0.19862 -0.72109 14 DA C N3    
405 C C4    . DA B 14 ? 7.30626 2.02911 5.15538 0.01878  -0.27049 -0.76791 14 DA C C4    
406 P P     . DC B 15 ? 7.83790 2.20179 6.32659 -0.83706 -0.12144 -0.61378 15 DC C P     
407 O OP1   . DC B 15 ? 7.82226 2.25496 6.47871 -1.03490 0.03024  -0.54899 15 DC C OP1   
408 O OP2   . DC B 15 ? 7.92640 2.22919 6.46943 -0.79328 -0.27539 -0.65712 15 DC C OP2   
409 O "O5'" . DC B 15 ? 8.06474 2.21959 6.18395 -0.73482 -0.16845 -0.58934 15 DC C "O5'" 
410 C "C5'" . DC B 15 ? 7.99678 2.18786 5.98279 -0.70676 -0.05812 -0.56964 15 DC C "C5'" 
411 C "C4'" . DC B 15 ? 8.23677 2.21664 5.87135 -0.59727 -0.13686 -0.55183 15 DC C "C4'" 
412 O "O4'" . DC B 15 ? 8.10445 2.16962 5.63255 -0.38824 -0.21877 -0.61171 15 DC C "O4'" 
413 C "C3'" . DC B 15 ? 8.54632 2.29429 6.06417 -0.61316 -0.27055 -0.52975 15 DC C "C3'" 
414 O "O3'" . DC B 15 ? 8.81067 2.34645 6.06143 -0.63403 -0.25794 -0.46778 15 DC C "O3'" 
415 C "C2'" . DC B 15 ? 8.50505 2.28032 5.94444 -0.41758 -0.42781 -0.60146 15 DC C "C2'" 
416 C "C1'" . DC B 15 ? 8.32487 2.22423 5.64878 -0.28537 -0.37637 -0.62082 15 DC C "C1'" 
417 N N1    . DC B 15 ? 8.16116 2.20585 5.47269 -0.08576 -0.48131 -0.68877 15 DC C N1    
418 C C2    . DC B 15 ? 8.17845 2.22164 5.25262 0.07689  -0.52757 -0.69585 15 DC C C2    
419 O O2    . DC B 15 ? 8.33421 2.23939 5.20974 0.05022  -0.48282 -0.65075 15 DC C O2    
420 N N3    . DC B 15 ? 8.02605 2.22992 5.09684 0.25802  -0.61845 -0.74781 15 DC C N3    
421 C C4    . DC B 15 ? 7.87435 2.21942 5.15218 0.28417  -0.66490 -0.79378 15 DC C C4    
422 N N4    . DC B 15 ? 7.73372 2.24746 4.99479 0.46901  -0.75220 -0.83723 15 DC C N4    
423 C C5    . DC B 15 ? 7.86176 2.19334 5.37539 0.12176  -0.62404 -0.79332 15 DC C C5    
424 C C6    . DC B 15 ? 8.00133 2.18914 5.53069 -0.06189 -0.53150 -0.73909 15 DC C C6    
425 P P     . DC B 16 ? 7.77532 2.74441 4.33718 -0.32834 1.04701  -1.20689 16 DC C P     
426 O OP1   . DC B 16 ? 8.05128 2.81062 4.37409 -0.28778 1.15884  -1.17784 16 DC C OP1   
427 O OP2   . DC B 16 ? 7.59980 2.74675 4.48254 -0.23785 1.05645  -1.28423 16 DC C OP2   
428 O "O5'" . DC B 16 ? 7.65997 2.68601 4.27271 -0.46591 1.01478  -1.17253 16 DC C "O5'" 
429 C "C5'" . DC B 16 ? 7.44798 2.62899 4.16735 -0.54578 0.88579  -1.16548 16 DC C "C5'" 
430 C "C4'" . DC B 16 ? 7.52308 2.62300 3.99289 -0.66120 0.82675  -1.08944 16 DC C "C4'" 
431 O "O4'" . DC B 16 ? 7.49111 2.62372 3.86637 -0.67250 0.72152  -1.07435 16 DC C "O4'" 
432 C "C3'" . DC B 16 ? 7.36711 2.58146 3.94715 -0.76668 0.77371  -1.06509 16 DC C "C3'" 
433 O "O3'" . DC B 16 ? 7.50601 2.60178 3.81445 -0.85920 0.75835  -0.99332 16 DC C "O3'" 
434 C "C2'" . DC B 16 ? 7.13919 2.54998 3.88992 -0.77192 0.64871  -1.08934 16 DC C "C2'" 
435 C "C1'" . DC B 16 ? 7.26977 2.58361 3.78762 -0.74900 0.61327  -1.06739 16 DC C "C1'" 
436 N N1    . DC B 16 ? 7.12756 2.57342 3.77260 -0.69892 0.52924  -1.10689 16 DC C N1    
437 C C2    . DC B 16 ? 7.01890 2.56738 3.63591 -0.76602 0.41586  -1.07710 16 DC C C2    
438 O O2    . DC B 16 ? 7.03460 2.57342 3.53602 -0.86231 0.38689  -1.02071 16 DC C O2    
439 N N3    . DC B 16 ? 6.91249 2.57262 3.63121 -0.72122 0.34400  -1.11116 16 DC C N3    
440 C C4    . DC B 16 ? 6.92221 2.58805 3.75782 -0.61270 0.37732  -1.17328 16 DC C C4    
441 N N4    . DC B 16 ? 6.85785 2.62981 3.77977 -0.57195 0.30214  -1.20521 16 DC C N4    
442 C C5    . DC B 16 ? 7.01545 2.58338 3.88482 -0.53793 0.49320  -1.20513 16 DC C C5    
443 C C6    . DC B 16 ? 7.12081 2.58193 3.89356 -0.58522 0.56808  -1.16955 16 DC C C6    
444 P P     . DT B 17 ? 7.46116 2.58905 3.78421 -0.96374 0.74671  -0.95158 17 DT C P     
445 O OP1   . DT B 17 ? 7.67497 2.63255 3.66538 -1.03444 0.75652  -0.88477 17 DT C OP1   
446 O OP2   . DT B 17 ? 7.41486 2.56900 3.94656 -0.93569 0.83453  -0.98477 17 DT C OP2   
447 O "O5'" . DT B 17 ? 7.20864 2.55688 3.70374 -1.01232 0.61055  -0.95236 17 DT C "O5'" 
448 C "C5'" . DT B 17 ? 7.19918 2.57722 3.55735 -1.04600 0.51565  -0.92319 17 DT C "C5'" 
449 C "C4'" . DT B 17 ? 7.00011 2.56435 3.48018 -1.11823 0.40837  -0.90402 17 DT C "C4'" 
450 O "O4'" . DT B 17 ? 6.84208 2.56843 3.46793 -1.08530 0.32070  -0.93622 17 DT C "O4'" 
451 C "C3'" . DT B 17 ? 6.85236 2.52676 3.57743 -1.13155 0.41761  -0.92281 17 DT C "C3'" 
452 O "O3'" . DT B 17 ? 6.75411 2.53648 3.48687 -1.21160 0.33300  -0.88287 17 DT C "O3'" 
453 C "C2'" . DT B 17 ? 6.66043 2.48948 3.67216 -1.05586 0.39269  -0.99367 17 DT C "C2'" 
454 C "C1'" . DT B 17 ? 6.61060 2.51520 3.55404 -1.05883 0.29499  -0.98611 17 DT C "C1'" 
455 N N1    . DT B 17 ? 6.56526 2.54233 3.65308 -0.97246 0.27856  -1.04810 17 DT C N1    
456 C C2    . DT B 17 ? 6.49124 2.60164 3.62003 -0.97458 0.17896  -1.05254 17 DT C C2    
457 O O2    . DT B 17 ? 6.46948 2.65183 3.53382 -1.04267 0.10702  -1.00817 17 DT C O2    
458 N N3    . DT B 17 ? 6.44687 2.60731 3.69557 -0.89183 0.16947  -1.11117 17 DT C N3    
459 C C4    . DT B 17 ? 6.48540 2.58283 3.81915 -0.80511 0.24798  -1.16653 17 DT C C4    
460 O O4    . DT B 17 ? 6.44438 2.59556 3.87806 -0.73089 0.22942  -1.21875 17 DT C O4    
461 C C5    . DT B 17 ? 6.55903 2.52677 3.85528 -0.80547 0.35693  -1.15869 17 DT C C5    
462 C C7    . DT B 17 ? 6.58841 2.49503 3.98312 -0.71038 0.45941  -1.21588 17 DT C C7    
463 C C6    . DT B 17 ? 6.58823 2.49870 3.76129 -0.89000 0.36681  -1.09950 17 DT C C6    
464 P P     . DC B 18 ? 6.90653 2.59046 3.48587 -1.29324 0.36189  -0.82396 18 DC C P     
465 O OP1   . DC B 18 ? 7.06883 2.64975 3.33902 -1.35337 0.33481  -0.76772 18 DC C OP1   
466 O OP2   . DC B 18 ? 7.00904 2.57116 3.62113 -1.26340 0.47980  -0.83853 18 DC C OP2   
467 O "O5'" . DC B 18 ? 6.69349 2.57590 3.48142 -1.33402 0.27400  -0.81901 18 DC C "O5'" 
468 C "C5'" . DC B 18 ? 6.57687 2.60373 3.36474 -1.36640 0.16268  -0.80303 18 DC C "C5'" 
469 C "C4'" . DC B 18 ? 6.32293 2.56551 3.42052 -1.31970 0.09897  -0.85595 18 DC C "C4'" 
470 O "O4'" . DC B 18 ? 6.29956 2.53064 3.50447 -1.23762 0.14117  -0.91465 18 DC C "O4'" 
471 C "C3'" . DC B 18 ? 6.18831 2.53080 3.52635 -1.32527 0.09487  -0.87027 18 DC C "C3'" 
472 O "O3'" . DC B 18 ? 6.02304 2.54940 3.46657 -1.35277 -0.00976 -0.86186 18 DC C "O3'" 
473 C "C2'" . DC B 18 ? 6.08941 2.47827 3.67257 -1.24720 0.14030  -0.94056 18 DC C "C2'" 
474 C "C1'" . DC B 18 ? 6.09484 2.48939 3.60959 -1.20166 0.11600  -0.96586 18 DC C "C1'" 
475 N N1    . DC B 18 ? 6.09180 2.45858 3.73205 -1.12058 0.18011  -1.02917 18 DC C N1    
476 C C2    . DC B 18 ? 5.97901 2.45377 3.72523 -1.06552 0.12737  -1.07691 18 DC C C2    
477 O O2    . DC B 18 ? 5.92310 2.51297 3.65639 -1.08663 0.03371  -1.06255 18 DC C O2    
478 N N3    . DC B 18 ? 5.98423 2.43592 3.84203 -0.98941 0.18421  -1.13745 18 DC C N3    
479 C C4    . DC B 18 ? 6.08869 2.42672 3.96653 -0.96780 0.29501  -1.15059 18 DC C C4    
480 N N4    . DC B 18 ? 6.08363 2.43017 4.09027 -0.88452 0.35230  -1.20917 18 DC C N4    
481 C C5    . DC B 18 ? 6.20018 2.42998 3.97670 -1.02496 0.35419  -1.09987 18 DC C C5    
482 C C6    . DC B 18 ? 6.19939 2.44388 3.85584 -1.09996 0.29077  -1.04068 18 DC C C6    
483 P P     . DG B 19 ? 5.97638 2.50241 3.28532 -1.43561 -0.05557 -0.79745 19 DG C P     
484 O OP1   . DG B 19 ? 6.15821 2.56239 3.15558 -1.48257 -0.05232 -0.74842 19 DG C OP1   
485 O OP2   . DG B 19 ? 6.01306 2.47289 3.39592 -1.44997 -0.00153 -0.78800 19 DG C OP2   
486 O "O5'" . DG B 19 ? 5.75883 2.52370 3.24289 -1.43549 -0.16886 -0.80929 19 DG C "O5'" 
487 C "C5'" . DG B 19 ? 5.55786 2.47492 3.34743 -1.38061 -0.19216 -0.86711 19 DG C "C5'" 
488 C "C4'" . DG B 19 ? 5.41192 2.48873 3.29159 -1.34107 -0.25986 -0.90049 19 DG C "C4'" 
489 O "O4'" . DG B 19 ? 5.44916 2.45403 3.32888 -1.28557 -0.20845 -0.94081 19 DG C "O4'" 
490 C "C3'" . DG B 19 ? 5.18546 2.47292 3.35403 -1.30726 -0.32482 -0.94456 19 DG C "C3'" 
491 O "O3'" . DG B 19 ? 5.07969 2.52647 3.25073 -1.30638 -0.40774 -0.93959 19 DG C "O3'" 
492 C "C2'" . DG B 19 ? 5.12458 2.41167 3.47401 -1.23990 -0.27999 -1.01171 19 DG C "C2'" 
493 C "C1'" . DG B 19 ? 5.26856 2.41769 3.41559 -1.22492 -0.23430 -1.00637 19 DG C "C1'" 
494 N N9    . DG B 19 ? 5.32808 2.36986 3.53606 -1.17758 -0.14863 -1.04915 19 DG C N9    
495 C C8    . DG B 19 ? 5.46654 2.34849 3.61731 -1.18960 -0.05427 -1.03564 19 DG C C8    
496 N N7    . DG B 19 ? 5.49292 2.31915 3.72872 -1.13604 0.01667  -1.08344 19 DG C N7    
497 C C5    . DG B 19 ? 5.36825 2.31806 3.71845 -1.08593 -0.03976 -1.13316 19 DG C C5    
498 C C6    . DG B 19 ? 5.34289 2.30098 3.81422 -1.01624 -0.00521 -1.19950 19 DG C C6    
499 O O6    . DG B 19 ? 5.42423 2.28734 3.93518 -0.98316 0.09091  -1.22874 19 DG C O6    
500 N N1    . DG B 19 ? 5.21364 2.31126 3.76466 -0.98297 -0.08945 -1.23332 19 DG C N1    
501 C C2    . DG B 19 ? 5.11505 2.33774 3.64174 -1.01242 -0.18716 -1.20501 19 DG C C2    
502 N N2    . DG B 19 ? 5.01993 2.36986 3.63500 -0.97148 -0.25242 -1.24354 19 DG C N2    
503 N N3    . DG B 19 ? 5.13284 2.36001 3.55659 -1.07630 -0.21478 -1.14401 19 DG C N3    
504 C C4    . DG B 19 ? 5.26452 2.34724 3.59926 -1.11055 -0.14094 -1.11162 19 DG C C4    
505 P P     . DC B 20 ? 4.84934 2.53239 3.28945 -1.27289 -0.48526 -0.97975 20 DC C P     
506 O OP1   . DC B 20 ? 4.80358 2.61425 3.16499 -1.29722 -0.55596 -0.94523 20 DC C OP1   
507 O OP2   . DC B 20 ? 4.81311 2.49647 3.40674 -1.27856 -0.47338 -0.99072 20 DC C OP2   
508 O "O5'" . DC B 20 ? 4.74779 2.48903 3.34997 -1.20053 -0.47840 -1.04883 20 DC C "O5'" 
509 C "C5'" . DC B 20 ? 4.55751 2.47074 3.43468 -1.15540 -0.52062 -1.10609 20 DC C "C5'" 
510 C "C4'" . DC B 20 ? 4.52062 2.42633 3.51471 -1.09549 -0.49337 -1.16973 20 DC C "C4'" 
511 O "O4'" . DC B 20 ? 4.68426 2.38868 3.56454 -1.09988 -0.40587 -1.16380 20 DC C "O4'" 
512 C "C3'" . DC B 20 ? 4.36807 2.39211 3.65552 -1.05589 -0.50977 -1.23349 20 DC C "C3'" 
513 O "O3'" . DC B 20 ? 4.20221 2.42466 3.62423 -1.02106 -0.58314 -1.26829 20 DC C "O3'" 
514 C "C2'" . DC B 20 ? 4.43251 2.34651 3.76011 -1.01998 -0.44148 -1.27718 20 DC C "C2'" 
515 C "C1'" . DC B 20 ? 4.63567 2.34887 3.68810 -1.04618 -0.37561 -1.23022 20 DC C "C1'" 
516 N N1    . DC B 20 ? 4.76462 2.31312 3.79547 -1.05542 -0.27416 -1.22843 20 DC C N1    
517 C C2    . DC B 20 ? 4.78544 2.29062 3.90953 -1.00708 -0.21050 -1.28465 20 DC C C2    
518 O O2    . DC B 20 ? 4.69746 2.29735 3.91714 -0.95884 -0.24920 -1.33550 20 DC C O2    
519 N N3    . DC B 20 ? 4.89743 2.27713 4.01507 -1.00769 -0.10538 -1.27819 20 DC C N3    
520 C C4    . DC B 20 ? 5.00156 2.27201 4.00027 -1.06276 -0.06828 -1.22117 20 DC C C4    
521 N N4    . DC B 20 ? 5.09965 2.27763 4.11143 -1.04849 0.03631  -1.20446 20 DC C N4    
522 C C5    . DC B 20 ? 4.99422 2.28935 3.87813 -1.11747 -0.13897 -1.16572 20 DC C C5    
523 C C6    . DC B 20 ? 4.87072 2.31401 3.78226 -1.10959 -0.23804 -1.17177 20 DC C C6    
524 P P     . DA B 21 ? 4.07980 2.47526 3.58280 -1.03961 -0.64591 -1.25290 21 DA C P     
525 O OP1   . DA B 21 ? 4.10123 2.54086 3.42687 -1.05773 -0.67959 -1.20743 21 DA C OP1   
526 O OP2   . DA B 21 ? 4.13154 2.45251 3.65355 -1.07707 -0.62621 -1.22619 21 DA C OP2   
527 O "O5'" . DA B 21 ? 3.90414 2.50537 3.61960 -1.01383 -0.63570 -1.31027 21 DA C "O5'" 
528 C "C5'" . DA B 21 ? 3.94372 2.44186 3.70562 -1.01162 -0.64645 -1.28758 21 DA C "C5'" 
529 C "C4'" . DA B 21 ? 3.93280 2.42242 3.78074 -0.95006 -0.61679 -1.32806 21 DA C "C4'" 
530 O "O4'" . DA B 21 ? 4.07793 2.37341 3.83415 -0.95876 -0.56253 -1.33737 21 DA C "O4'" 
531 C "C3'" . DA B 21 ? 3.80584 2.43153 3.94526 -0.88839 -0.59949 -1.36584 21 DA C "C3'" 
532 O "O3'" . DA B 21 ? 3.75537 2.45077 3.96969 -0.83220 -0.59890 -1.40431 21 DA C "O3'" 
533 C "C2'" . DA B 21 ? 3.88822 2.39052 4.08629 -0.90100 -0.52900 -1.37624 21 DA C "C2'" 
534 C "C1'" . DA B 21 ? 4.04496 2.35969 4.01759 -0.92514 -0.49803 -1.37186 21 DA C "C1'" 
535 N N9    . DA B 21 ? 4.17218 2.32278 4.07114 -0.96826 -0.43641 -1.35351 21 DA C N9    
536 C C8    . DA B 21 ? 4.23188 2.31554 4.01621 -1.02477 -0.45225 -1.30812 21 DA C C8    
537 N N7    . DA B 21 ? 4.36402 2.29416 4.06824 -1.05910 -0.36564 -1.28556 21 DA C N7    
538 C C5    . DA B 21 ? 4.38322 2.28178 4.18047 -1.02018 -0.29019 -1.32854 21 DA C C5    
539 C C6    . DA B 21 ? 4.50026 2.27818 4.27625 -1.01233 -0.18302 -1.31047 21 DA C C6    
540 N N6    . DA B 21 ? 4.63380 2.27254 4.26880 -1.05637 -0.12981 -1.24936 21 DA C N6    
541 N N1    . DA B 21 ? 4.47861 2.29253 4.38394 -0.95484 -0.13260 -1.35653 21 DA C N1    
542 C C2    . DA B 21 ? 4.35137 2.30605 4.39203 -0.90958 -0.18952 -1.41630 21 DA C C2    
543 N N3    . DA B 21 ? 4.23840 2.31315 4.29575 -0.90681 -0.29181 -1.42482 21 DA C N3    
544 C C4    . DA B 21 ? 4.25977 2.30237 4.19039 -0.96083 -0.33769 -1.37439 21 DA C C4    
545 O "O5'" . DG C 1  ? 3.67295 1.77601 3.01917 -0.78448 1.77702  -0.35544 1  DG G "O5'" 
546 C "C5'" . DG C 1  ? 3.75055 1.81341 2.92677 -0.80392 1.81157  -0.41054 1  DG G "C5'" 
547 C "C4'" . DG C 1  ? 3.85529 1.83340 2.94379 -0.81157 1.83589  -0.40179 1  DG G "C4'" 
548 O "O4'" . DG C 1  ? 3.93731 1.83889 2.98739 -0.76386 1.86510  -0.33470 1  DG G "O4'" 
549 C "C3'" . DG C 1  ? 3.84672 1.79657 3.04281 -0.82003 1.80270  -0.36703 1  DG G "C3'" 
550 O "O3'" . DG C 1  ? 3.82598 1.84726 2.97801 -0.82302 1.71508  -0.46438 1  DG G "O3'" 
551 C "C2'" . DG C 1  ? 3.94699 1.79477 3.12066 -0.77616 1.82323  -0.28644 1  DG G "C2'" 
552 C "C1'" . DG C 1  ? 4.01436 1.83853 3.04493 -0.75957 1.87411  -0.29865 1  DG G "C1'" 
553 N N9    . DG C 1  ? 4.07013 1.83806 3.12047 -0.70422 1.89163  -0.21439 1  DG G N9    
554 C C8    . DG C 1  ? 4.01981 1.82104 3.19846 -0.66046 1.87706  -0.14334 1  DG G C8    
555 N N7    . DG C 1  ? 4.08652 1.83475 3.25165 -0.62037 1.89702  -0.08258 1  DG G N7    
556 C C5    . DG C 1  ? 4.18909 1.85775 3.20868 -0.63512 1.92679  -0.11227 1  DG G C5    
557 C C6    . DG C 1  ? 4.29193 1.88058 3.23494 -0.60646 1.95597  -0.07467 1  DG G C6    
558 O O6    . DG C 1  ? 4.31096 1.88676 3.30512 -0.56345 1.96186  -0.00784 1  DG G O6    
559 N N1    . DG C 1  ? 4.37674 1.90303 3.16630 -0.63433 1.97759  -0.12574 1  DG G N1    
560 C C2    . DG C 1  ? 4.36105 1.91118 3.07824 -0.68602 1.97115  -0.20626 1  DG G C2    
561 N N2    . DG C 1  ? 4.44923 1.95091 3.00858 -0.70388 1.99068  -0.24961 1  DG G N2    
562 N N3    . DG C 1  ? 4.26170 1.89267 3.05378 -0.71628 1.94444  -0.24543 1  DG G N3    
563 C C4    . DG C 1  ? 4.18127 1.86206 3.12502 -0.68702 1.92356  -0.19310 1  DG G C4    
564 P P     . DA C 2  ? 3.94667 1.97418 3.16936 -0.77867 1.60071  -0.46536 2  DA G P     
565 O OP1   . DA C 2  ? 3.86377 2.01833 3.10105 -0.77942 1.49250  -0.57171 2  DA G OP1   
566 O OP2   . DA C 2  ? 3.93556 1.89916 3.31426 -0.76351 1.60788  -0.35984 2  DA G OP2   
567 O "O5'" . DA C 2  ? 4.07061 2.02550 3.13858 -0.75380 1.61706  -0.46850 2  DA G "O5'" 
568 C "C5'" . DA C 2  ? 4.09202 2.07254 3.13504 -0.71872 1.51520  -0.51656 2  DA G "C5'" 
569 C "C4'" . DA C 2  ? 4.21200 2.13401 3.07958 -0.70589 1.54926  -0.53396 2  DA G "C4'" 
570 O "O4'" . DA C 2  ? 4.28295 2.09195 3.11011 -0.71503 1.67082  -0.44475 2  DA G "O4'" 
571 C "C3'" . DA C 2  ? 4.32846 2.21627 3.18647 -0.66138 1.47601  -0.52831 2  DA G "C3'" 
572 O "O3'" . DA C 2  ? 4.46182 2.33205 3.14341 -0.65406 1.48811  -0.57939 2  DA G "O3'" 
573 C "C2'" . DA C 2  ? 4.31577 2.08579 3.25443 -0.64682 1.53667  -0.40262 2  DA G "C2'" 
574 C "C1'" . DA C 2  ? 4.35014 2.06429 3.21904 -0.68021 1.66872  -0.36234 2  DA G "C1'" 
575 N N9    . DA C 2  ? 4.33426 1.98342 3.32734 -0.68840 1.73503  -0.25554 2  DA G N9    
576 C C8    . DA C 2  ? 4.23502 1.93156 3.36962 -0.70839 1.72971  -0.23665 2  DA G C8    
577 N N7    . DA C 2  ? 4.24206 1.87048 3.46708 -0.70550 1.79257  -0.13340 2  DA G N7    
578 C C5    . DA C 2  ? 4.34566 1.89519 3.48654 -0.67289 1.82954  -0.08607 2  DA G C5    
579 C C6    . DA C 2  ? 4.36861 1.91079 3.55878 -0.61729 1.84216  -0.00109 2  DA G C6    
580 N N6    . DA C 2  ? 4.28839 1.90420 3.62322 -0.58602 1.81901  0.05431  2  DA G N6    
581 N N1    . DA C 2  ? 4.47832 1.93613 3.55950 -0.59801 1.87674  0.02086  2  DA G N1    
582 C C2    . DA C 2  ? 4.56212 1.94570 3.48818 -0.63066 1.89876  -0.03477 2  DA G C2    
583 N N3    . DA C 2  ? 4.52722 1.97233 3.40251 -0.65675 1.84910  -0.13138 2  DA G N3    
584 C C4    . DA C 2  ? 4.41648 1.94452 3.40761 -0.67727 1.81549  -0.15327 2  DA G C4    
585 P P     . DT C 3  ? 4.82115 2.67716 3.45503 -0.61015 1.40280  -0.60453 3  DT G P     
586 O OP1   . DT C 3  ? 4.79459 2.75049 3.32552 -0.61395 1.33534  -0.72603 3  DT G OP1   
587 O OP2   . DT C 3  ? 4.80902 2.65300 3.60363 -0.58193 1.33428  -0.55012 3  DT G OP2   
588 O "O5'" . DT C 3  ? 4.94250 2.67412 3.45105 -0.59979 1.49502  -0.54560 3  DT G "O5'" 
589 C "C5'" . DT C 3  ? 4.93391 2.55776 3.49352 -0.60284 1.59073  -0.43128 3  DT G "C5'" 
590 C "C4'" . DT C 3  ? 5.01799 2.55032 3.60173 -0.56187 1.57281  -0.36150 3  DT G "C4'" 
591 O "O4'" . DT C 3  ? 4.93102 2.37377 3.61864 -0.56310 1.64529  -0.24381 3  DT G "O4'" 
592 C "C3'" . DT C 3  ? 5.06078 2.64539 3.73880 -0.52929 1.44382  -0.38936 3  DT G "C3'" 
593 O "O3'" . DT C 3  ? 5.21125 2.74016 3.81277 -0.49258 1.41278  -0.38559 3  DT G "O3'" 
594 C "C2'" . DT C 3  ? 4.94211 2.49811 3.80518 -0.52677 1.44641  -0.29868 3  DT G "C2'" 
595 C "C1'" . DT C 3  ? 4.90626 2.34107 3.73683 -0.53372 1.57109  -0.19923 3  DT G "C1'" 
596 N N1    . DT C 3  ? 4.74565 2.14635 3.72573 -0.54805 1.62205  -0.10711 3  DT G N1    
597 C C2    . DT C 3  ? 4.73568 2.01813 3.73449 -0.53911 1.70367  0.00174  3  DT G C2    
598 O O2    . DT C 3  ? 4.84716 2.04983 3.74792 -0.51971 1.73671  0.02792  3  DT G O2    
599 N N3    . DT C 3  ? 4.68380 1.94458 3.82144 -0.55353 1.74554  0.07981  3  DT G N3    
600 C C4    . DT C 3  ? 4.57069 1.91403 3.82805 -0.57570 1.71480  0.06027  3  DT G C4    
601 O O4    . DT C 3  ? 4.49806 1.90438 3.88853 -0.55874 1.71265  0.11953  3  DT G O4    
602 C C5    . DT C 3  ? 4.50061 1.96581 3.73098 -0.58400 1.62908  -0.05569 3  DT G C5    
603 C C7    . DT C 3  ? 4.37656 1.93887 3.72866 -0.60749 1.58897  -0.08701 3  DT G C7    
604 C C6    . DT C 3  ? 4.61251 2.10071 3.70709 -0.56997 1.58731  -0.13292 3  DT G C6    
605 P P     . DG C 4  ? 5.17347 2.77426 3.65060 -0.47816 1.32854  -0.50019 4  DG G P     
606 O OP1   . DG C 4  ? 5.10583 2.73891 3.43847 -0.51039 1.38761  -0.56467 4  DG G OP1   
607 O OP2   . DG C 4  ? 5.12819 2.82399 3.71428 -0.46375 1.20461  -0.55123 4  DG G OP2   
608 O "O5'" . DG C 4  ? 5.33124 2.83522 3.73203 -0.43991 1.32940  -0.46122 4  DG G "O5'" 
609 C "C5'" . DG C 4  ? 5.38454 2.85173 3.89123 -0.40301 1.26553  -0.40899 4  DG G "C5'" 
610 C "C4'" . DG C 4  ? 5.45618 2.78780 3.95593 -0.38794 1.34755  -0.29954 4  DG G "C4'" 
611 O "O4'" . DG C 4  ? 5.32073 2.61253 3.91508 -0.41276 1.43163  -0.21778 4  DG G "O4'" 
612 C "C3'" . DG C 4  ? 5.51968 2.80015 4.10252 -0.34573 1.28472  -0.24542 4  DG G "C3'" 
613 O "O3'" . DG C 4  ? 5.61886 2.77990 4.12788 -0.32869 1.35533  -0.17472 4  DG G "O3'" 
614 C "C2'" . DG C 4  ? 5.38276 2.66591 4.15154 -0.35332 1.28195  -0.17694 4  DG G "C2'" 
615 C "C1'" . DG C 4  ? 5.27698 2.52229 4.02268 -0.39062 1.40566  -0.13265 4  DG G "C1'" 
616 N N9    . DG C 4  ? 5.09896 2.39082 3.98938 -0.41477 1.40849  -0.10949 4  DG G N9    
617 C C8    . DG C 4  ? 5.02653 2.43539 3.96987 -0.43285 1.34443  -0.18568 4  DG G C8    
618 N N7    . DG C 4  ? 4.87733 2.30174 3.95677 -0.45184 1.36282  -0.14081 4  DG G N7    
619 C C5    . DG C 4  ? 4.84718 2.15803 3.96677 -0.44593 1.44407  -0.02736 4  DG G C5    
620 C C6    . DG C 4  ? 4.69364 1.96636 3.94844 -0.45944 1.49702  0.06337  4  DG G C6    
621 O O6    . DG C 4  ? 4.56762 1.90123 3.93653 -0.48032 1.48241  0.06068  4  DG G O6    
622 N N1    . DG C 4  ? 4.71055 1.86111 3.96026 -0.44618 1.57394  0.16557  4  DG G N1    
623 C C2    . DG C 4  ? 4.83668 1.91100 3.96586 -0.42278 1.59700  0.17838  4  DG G C2    
624 N N2    . DG C 4  ? 4.89291 1.85216 4.03748 -0.41263 1.67415  0.28388  4  DG G N2    
625 N N3    . DG C 4  ? 4.99637 2.10518 3.99830 -0.41007 1.54782  0.09360  4  DG G N3    
626 C C4    . DG C 4  ? 4.98328 2.21126 3.98813 -0.42289 1.47289  -0.00637 4  DG G C4    
627 P P     . DC C 5  ? 5.81771 2.89136 4.41748 -0.28912 1.32894  -0.08412 5  DC G P     
628 O OP1   . DC C 5  ? 5.96576 2.94930 4.42807 -0.26965 1.37531  -0.06362 5  DC G OP1   
629 O OP2   . DC C 5  ? 5.79509 2.94032 4.49998 -0.26610 1.20095  -0.12178 5  DC G OP2   
630 O "O5'" . DC C 5  ? 5.65137 2.66104 4.37828 -0.30531 1.41099  0.02789  5  DC G "O5'" 
631 C "C5'" . DC C 5  ? 5.63742 2.53995 4.30385 -0.31366 1.53191  0.10671  5  DC G "C5'" 
632 C "C4'" . DC C 5  ? 5.59156 2.39678 4.37232 -0.29156 1.55433  0.22547  5  DC G "C4'" 
633 O "O4'" . DC C 5  ? 5.40943 2.23352 4.34922 -0.31058 1.56753  0.27720  5  DC G "O4'" 
634 C "C3'" . DC C 5  ? 5.67260 2.46641 4.50660 -0.24908 1.45614  0.23278  5  DC G "C3'" 
635 O "O3'" . DC C 5  ? 5.70069 2.37416 4.54056 -0.22675 1.50922  0.33274  5  DC G "O3'" 
636 C "C2'" . DC C 5  ? 5.55811 2.42189 4.57079 -0.25082 1.37879  0.23570  5  DC G "C2'" 
637 C "C1'" . DC C 5  ? 5.38699 2.23993 4.47047 -0.28681 1.46875  0.29108  5  DC G "C1'" 
638 N N1    . DC C 5  ? 5.28329 2.24729 4.46177 -0.31084 1.41795  0.23751  5  DC G N1    
639 C C2    . DC C 5  ? 5.11349 2.07495 4.44450 -0.32739 1.44426  0.30481  5  DC G C2    
640 O O2    . DC C 5  ? 5.07872 1.95472 4.46802 -0.32002 1.50495  0.40818  5  DC G O2    
641 N N3    . DC C 5  ? 5.02656 2.09098 4.43873 -0.34942 1.39751  0.25224  5  DC G N3    
642 C C4    . DC C 5  ? 5.09779 2.26322 4.44450 -0.35494 1.32851  0.13921  5  DC G C4    
643 N N4    . DC C 5  ? 5.01842 2.28317 4.44865 -0.37642 1.28420  0.09084  5  DC G N4    
644 C C5    . DC C 5  ? 5.25865 2.42807 4.45136 -0.33833 1.30130  0.07076  5  DC G C5    
645 C C6    . DC C 5  ? 5.34567 2.41349 4.45894 -0.31713 1.34804  0.12259  5  DC G C6    
646 P P     . DG C 6  ? 5.88041 2.51441 4.76659 -0.18048 1.42669  0.36075  6  DG G P     
647 O OP1   . DG C 6  ? 5.92834 2.43759 4.74493 -0.16385 1.50629  0.44031  6  DG G OP1   
648 O OP2   . DG C 6  ? 6.03258 2.75542 4.86669 -0.16544 1.31615  0.25225  6  DG G OP2   
649 O "O5'" . DG C 6  ? 5.67079 2.31280 4.76234 -0.17733 1.38860  0.42754  6  DG G "O5'" 
650 C "C5'" . DG C 6  ? 5.52590 2.11866 4.70259 -0.19944 1.47823  0.51689  6  DG G "C5'" 
651 C "C4'" . DG C 6  ? 5.38680 2.05821 4.76298 -0.19418 1.40465  0.54750  6  DG G "C4'" 
652 O "O4'" . DG C 6  ? 5.32343 2.06638 4.73459 -0.22477 1.37794  0.47895  6  DG G "O4'" 
653 C "C3'" . DG C 6  ? 5.39466 2.02335 4.83874 -0.15814 1.31087  0.55927  6  DG G "C3'" 
654 O "O3'" . DG C 6  ? 5.32647 2.03605 4.94137 -0.14302 1.27007  0.63514  6  DG G "O3'" 
655 C "C2'" . DG C 6  ? 5.41112 2.16986 4.88705 -0.16403 1.20438  0.45397  6  DG G "C2'" 
656 C "C1'" . DG C 6  ? 5.29688 2.10096 4.82564 -0.20571 1.26118  0.45501  6  DG G "C1'" 
657 N N9    . DG C 6  ? 5.30299 2.23249 4.82522 -0.22485 1.19740  0.34785  6  DG G N9    
658 C C8    . DG C 6  ? 5.41705 2.41561 4.82058 -0.22060 1.14008  0.23911  6  DG G C8    
659 N N7    . DG C 6  ? 5.38229 2.49084 4.81417 -0.24146 1.09105  0.16070  6  DG G N7    
660 C C5    . DG C 6  ? 5.24191 2.35391 4.82048 -0.26072 1.11765  0.22114  6  DG G C5    
661 C C6    . DG C 6  ? 5.15520 2.36252 4.82581 -0.28733 1.08822  0.18210  6  DG G C6    
662 O O6    . DG C 6  ? 5.17804 2.48936 4.81796 -0.29942 1.03076  0.08317  6  DG G O6    
663 N N1    . DG C 6  ? 5.00761 2.18012 4.81962 -0.30001 1.13291  0.27200  6  DG G N1    
664 C C2    . DG C 6  ? 4.97235 2.03280 4.83066 -0.28840 1.19767  0.38538  6  DG G C2    
665 N N2    . DG C 6  ? 4.87352 1.97104 4.87235 -0.29754 1.21234  0.45226  6  DG G N2    
666 N N3    . DG C 6  ? 5.05467 2.02581 4.82806 -0.26340 1.22542  0.42279  6  DG G N3    
667 C C4    . DG C 6  ? 5.19027 2.19311 4.82570 -0.25083 1.18280  0.33622  6  DG G C4    
668 P P     . DA C 7  ? 5.32736 2.04722 4.95672 -0.11812 1.29108  0.71606  7  DA G P     
669 O OP1   . DA C 7  ? 5.34720 2.09143 4.89225 -0.13490 1.38647  0.72327  7  DA G OP1   
670 O OP2   . DA C 7  ? 5.41871 2.04227 4.99496 -0.08371 1.25075  0.72047  7  DA G OP2   
671 O "O5'" . DA C 7  ? 5.22992 2.05350 5.04855 -0.11515 1.23396  0.77347  7  DA G "O5'" 
672 C "C5'" . DA C 7  ? 5.16217 2.08261 5.03847 -0.13474 1.27478  0.80058  7  DA G "C5'" 
673 C "C4'" . DA C 7  ? 5.07197 2.07838 5.10724 -0.14215 1.20938  0.81702  7  DA G "C4'" 
674 O "O4'" . DA C 7  ? 5.06839 2.07928 5.12167 -0.16028 1.18133  0.75713  7  DA G "O4'" 
675 C "C3'" . DA C 7  ? 5.06010 2.06323 5.19455 -0.11723 1.12446  0.85967  7  DA G "C3'" 
676 O "O3'" . DA C 7  ? 4.97667 2.07239 5.23365 -0.12631 1.09600  0.89249  7  DA G "O3'" 
677 C "C2'" . DA C 7  ? 5.09386 2.04548 5.23588 -0.10997 1.05944  0.81006  7  DA G "C2'" 
678 C "C1'" . DA C 7  ? 5.07166 2.06108 5.20540 -0.14221 1.08822  0.75323  7  DA G "C1'" 
679 N N9    . DA C 7  ? 5.14005 2.05438 5.19573 -0.14441 1.07703  0.67946  7  DA G N9    
680 C C8    . DA C 7  ? 5.23292 2.03806 5.16289 -0.12562 1.08613  0.65178  7  DA G C8    
681 N N7    . DA C 7  ? 5.27306 2.04491 5.13785 -0.13288 1.06327  0.56627  7  DA G N7    
682 C C5    . DA C 7  ? 5.20835 2.06218 5.17267 -0.16027 1.04561  0.54230  7  DA G C5    
683 C C6    . DA C 7  ? 5.19828 2.17280 5.16213 -0.17636 0.97877  0.43963  7  DA G C6    
684 N N6    . DA C 7  ? 5.34227 2.37909 5.19683 -0.16666 0.91419  0.33727  7  DA G N6    
685 N N1    . DA C 7  ? 5.09783 2.12730 5.17920 -0.20283 0.98077  0.44658  7  DA G N1    
686 C C2    . DA C 7  ? 5.05636 2.08376 5.24254 -0.20883 1.02255  0.53840  7  DA G C2    
687 N N3    . DA C 7  ? 5.05493 2.08761 5.24475 -0.18963 1.04225  0.61476  7  DA G N3    
688 C C4    . DA C 7  ? 5.12618 2.06154 5.20721 -0.16697 1.05715  0.61538  7  DA G C4    
689 P P     . DG C 8  ? 4.90023 2.01543 5.27856 -0.11068 0.99836  0.92171  8  DG G P     
690 O OP1   . DG C 8  ? 4.84727 2.04478 5.30242 -0.11948 1.00377  0.96294  8  DG G OP1   
691 O OP2   . DG C 8  ? 4.98764 2.02274 5.33287 -0.08098 0.96085  0.93851  8  DG G OP2   
692 O "O5'" . DG C 8  ? 4.87378 2.00681 5.31010 -0.12177 0.94436  0.86885  8  DG G "O5'" 
693 C "C5'" . DG C 8  ? 4.82129 2.03033 5.29752 -0.15029 0.96738  0.84480  8  DG G "C5'" 
694 C "C4'" . DG C 8  ? 4.80834 2.03416 5.35803 -0.15611 0.89883  0.79897  8  DG G "C4'" 
695 O "O4'" . DG C 8  ? 4.88071 2.03406 5.35107 -0.15639 0.90453  0.73693  8  DG G "O4'" 
696 C "C3'" . DG C 8  ? 4.80553 2.03163 5.45049 -0.13289 0.80184  0.81951  8  DG G "C3'" 
697 O "O3'" . DG C 8  ? 4.73086 2.03053 5.47817 -0.14647 0.75585  0.79984  8  DG G "O3'" 
698 C "C2'" . DG C 8  ? 4.89689 2.03250 5.49244 -0.11162 0.76416  0.78030  8  DG G "C2'" 
699 C "C1'" . DG C 8  ? 4.91121 2.03864 5.44494 -0.13672 0.81290  0.71431  8  DG G "C1'" 
700 N N9    . DG C 8  ? 5.01115 2.04081 5.44758 -0.12396 0.81372  0.65995  8  DG G N9    
701 C C8    . DG C 8  ? 5.09251 2.03218 5.42901 -0.09893 0.83178  0.67307  8  DG G C8    
702 N N7    . DG C 8  ? 5.16963 2.02564 5.41551 -0.09112 0.82851  0.60469  8  DG G N7    
703 C C5    . DG C 8  ? 5.12237 2.08829 5.40838 -0.11341 0.78014  0.52739  8  DG G C5    
704 C C6    . DG C 8  ? 5.22365 2.29141 5.43093 -0.11607 0.70897  0.40656  8  DG G C6    
705 O O6    . DG C 8  ? 5.38763 2.46710 5.46931 -0.09884 0.67375  0.34097  8  DG G O6    
706 N N1    . DG C 8  ? 5.15318 2.31712 5.44305 -0.14200 0.67831  0.36256  8  DG G N1    
707 C C2    . DG C 8  ? 5.00325 2.16488 5.43296 -0.16272 0.71211  0.42661  8  DG G C2    
708 N N2    . DG C 8  ? 4.93985 2.20191 5.43251 -0.18622 0.67475  0.37005  8  DG G N2    
709 N N3    . DG C 8  ? 4.99245 2.07197 5.49281 -0.16015 0.77376  0.53657  8  DG G N3    
710 C C4    . DG C 8  ? 5.04568 2.05251 5.46399 -0.13469 0.79630  0.57681  8  DG G C4    
711 P P     . DG C 9  ? 4.70905 2.06606 5.56550 -0.13602 0.69369  0.84178  9  DG G P     
712 O OP1   . DG C 9  ? 4.66093 2.09365 5.54013 -0.15566 0.74441  0.86999  9  DG G OP1   
713 O OP2   . DG C 9  ? 4.80094 2.09871 5.64496 -0.10535 0.65436  0.87627  9  DG G OP2   
714 O "O5'" . DG C 9  ? 4.69396 2.08738 5.64007 -0.13879 0.61843  0.79311  9  DG G "O5'" 
715 C "C5'" . DG C 9  ? 4.65953 2.09665 5.61793 -0.16661 0.63930  0.74251  9  DG G "C5'" 
716 C "C4'" . DG C 9  ? 4.67499 2.08257 5.65348 -0.16140 0.57883  0.67482  9  DG G "C4'" 
717 O "O4'" . DG C 9  ? 4.76104 2.07310 5.63555 -0.15052 0.60529  0.65094  9  DG G "O4'" 
718 C "C3'" . DG C 9  ? 4.66557 2.08076 5.73533 -0.13387 0.47511  0.67469  9  DG G "C3'" 
719 O "O3'" . DG C 9  ? 4.57603 2.07564 5.74988 -0.14691 0.42609  0.64286  9  DG G "O3'" 
720 C "C2'" . DG C 9  ? 4.75271 2.08327 5.77863 -0.11166 0.43567  0.62789  9  DG G "C2'" 
721 C "C1'" . DG C 9  ? 4.80113 2.08138 5.71170 -0.13210 0.52486  0.59689  9  DG G "C1'" 
722 N N9    . DG C 9  ? 4.91332 2.08890 5.72513 -0.10824 0.53601  0.58579  9  DG G N9    
723 C C8    . DG C 9  ? 4.97486 2.09470 5.72037 -0.08715 0.56353  0.64498  9  DG G C8    
724 N N7    . DG C 9  ? 5.06883 2.09544 5.72513 -0.06650 0.56815  0.61606  9  DG G N7    
725 C C5    . DG C 9  ? 5.05891 2.14928 5.68760 -0.07455 0.51694  0.51153  9  DG G C5    
726 C C6    . DG C 9  ? 5.19736 2.33167 5.68928 -0.06035 0.46432  0.41400  9  DG G C6    
727 O O6    . DG C 9  ? 5.31808 2.39938 5.70039 -0.03678 0.46776  0.41011  9  DG G O6    
728 N N1    . DG C 9  ? 5.23381 2.48675 5.72288 -0.07631 0.40294  0.31340  9  DG G N1    
729 C C2    . DG C 9  ? 5.10340 2.42347 5.70722 -0.10252 0.39353  0.30754  9  DG G C2    
730 N N2    . DG C 9  ? 5.17414 2.60719 5.75629 -0.11454 0.33085  0.20368  9  DG G N2    
731 N N3    . DG C 9  ? 4.94193 2.22162 5.67352 -0.11598 0.44214  0.39752  9  DG G N3    
732 C C4    . DG C 9  ? 4.97225 2.13730 5.70881 -0.10087 0.50208  0.49631  9  DG G C4    
733 P P     . DT C 10 ? 4.79797 2.33085 6.08039 -0.12148 0.31472  0.63174  10 DT G P     
734 O OP1   . DT C 10 ? 4.73113 2.36753 6.11207 -0.13888 0.29497  0.62735  10 DT G OP1   
735 O OP2   . DT C 10 ? 4.85771 2.34299 6.12009 -0.09023 0.29647  0.68618  10 DT G OP2   
736 O "O5'" . DT C 10 ? 4.83569 2.33350 6.12128 -0.11329 0.25181  0.54851  10 DT G "O5'" 
737 C "C5'" . DT C 10 ? 4.78500 2.34990 6.14383 -0.13212 0.20561  0.47797  10 DT G "C5'" 
738 C "C4'" . DT C 10 ? 4.81564 2.34110 6.15167 -0.12460 0.15012  0.38753  10 DT G "C4'" 
739 O "O4'" . DT C 10 ? 4.91600 2.37894 6.09247 -0.11657 0.21077  0.38491  10 DT G "O4'" 
740 C "C3'" . DT C 10 ? 4.79325 2.34651 6.17084 -0.08741 0.02191  0.35396  10 DT G "C3'" 
741 O "O3'" . DT C 10 ? 4.70089 2.35187 6.18701 -0.09488 -0.06108 0.30596  10 DT G "O3'" 
742 C "C2'" . DT C 10 ? 4.86755 2.44431 6.07224 -0.07348 -0.00274 0.26448  10 DT G "C2'" 
743 C "C1'" . DT C 10 ? 4.95009 2.45907 6.03178 -0.09231 0.12522  0.29522  10 DT G "C1'" 
744 N N1    . DT C 10 ? 5.07276 2.48671 6.05849 -0.06359 0.14864  0.33205  10 DT G N1    
745 C C2    . DT C 10 ? 5.28159 2.72002 6.12639 -0.04603 0.10723  0.25036  10 DT G C2    
746 O O2    . DT C 10 ? 5.35472 2.88955 6.14763 -0.05256 0.05161  0.14853  10 DT G O2    
747 N N3    . DT C 10 ? 5.39082 2.73626 6.15707 -0.02026 0.13365  0.29284  10 DT G N3    
748 C C4    . DT C 10 ? 5.29309 2.52637 6.10650 -0.01049 0.19608  0.40635  10 DT G C4    
749 O O4    . DT C 10 ? 5.38168 2.53716 6.11667 0.01315  0.21557  0.43636  10 DT G O4    
750 C C5    . DT C 10 ? 5.16906 2.38329 6.13091 -0.02990 0.23677  0.48758  10 DT G C5    
751 C C7    . DT C 10 ? 5.19425 2.34890 6.17094 -0.02208 0.29183  0.59715  10 DT G C7    
752 C C6    . DT C 10 ? 5.08928 2.39348 6.12919 -0.05527 0.21150  0.44703  10 DT G C6    
753 P P     . DG C 11 ? 4.46730 2.14314 6.07101 -0.06186 -0.18379 0.31238  11 DG G P     
754 O OP1   . DG C 11 ? 4.40328 2.19191 6.11007 -0.08037 -0.22524 0.28566  11 DG G OP1   
755 O OP2   . DG C 11 ? 4.53255 2.16712 6.11585 -0.03768 -0.15143 0.40541  11 DG G OP2   
756 O "O5'" . DG C 11 ? 4.49433 2.21375 5.99025 -0.03472 -0.27708 0.21059  11 DG G "O5'" 
757 C "C5'" . DG C 11 ? 4.49830 2.31749 5.90173 -0.05109 -0.29941 0.09833  11 DG G "C5'" 
758 C "C4'" . DG C 11 ? 4.65691 2.48309 5.90839 -0.02604 -0.34104 0.02602  11 DG G "C4'" 
759 O "O4'" . DG C 11 ? 4.76569 2.48796 5.91562 -0.01950 -0.25337 0.08162  11 DG G "O4'" 
760 C "C3'" . DG C 11 ? 4.64203 2.48343 5.93158 0.01466  -0.46539 0.00128  11 DG G "C3'" 
761 O "O3'" . DG C 11 ? 4.70598 2.64474 5.91024 0.02013  -0.54185 -0.11762 11 DG G "O3'" 
762 C "C2'" . DG C 11 ? 4.72865 2.45885 5.95228 0.04276  -0.43420 0.06272  11 DG G "C2'" 
763 C "C1'" . DG C 11 ? 4.84993 2.54351 5.93723 0.01891  -0.31667 0.06379  11 DG G "C1'" 
764 N N9    . DG C 11 ? 4.90396 2.47464 5.95105 0.03134  -0.23946 0.15391  11 DG G N9    
765 C C8    . DG C 11 ? 4.80737 2.29196 5.94537 0.02399  -0.16571 0.26763  11 DG G C8    
766 N N7    . DG C 11 ? 4.88034 2.26346 5.95134 0.03915  -0.10710 0.32828  11 DG G N7    
767 C C5    . DG C 11 ? 5.04934 2.45210 5.97532 0.05748  -0.14400 0.24954  11 DG G C5    
768 C C6    . DG C 11 ? 5.18546 2.51032 5.98702 0.07898  -0.11089 0.26489  11 DG G C6    
769 O O6    . DG C 11 ? 5.17810 2.39753 5.97288 0.08655  -0.04003 0.35428  11 DG G O6    
770 N N1    . DG C 11 ? 5.33437 2.71549 6.00976 0.09251  -0.16957 0.16249  11 DG G N1    
771 C C2    . DG C 11 ? 5.34860 2.84673 6.01894 0.08624  -0.24995 0.05892  11 DG G C2    
772 N N2    . DG C 11 ? 5.49917 3.03705 6.03802 0.10162  -0.29766 -0.03030 11 DG G N2    
773 N N3    . DG C 11 ? 5.20197 2.77368 5.98796 0.06642  -0.28156 0.04363  11 DG G N3    
774 C C4    . DG C 11 ? 5.06302 2.58110 5.97258 0.05288  -0.22545 0.14197  11 DG G C4    
775 P P     . DC C 12 ? 4.50986 2.50100 5.75799 0.05664  -0.68568 -0.17084 12 DC G P     
776 O OP1   . DC C 12 ? 4.50353 2.62053 5.72863 0.04393  -0.74891 -0.28268 12 DC G OP1   
777 O OP2   . DC C 12 ? 4.37992 2.32443 5.79006 0.07227  -0.72083 -0.08484 12 DC G OP2   
778 O "O5'" . DC C 12 ? 4.65798 2.59545 5.76559 0.08870  -0.69686 -0.18819 12 DC G "O5'" 
779 C "C5'" . DC C 12 ? 4.80262 2.73875 5.74118 0.07696  -0.63316 -0.23626 12 DC G "C5'" 
780 C "C4'" . DC C 12 ? 4.92102 2.79859 5.75065 0.11202  -0.65401 -0.24061 12 DC G "C4'" 
781 O "O4'" . DC C 12 ? 4.97153 2.72664 5.78772 0.11429  -0.55880 -0.13789 12 DC G "O4'" 
782 C "C3'" . DC C 12 ? 4.86016 2.74572 5.75572 0.15232  -0.77519 -0.24896 12 DC G "C3'" 
783 O "O3'" . DC C 12 ? 4.96853 2.87445 5.73166 0.17706  -0.82764 -0.32463 12 DC G "O3'" 
784 C "C2'" . DC C 12 ? 4.81755 2.58489 5.78944 0.16852  -0.73724 -0.12846 12 DC G "C2'" 
785 C "C1'" . DC C 12 ? 4.95125 2.64287 5.80611 0.15282  -0.61300 -0.09086 12 DC G "C1'" 
786 N N1    . DC C 12 ? 4.90109 2.48127 5.83068 0.15117  -0.53297 0.03472  12 DC G N1    
787 C C2    . DC C 12 ? 4.99747 2.47596 5.83933 0.16781  -0.47513 0.08668  12 DC G C2    
788 O O2    . DC C 12 ? 5.13535 2.61905 5.83801 0.18271  -0.49040 0.02628  12 DC G O2    
789 N N3    . DC C 12 ? 4.92786 2.30586 5.83838 0.16666  -0.40274 0.20128  12 DC G N3    
790 C C4    . DC C 12 ? 4.77936 2.15686 5.84045 0.14993  -0.38874 0.26296  12 DC G C4    
791 N N4    . DC C 12 ? 4.70536 1.98253 5.82973 0.14971  -0.31690 0.37623  12 DC G N4    
792 C C5    . DC C 12 ? 4.69815 2.17848 5.85131 0.13288  -0.44807 0.21107  12 DC G C5    
793 C C6    . DC C 12 ? 4.75909 2.33764 5.84249 0.13438  -0.51886 0.09784  12 DC G C6    
794 P P     . DT C 13 ? 4.71329 2.66299 5.51332 0.21645  -0.96870 -0.37336 13 DT G P     
795 O OP1   . DT C 13 ? 4.64614 2.72150 5.47899 0.20381  -1.04162 -0.46512 13 DT G OP1   
796 O OP2   . DT C 13 ? 4.61775 2.48982 5.54213 0.24011  -0.99305 -0.27831 13 DT G OP2   
797 O "O5'" . DT C 13 ? 4.87072 2.80034 5.49904 0.24093  -0.97985 -0.42578 13 DT G "O5'" 
798 C "C5'" . DT C 13 ? 4.98333 2.82605 5.49968 0.23534  -0.87535 -0.38348 13 DT G "C5'" 
799 C "C4'" . DT C 13 ? 5.02213 2.75952 5.54284 0.27069  -0.88173 -0.31007 13 DT G "C4'" 
800 O "O4'" . DT C 13 ? 4.93322 2.58004 5.54807 0.26012  -0.80193 -0.19330 13 DT G "O4'" 
801 C "C3'" . DT C 13 ? 4.97152 2.72856 5.57287 0.30801  -1.00763 -0.32227 13 DT G "C3'" 
802 O "O3'" . DT C 13 ? 5.15781 2.92370 5.63433 0.33712  -1.06210 -0.38746 13 DT G "O3'" 
803 C "C2'" . DT C 13 ? 4.85410 2.50485 5.56800 0.32243  -0.98364 -0.20048 13 DT G "C2'" 
804 C "C1'" . DT C 13 ? 4.87684 2.45082 5.55286 0.29494  -0.84458 -0.12902 13 DT G "C1'" 
805 N N1    . DT C 13 ? 4.72629 2.23902 5.55022 0.28387  -0.79763 -0.01905 13 DT G N1    
806 C C2    . DT C 13 ? 4.72673 2.12180 5.54985 0.29286  -0.72524 0.08047  13 DT G C2    
807 O O2    . DT C 13 ? 4.84860 2.18494 5.55512 0.30990  -0.69711 0.08386  13 DT G O2    
808 N N3    . DT C 13 ? 4.55465 1.90301 5.51936 0.28132  -0.68684 0.17685  13 DT G N3    
809 C C4    . DT C 13 ? 4.45061 1.85642 5.55439 0.26190  -0.71266 0.18342  13 DT G C4    
810 O O4    . DT C 13 ? 4.31581 1.67238 5.54105 0.25262  -0.67385 0.27441  13 DT G O4    
811 C C5    . DT C 13 ? 4.47722 2.00542 5.57378 0.25336  -0.78858 0.07600  13 DT G C5    
812 C C7    . DT C 13 ? 4.34268 1.94136 5.58360 0.23270  -0.82260 0.07315  13 DT G C7    
813 C C6    . DT C 13 ? 4.61361 2.18921 5.57217 0.26464  -0.82696 -0.01899 13 DT G C6    
814 P P     . DG C 14 ? 4.33323 2.10408 4.85668 0.38177  -1.18801 -0.40217 14 DG G P     
815 O OP1   . DG C 14 ? 4.35827 2.18842 4.74296 0.39813  -1.24572 -0.50776 14 DG G OP1   
816 O OP2   . DG C 14 ? 4.23915 2.05610 4.93093 0.38075  -1.25720 -0.38720 14 DG G OP2   
817 O "O5'" . DG C 14 ? 4.43496 2.07283 4.96127 0.40569  -1.14508 -0.29921 14 DG G "O5'" 
818 C "C5'" . DG C 14 ? 4.52921 2.09395 4.92368 0.40185  -1.04991 -0.27608 14 DG G "C5'" 
819 C "C4'" . DG C 14 ? 4.60208 2.04057 5.04626 0.41559  -0.99508 -0.15699 14 DG G "C4'" 
820 O "O4'" . DG C 14 ? 4.54912 1.96425 5.13167 0.39118  -0.94350 -0.07624 14 DG G "O4'" 
821 C "C3'" . DG C 14 ? 4.63786 2.03648 5.13538 0.45886  -1.08507 -0.12998 14 DG G "C3'" 
822 O "O3'" . DG C 14 ? 4.75025 2.05205 5.15316 0.47968  -1.04057 -0.08813 14 DG G "O3'" 
823 C "C2'" . DG C 14 ? 4.58760 1.95505 5.26845 0.45477  -1.08996 -0.03977 14 DG G "C2'" 
824 C "C1'" . DG C 14 ? 4.57731 1.91438 5.26644 0.41528  -0.96566 0.01383  14 DG G "C1'" 
825 N N9    . DG C 14 ? 4.49611 1.84436 5.34920 0.39572  -0.95987 0.06997  14 DG G N9    
826 C C8    . DG C 14 ? 4.38822 1.83566 5.32407 0.37795  -1.01177 0.01956  14 DG G C8    
827 N N7    . DG C 14 ? 4.33513 1.76584 5.41596 0.36246  -0.99014 0.09175  14 DG G N7    
828 C C5    . DG C 14 ? 4.41308 1.72627 5.50785 0.37049  -0.91913 0.19704  14 DG G C5    
829 C C6    . DG C 14 ? 4.40407 1.64917 5.62884 0.36099  -0.86767 0.30779  14 DG G C6    
830 O O6    . DG C 14 ? 4.31951 1.61536 5.66671 0.34035  -0.86757 0.33343  14 DG G O6    
831 N N1    . DG C 14 ? 4.50306 1.63401 5.69066 0.37492  -0.80175 0.39102  14 DG G N1    
832 C C2    . DG C 14 ? 4.59872 1.68532 5.64220 0.39560  -0.78802 0.36945  14 DG G C2    
833 N N2    . DG C 14 ? 4.68640 1.66016 5.71563 0.40714  -0.72173 0.46028  14 DG G N2    
834 N N3    . DG C 14 ? 4.60791 1.75729 5.52916 0.40447  -0.83591 0.26601  14 DG G N3    
835 C C4    . DG C 14 ? 4.51248 1.77393 5.46758 0.39102  -0.89977 0.18454  14 DG G C4    
836 P P     . DT C 15 ? 4.80999 2.05856 5.23187 0.52665  -1.12245 -0.06309 15 DT G P     
837 O OP1   . DT C 15 ? 4.91592 2.10937 5.17961 0.54372  -1.08721 -0.07675 15 DT G OP1   
838 O OP2   . DT C 15 ? 4.73686 2.07572 5.22698 0.54293  -1.25122 -0.13016 15 DT G OP2   
839 O "O5'" . DT C 15 ? 4.82382 1.97512 5.38475 0.52864  -1.08065 0.06778  15 DT G "O5'" 
840 C "C5'" . DT C 15 ? 4.87262 1.93812 5.41596 0.50848  -0.95498 0.15097  15 DT G "C5'" 
841 C "C4'" . DT C 15 ? 4.88570 1.86407 5.56752 0.51773  -0.93900 0.26961  15 DT G "C4'" 
842 O "O4'" . DT C 15 ? 4.78893 1.80739 5.61438 0.49119  -0.93480 0.29799  15 DT G "O4'" 
843 C "C3'" . DT C 15 ? 4.90858 1.86300 5.64961 0.55937  -1.04234 0.28464  15 DT G "C3'" 
844 O "O3'" . DT C 15 ? 4.98819 1.82425 5.75506 0.57523  -0.99309 0.39017  15 DT G "O3'" 
845 C "C2'" . DT C 15 ? 4.80283 1.82202 5.70556 0.55291  -1.11599 0.28390  15 DT G "C2'" 
846 C "C1'" . DT C 15 ? 4.76140 1.76728 5.72741 0.51305  -1.01456 0.34230  15 DT G "C1'" 
847 N N1    . DT C 15 ? 4.64422 1.73743 5.73505 0.49130  -1.05630 0.31999  15 DT G N1    
848 C C2    . DT C 15 ? 4.59127 1.73367 5.78260 0.46176  -0.98230 0.39901  15 DT G C2    
849 O O2    . DT C 15 ? 4.64047 1.74230 5.82596 0.45654  -0.89138 0.48501  15 DT G O2    
850 N N3    . DT C 15 ? 4.48160 1.72263 5.77184 0.44007  -1.01938 0.36964  15 DT G N3    
851 C C4    . DT C 15 ? 4.41884 1.71547 5.72070 0.44461  -1.11972 0.27136  15 DT G C4    
852 O O4    . DT C 15 ? 4.31985 1.70614 5.71527 0.42346  -1.14487 0.25312  15 DT G O4    
853 C C5    . DT C 15 ? 4.47163 1.75812 5.64206 0.46988  -1.17619 0.18389  15 DT G C5    
854 C C7    . DT C 15 ? 4.40092 1.81042 5.53730 0.46750  -1.26037 0.06407  15 DT G C7    
855 C C6    . DT C 15 ? 4.57736 1.78259 5.64046 0.48849  -1.13456 0.20999  15 DT G C6    
# 
